data_9UD3
#
_entry.id   9UD3
#
_cell.length_a   1.00
_cell.length_b   1.00
_cell.length_c   1.00
_cell.angle_alpha   90.00
_cell.angle_beta   90.00
_cell.angle_gamma   90.00
#
_symmetry.space_group_name_H-M   'P 1'
#
loop_
_entity.id
_entity.type
_entity.pdbx_description
1 polymer 'Na(+)-translocating NADH-quinone reductase subunit A'
2 polymer 'Na(+)-translocating NADH-quinone reductase subunit B'
3 polymer 'Na(+)-translocating NADH-quinone reductase subunit C'
4 polymer 'Na(+)-translocating NADH-quinone reductase subunit D'
5 polymer 'Na(+)-translocating NADH-quinone reductase subunit E'
6 polymer 'Na(+)-translocating NADH-quinone reductase subunit F'
7 non-polymer RIBOFLAVIN
8 non-polymer DODECYL-BETA-D-MALTOSIDE
9 non-polymer 'FLAVIN MONONUCLEOTIDE'
10 non-polymer 'CALCIUM ION'
11 non-polymer 'FE2/S2 (INORGANIC) CLUSTER'
12 non-polymer 'FLAVIN-ADENINE DINUCLEOTIDE'
#
loop_
_entity_poly.entity_id
_entity_poly.type
_entity_poly.pdbx_seq_one_letter_code
_entity_poly.pdbx_strand_id
1 'polypeptide(L)'
;MITIKKGLDLPIAGTPSQVISDGKAIKKVALLGEEYVGMRPTMHVRVGDEVKKAQILFEDKKNPGVKFTSPVSGKVVEIN
RGAKRVLQSVVIEVAGDDQVTFDKFEANQLASLNRDAIKTQLVESGLWTAFRTRPFSKVPAIDSTSEAIFVTAMDTNPLA
AEPTVVINEQSEAFVAGLDVLSALTTGKVYVCKKGTSLPRSQQPNVEEHVFDGPHPAGLAGTHMHFLYPVSADHVAWSIN
YQDVIAVGQLFLTGELYTQRVVSLAGPVVNKPRLVRTVMGASLEQLVDSEIMPGEVRIISGSVLSGTKATGPHAYLGRYH
LQVSVLREGRDKELFGWAMPGKNKFSVTRSFLGHLFKGQVYNMTTTTNGSDRSMVPIGNYEKVMPLDMEPTLLLRDLCAG
DSDSAVRLGALELDEEDLALCTFVCPGKYEYGQLLRECLDKIEKEG
;
A
2 'polypeptide(L)'
;MGLKKFLEDIEHHFEPGGKHEKWFALYEAAATLFYTPGLVTKRSSHVRDSVDLKRIMIMVWLAVFPAMFWGMYNAGGQAI
AALNHLYSGDQLAAIVAGNWHYWLTEMLGGTMSSDAGWGSKMLLGATYFLPIYATVFIVGGFWEVLFCMVRKHEVNEGFF
VTSILFALIVPPTLPLWQAALGITFGVVVAKEVFGGTGRNFLNPALAGRAFLFFAYPAQISGDLVWTAADGYSGAYALSQ
WAQGGAGALINNATGQTITWMDAFIGNIPGSIGEVSTLALMIGAAFIVYMGIASWRIIGGVMIGMILLSTLFNVIGSDTN
AMFNMPWHWHLVLGGFAFGMFFMATDPVSASFTNSGKWAYGILIGVMCVLIRVVNPAYPEGMMLAILFANLFAPLFDHVV
VERNIKRRLARYGKQ
;
B
3 'polypeptide(L)'
;MASNNDSIKKTLFVVIALSLVCSIIVSAAAVGLRDKQKENAALDKQSKILQVAGIEAKGSKQIVELFNKSIEPRLVDFNT
GDFVEGDAANYDQRKAAKEASESIKLTAEQDKAKIQRRANVGVVYLVKDGDKTSKVILPVHGNGLWSMMYAFVAVETDGN
TVSGLTYYEQGETPGLGGEVENPAWRAQWVGKKLFDENHKPAIKIVKGGAPQGSEHGVDGLSGATLTSNGVQNTFDFWLG
DMGFGPFLTKVRDGGLN
;
C
4 'polypeptide(L)'
;MSSAKELKKSVLAPVLDNNPIALQVLGVCSALAVTTKLETAFVMTLAVMFVTALSNFFVSLIRNHIPNSVRIIVQMAIIA
SLVIVVDQILKAYLYDISKQLSVFVGLIITNCIVMGRAEAFAMKSEPIPSFIDGIGNGLGYGFVLMTVGFFRELLGSGKL
FGLEVLPLISNGGWYQPNGLMLLAPSAFFLIGFMIWAIRTFKPEQVEAKE
;
D
5 'polypeptide(L)'
;MEHYISLLVKSIFIENMALSFFLGMCTFLAVSKKVKTSFGLGIAVIVVLTISVPVNNLVYNLVLKPDALVEGVDLSFLNF
ITFIGVIAALVQILEMILDRFFPPLYNALGIFLPLITVNCAIFGGVSFMVQRDYSFAESVVYGFGSGVGWMLAIVALAGI
REKMKYSDVPPGLRGLGITFITAGLMALGFMSFSGVQL
;
E
6 'polypeptide(L)'
;MSTIIFGVVMFTLIILALVLVILFAKSKLVPTGDITISINGDPEKAIVTQPGGKLLTALAGAGVFVSSACGGGGSCGQCR
VKIKSGGGDILPTELDHISKGEAREGERLACQVAVKADMDLELPEEIFGVKKWECTVISNDNKATFIKELKLAIPDGESV
PFRAGGYIQIEAPAHHVKYADFDVPEKYRGDWDKFNLFRYESKVDEPIIRAYSMANYPEEFGIIMLNVRIATPPPNNPNV
PPGQMSSYIWSLKAGDKCTISGPFGEFFAKDTDAEMVFIGGGAGMAPMRSHIFDQLKRLKSKRKMSYWYGARSKREMFYV
EDFDGLAAENDNFVWHCALSDPQPEDNWTGYTGFIHNVLYENYLKDHEAPEDCEYYMCGPPMMNAAVINMLKNLGVEEEN
ILLDDFGGHHHHHH
;
F
#
loop_
_chem_comp.id
_chem_comp.type
_chem_comp.name
_chem_comp.formula
CA non-polymer 'CALCIUM ION' 'Ca 2'
FAD non-polymer 'FLAVIN-ADENINE DINUCLEOTIDE' 'C27 H33 N9 O15 P2'
FES non-polymer 'FE2/S2 (INORGANIC) CLUSTER' 'Fe2 S2'
FMN non-polymer 'FLAVIN MONONUCLEOTIDE' 'C17 H21 N4 O9 P'
LMT D-saccharide DODECYL-BETA-D-MALTOSIDE 'C24 H46 O11'
RBF non-polymer RIBOFLAVIN 'C17 H20 N4 O6'
#
# COMPACT_ATOMS: atom_id res chain seq x y z
N MET A 1 -2.97 -38.38 -1.90
CA MET A 1 -2.19 -38.68 -0.70
C MET A 1 -1.10 -39.70 -1.00
N ILE A 2 -1.28 -40.46 -2.08
CA ILE A 2 -0.39 -41.59 -2.33
C ILE A 2 0.80 -41.16 -3.16
N THR A 3 0.70 -40.05 -3.90
CA THR A 3 1.75 -39.64 -4.81
C THR A 3 1.95 -38.14 -4.76
N ILE A 4 3.17 -37.72 -5.15
CA ILE A 4 3.53 -36.31 -5.21
C ILE A 4 4.26 -36.08 -6.53
N LYS A 5 4.12 -34.88 -7.09
CA LYS A 5 4.62 -34.62 -8.43
C LYS A 5 5.36 -33.28 -8.49
N LYS A 6 5.99 -32.86 -7.39
CA LYS A 6 6.74 -31.62 -7.38
C LYS A 6 7.96 -31.78 -6.47
N GLY A 7 8.84 -30.80 -6.50
CA GLY A 7 10.05 -30.85 -5.69
C GLY A 7 11.13 -31.69 -6.33
N LEU A 8 12.39 -31.28 -6.19
CA LEU A 8 13.51 -31.95 -6.82
C LEU A 8 14.46 -32.44 -5.74
N ASP A 9 14.58 -33.77 -5.62
CA ASP A 9 15.58 -34.35 -4.72
C ASP A 9 16.96 -34.11 -5.30
N LEU A 10 17.85 -33.58 -4.48
CA LEU A 10 19.09 -33.00 -4.98
C LEU A 10 20.03 -34.12 -5.41
N PRO A 11 20.52 -34.12 -6.65
CA PRO A 11 21.50 -35.13 -7.11
C PRO A 11 22.92 -34.82 -6.67
N ILE A 12 23.28 -35.29 -5.48
CA ILE A 12 24.59 -35.01 -4.90
C ILE A 12 25.48 -36.24 -5.04
N ALA A 13 26.77 -36.06 -4.77
CA ALA A 13 27.75 -37.13 -4.86
C ALA A 13 28.05 -37.71 -3.48
N GLY A 14 28.30 -39.03 -3.47
CA GLY A 14 28.70 -39.69 -2.25
C GLY A 14 27.55 -40.29 -1.48
N THR A 15 26.62 -40.93 -2.19
CA THR A 15 25.50 -41.58 -1.53
C THR A 15 25.99 -42.73 -0.66
N PRO A 16 25.35 -42.96 0.48
CA PRO A 16 25.80 -44.03 1.37
C PRO A 16 25.19 -45.39 1.05
N SER A 17 26.01 -46.43 1.09
CA SER A 17 25.55 -47.79 0.89
C SER A 17 24.85 -48.27 2.15
N GLN A 18 23.59 -48.67 2.03
CA GLN A 18 22.77 -48.95 3.20
C GLN A 18 23.16 -50.27 3.84
N VAL A 19 24.32 -50.31 4.48
CA VAL A 19 24.80 -51.47 5.23
C VAL A 19 25.28 -50.98 6.59
N ILE A 20 24.73 -51.56 7.66
CA ILE A 20 25.10 -51.18 9.02
C ILE A 20 26.52 -51.66 9.31
N SER A 21 27.34 -50.76 9.87
CA SER A 21 28.69 -51.12 10.27
C SER A 21 29.04 -50.39 11.56
N ASP A 22 29.99 -50.96 12.30
CA ASP A 22 30.37 -50.37 13.58
C ASP A 22 31.18 -49.09 13.37
N GLY A 23 31.18 -48.24 14.40
CA GLY A 23 31.78 -46.92 14.31
C GLY A 23 32.95 -46.74 15.26
N LYS A 24 33.56 -45.56 15.18
CA LYS A 24 34.77 -45.24 15.92
C LYS A 24 34.48 -45.07 17.41
N ALA A 25 35.53 -44.76 18.18
CA ALA A 25 35.38 -44.51 19.60
C ALA A 25 34.81 -43.11 19.84
N ILE A 26 34.09 -42.96 20.95
CA ILE A 26 33.39 -41.73 21.28
C ILE A 26 33.92 -41.23 22.62
N LYS A 27 34.32 -39.96 22.65
CA LYS A 27 34.90 -39.36 23.85
C LYS A 27 34.01 -38.30 24.48
N LYS A 28 33.60 -37.29 23.71
CA LYS A 28 32.79 -36.19 24.22
C LYS A 28 31.42 -36.22 23.58
N VAL A 29 30.39 -36.18 24.40
CA VAL A 29 29.00 -36.13 23.95
C VAL A 29 28.31 -34.95 24.61
N ALA A 30 27.60 -34.16 23.82
CA ALA A 30 27.04 -32.91 24.31
C ALA A 30 25.58 -32.80 23.92
N LEU A 31 24.88 -31.87 24.58
CA LEU A 31 23.51 -31.53 24.26
C LEU A 31 23.46 -30.06 23.86
N LEU A 32 22.91 -29.80 22.67
CA LEU A 32 22.81 -28.43 22.20
C LEU A 32 21.63 -27.73 22.83
N GLY A 33 21.83 -26.48 23.22
CA GLY A 33 20.81 -25.69 23.88
C GLY A 33 20.14 -24.65 23.01
N GLU A 34 20.40 -24.63 21.71
CA GLU A 34 19.81 -23.63 20.83
C GLU A 34 18.78 -24.19 19.88
N GLU A 35 18.85 -25.47 19.52
CA GLU A 35 17.88 -26.01 18.56
C GLU A 35 16.52 -26.21 19.22
N TYR A 36 16.47 -26.39 20.54
CA TYR A 36 15.20 -26.54 21.22
C TYR A 36 14.45 -25.22 21.24
N VAL A 37 13.53 -25.02 20.30
CA VAL A 37 12.89 -23.73 20.14
C VAL A 37 12.09 -23.36 21.38
N GLY A 38 12.27 -22.13 21.84
CA GLY A 38 11.55 -21.60 22.99
C GLY A 38 12.10 -22.01 24.33
N MET A 39 12.97 -23.01 24.39
CA MET A 39 13.50 -23.46 25.66
C MET A 39 14.49 -22.44 26.22
N ARG A 40 14.38 -22.17 27.51
CA ARG A 40 15.35 -21.34 28.23
C ARG A 40 16.01 -22.16 29.31
N PRO A 41 17.31 -21.98 29.54
CA PRO A 41 18.06 -22.92 30.39
C PRO A 41 17.95 -22.62 31.88
N THR A 42 17.76 -23.70 32.63
CA THR A 42 17.92 -23.68 34.09
C THR A 42 18.61 -24.98 34.46
N MET A 43 19.92 -24.93 34.69
CA MET A 43 20.71 -26.14 34.86
C MET A 43 20.75 -26.56 36.32
N HIS A 44 20.81 -27.87 36.54
CA HIS A 44 20.95 -28.45 37.86
C HIS A 44 22.36 -28.93 38.13
N VAL A 45 23.33 -28.54 37.31
CA VAL A 45 24.69 -29.04 37.40
C VAL A 45 25.66 -27.86 37.38
N ARG A 46 26.87 -28.13 37.86
CA ARG A 46 27.96 -27.17 37.84
C ARG A 46 29.19 -27.85 37.26
N VAL A 47 30.09 -27.03 36.71
CA VAL A 47 31.28 -27.57 36.06
C VAL A 47 32.06 -28.42 37.04
N GLY A 48 32.31 -29.67 36.67
CA GLY A 48 33.04 -30.60 37.50
C GLY A 48 32.19 -31.64 38.20
N ASP A 49 30.87 -31.51 38.18
CA ASP A 49 30.02 -32.49 38.81
C ASP A 49 30.06 -33.81 38.06
N GLU A 50 29.49 -34.84 38.67
CA GLU A 50 29.42 -36.16 38.08
C GLU A 50 27.97 -36.59 37.93
N VAL A 51 27.65 -37.18 36.78
CA VAL A 51 26.28 -37.51 36.42
C VAL A 51 26.20 -38.97 35.96
N LYS A 52 24.98 -39.48 35.95
CA LYS A 52 24.69 -40.83 35.49
C LYS A 52 23.95 -40.76 34.15
N LYS A 53 23.74 -41.93 33.55
CA LYS A 53 22.92 -41.99 32.35
C LYS A 53 21.45 -41.80 32.71
N ALA A 54 20.73 -41.06 31.87
CA ALA A 54 19.31 -40.72 32.01
C ALA A 54 19.03 -39.80 33.19
N GLN A 55 20.04 -39.42 33.97
CA GLN A 55 19.83 -38.47 35.04
C GLN A 55 19.48 -37.10 34.49
N ILE A 56 18.69 -36.34 35.24
CA ILE A 56 18.36 -34.98 34.87
C ILE A 56 19.64 -34.16 34.76
N LEU A 57 19.80 -33.47 33.63
CA LEU A 57 20.96 -32.64 33.37
C LEU A 57 20.62 -31.16 33.44
N PHE A 58 19.58 -30.74 32.75
CA PHE A 58 19.04 -29.39 32.91
C PHE A 58 17.57 -29.42 32.55
N GLU A 59 16.82 -28.45 33.05
CA GLU A 59 15.40 -28.33 32.76
C GLU A 59 15.09 -26.90 32.36
N ASP A 60 14.07 -26.76 31.54
CA ASP A 60 13.68 -25.43 31.06
C ASP A 60 12.73 -24.77 32.04
N LYS A 61 12.84 -23.45 32.15
CA LYS A 61 11.97 -22.69 33.04
C LYS A 61 10.75 -22.12 32.33
N LYS A 62 10.61 -22.36 31.02
CA LYS A 62 9.40 -21.96 30.33
C LYS A 62 8.30 -23.00 30.51
N ASN A 63 8.54 -24.22 30.02
CA ASN A 63 7.59 -25.32 30.19
C ASN A 63 7.69 -25.89 31.61
N PRO A 64 6.59 -26.37 32.16
CA PRO A 64 6.62 -27.00 33.48
C PRO A 64 7.15 -28.43 33.38
N GLY A 65 8.39 -28.61 33.79
CA GLY A 65 9.03 -29.93 33.73
C GLY A 65 9.75 -30.13 32.43
N VAL A 66 9.44 -31.23 31.73
CA VAL A 66 10.09 -31.61 30.48
C VAL A 66 11.59 -31.65 30.69
N LYS A 67 12.02 -32.44 31.66
CA LYS A 67 13.43 -32.47 32.03
C LYS A 67 14.27 -33.07 30.92
N PHE A 68 15.41 -32.44 30.66
CA PHE A 68 16.39 -32.94 29.69
C PHE A 68 17.42 -33.77 30.45
N THR A 69 17.70 -34.97 29.94
CA THR A 69 18.57 -35.91 30.63
C THR A 69 19.87 -36.12 29.86
N SER A 70 20.93 -36.39 30.61
CA SER A 70 22.20 -36.72 29.97
C SER A 70 22.06 -38.05 29.22
N PRO A 71 22.63 -38.15 28.01
CA PRO A 71 22.44 -39.36 27.21
C PRO A 71 23.35 -40.52 27.58
N VAL A 72 24.39 -40.28 28.39
CA VAL A 72 25.29 -41.35 28.80
C VAL A 72 25.97 -40.92 30.09
N SER A 73 26.49 -41.88 30.84
CA SER A 73 27.16 -41.60 32.10
C SER A 73 28.50 -40.92 31.86
N GLY A 74 29.01 -40.28 32.89
CA GLY A 74 30.28 -39.58 32.82
C GLY A 74 30.25 -38.35 33.71
N LYS A 75 31.10 -37.39 33.37
CA LYS A 75 31.24 -36.16 34.13
C LYS A 75 31.11 -34.96 33.20
N VAL A 76 30.62 -33.85 33.75
CA VAL A 76 30.54 -32.61 33.01
C VAL A 76 31.93 -31.99 32.95
N VAL A 77 32.38 -31.64 31.75
CA VAL A 77 33.71 -31.09 31.57
C VAL A 77 33.69 -29.59 31.30
N GLU A 78 32.75 -29.07 30.53
CA GLU A 78 32.69 -27.64 30.25
C GLU A 78 31.26 -27.26 29.90
N ILE A 79 30.97 -25.96 30.02
CA ILE A 79 29.69 -25.41 29.60
C ILE A 79 29.98 -24.20 28.72
N ASN A 80 29.78 -24.35 27.41
CA ASN A 80 30.11 -23.31 26.44
C ASN A 80 28.92 -22.36 26.33
N ARG A 81 28.96 -21.26 27.07
CA ARG A 81 27.98 -20.20 26.91
C ARG A 81 28.23 -19.44 25.63
N GLY A 82 27.22 -18.69 25.19
CA GLY A 82 27.32 -17.86 24.01
C GLY A 82 27.15 -16.38 24.34
N ALA A 83 27.01 -15.60 23.28
CA ALA A 83 26.73 -14.19 23.43
C ALA A 83 25.40 -14.00 24.15
N LYS A 84 25.33 -12.98 25.01
CA LYS A 84 24.18 -12.71 25.86
C LYS A 84 23.84 -13.88 26.76
N ARG A 85 24.85 -14.70 27.08
CA ARG A 85 24.74 -15.81 28.03
C ARG A 85 23.69 -16.84 27.60
N VAL A 86 23.52 -17.04 26.29
CA VAL A 86 22.64 -18.10 25.82
C VAL A 86 23.36 -19.44 25.96
N LEU A 87 22.59 -20.49 26.23
CA LEU A 87 23.16 -21.83 26.40
C LEU A 87 23.40 -22.45 25.03
N GLN A 88 24.65 -22.77 24.72
CA GLN A 88 25.00 -23.33 23.42
C GLN A 88 25.20 -24.84 23.47
N SER A 89 26.04 -25.32 24.37
CA SER A 89 26.30 -26.75 24.44
C SER A 89 26.76 -27.12 25.84
N VAL A 90 26.26 -28.26 26.33
CA VAL A 90 26.68 -28.82 27.60
C VAL A 90 27.45 -30.10 27.29
N VAL A 91 28.79 -30.01 27.31
CA VAL A 91 29.66 -31.10 26.90
C VAL A 91 30.00 -31.93 28.12
N ILE A 92 29.83 -33.25 28.01
CA ILE A 92 30.16 -34.18 29.08
C ILE A 92 31.17 -35.19 28.55
N GLU A 93 31.99 -35.74 29.43
CA GLU A 93 32.99 -36.72 29.05
C GLU A 93 32.57 -38.11 29.50
N VAL A 94 32.71 -39.08 28.61
CA VAL A 94 32.20 -40.42 28.88
C VAL A 94 33.10 -41.11 29.91
N ALA A 95 32.47 -41.67 30.94
CA ALA A 95 33.16 -42.44 31.97
C ALA A 95 32.13 -43.20 32.78
N GLY A 96 32.43 -44.47 33.07
CA GLY A 96 31.57 -45.28 33.91
C GLY A 96 30.31 -45.74 33.21
N ASP A 97 29.47 -46.45 33.96
CA ASP A 97 28.20 -46.92 33.44
C ASP A 97 27.07 -46.76 34.46
N ASP A 98 27.06 -45.65 35.20
CA ASP A 98 25.98 -45.39 36.15
C ASP A 98 24.74 -44.89 35.41
N GLN A 99 23.60 -45.47 35.74
CA GLN A 99 22.35 -45.15 35.05
C GLN A 99 21.20 -45.17 36.04
N VAL A 100 20.07 -44.61 35.60
CA VAL A 100 18.84 -44.59 36.39
C VAL A 100 17.86 -45.58 35.77
N THR A 101 17.27 -46.40 36.63
CA THR A 101 16.41 -47.50 36.21
C THR A 101 14.95 -47.06 36.21
N PHE A 102 14.18 -47.66 35.31
CA PHE A 102 12.75 -47.39 35.19
C PHE A 102 11.99 -48.70 35.11
N ASP A 103 10.69 -48.62 35.34
CA ASP A 103 9.86 -49.81 35.38
C ASP A 103 9.82 -50.50 34.00
N LYS A 104 9.46 -51.77 34.02
CA LYS A 104 9.40 -52.57 32.81
C LYS A 104 8.08 -53.33 32.77
N PHE A 105 7.62 -53.61 31.55
CA PHE A 105 6.37 -54.32 31.33
C PHE A 105 6.61 -55.49 30.40
N GLU A 106 5.53 -56.15 30.01
CA GLU A 106 5.57 -57.27 29.08
C GLU A 106 5.01 -56.87 27.73
N ALA A 107 5.18 -57.76 26.75
CA ALA A 107 4.66 -57.48 25.41
C ALA A 107 3.14 -57.40 25.40
N ASN A 108 2.48 -58.33 26.09
CA ASN A 108 1.02 -58.35 26.11
C ASN A 108 0.45 -57.11 26.79
N GLN A 109 1.08 -56.68 27.88
CA GLN A 109 0.58 -55.52 28.61
C GLN A 109 0.72 -54.24 27.80
N LEU A 110 1.58 -54.24 26.78
CA LEU A 110 2.04 -53.00 26.18
C LEU A 110 0.95 -52.25 25.43
N ALA A 111 -0.20 -52.88 25.18
CA ALA A 111 -1.27 -52.24 24.44
C ALA A 111 -2.36 -51.65 25.32
N SER A 112 -2.44 -52.05 26.59
CA SER A 112 -3.53 -51.64 27.47
C SER A 112 -3.06 -50.98 28.75
N LEU A 113 -1.98 -50.18 28.69
CA LEU A 113 -1.56 -49.45 29.88
C LEU A 113 -2.50 -48.28 30.14
N ASN A 114 -2.23 -47.57 31.22
CA ASN A 114 -2.94 -46.34 31.53
C ASN A 114 -2.18 -45.15 30.95
N ARG A 115 -2.91 -44.23 30.31
CA ARG A 115 -2.29 -43.11 29.63
C ARG A 115 -1.46 -42.25 30.58
N ASP A 116 -2.01 -41.98 31.76
CA ASP A 116 -1.27 -41.18 32.74
C ASP A 116 0.00 -41.88 33.18
N ALA A 117 -0.06 -43.19 33.41
CA ALA A 117 1.13 -43.93 33.79
C ALA A 117 2.19 -43.87 32.70
N ILE A 118 1.76 -44.07 31.44
CA ILE A 118 2.70 -44.01 30.33
C ILE A 118 3.35 -42.64 30.25
N LYS A 119 2.55 -41.58 30.38
CA LYS A 119 3.09 -40.23 30.27
C LYS A 119 4.05 -39.94 31.41
N THR A 120 3.72 -40.38 32.63
CA THR A 120 4.62 -40.16 33.76
C THR A 120 5.95 -40.85 33.54
N GLN A 121 5.91 -42.13 33.16
CA GLN A 121 7.17 -42.85 32.94
C GLN A 121 7.98 -42.21 31.83
N LEU A 122 7.32 -41.82 30.74
CA LEU A 122 8.03 -41.24 29.61
C LEU A 122 8.70 -39.93 29.99
N VAL A 123 7.97 -39.04 30.67
CA VAL A 123 8.53 -37.73 30.99
C VAL A 123 9.61 -37.87 32.06
N GLU A 124 9.48 -38.86 32.95
CA GLU A 124 10.54 -39.07 33.94
C GLU A 124 11.80 -39.60 33.27
N SER A 125 11.65 -40.46 32.26
CA SER A 125 12.82 -40.93 31.53
C SER A 125 13.47 -39.80 30.75
N GLY A 126 12.68 -38.91 30.16
CA GLY A 126 13.22 -37.79 29.42
C GLY A 126 13.15 -37.92 27.92
N LEU A 127 12.55 -39.00 27.39
CA LEU A 127 12.33 -39.12 25.97
C LEU A 127 11.27 -38.16 25.46
N TRP A 128 10.59 -37.45 26.35
CA TRP A 128 9.57 -36.51 25.92
C TRP A 128 10.14 -35.34 25.13
N THR A 129 11.46 -35.15 25.14
CA THR A 129 12.06 -34.11 24.33
C THR A 129 11.98 -34.41 22.84
N ALA A 130 11.53 -35.61 22.47
CA ALA A 130 11.45 -36.00 21.07
C ALA A 130 10.26 -35.34 20.37
N PHE A 131 9.06 -35.52 20.93
CA PHE A 131 7.84 -35.07 20.26
C PHE A 131 7.87 -33.57 20.03
N ARG A 132 7.35 -33.15 18.88
CA ARG A 132 7.26 -31.74 18.54
C ARG A 132 5.86 -31.44 18.01
N THR A 133 5.30 -30.33 18.46
CA THR A 133 3.99 -29.89 18.02
C THR A 133 4.12 -29.22 16.67
N ARG A 134 3.29 -29.65 15.71
CA ARG A 134 3.47 -29.21 14.33
C ARG A 134 3.32 -27.72 14.11
N PRO A 135 2.33 -27.02 14.69
CA PRO A 135 2.22 -25.58 14.44
C PRO A 135 3.40 -24.75 14.93
N PHE A 136 4.22 -25.24 15.87
CA PHE A 136 5.30 -24.39 16.39
C PHE A 136 6.64 -25.08 16.57
N SER A 137 6.75 -26.40 16.44
CA SER A 137 7.98 -27.19 16.55
C SER A 137 8.51 -27.26 17.97
N LYS A 138 7.76 -26.84 18.99
CA LYS A 138 8.24 -26.93 20.35
C LYS A 138 7.83 -28.25 20.98
N VAL A 139 8.62 -28.71 21.94
CA VAL A 139 8.29 -29.94 22.67
C VAL A 139 6.97 -29.73 23.41
N PRO A 140 6.04 -30.68 23.38
CA PRO A 140 4.73 -30.43 23.99
C PRO A 140 4.84 -30.30 25.49
N ALA A 141 3.87 -29.59 26.07
CA ALA A 141 3.84 -29.42 27.51
C ALA A 141 3.65 -30.77 28.20
N ILE A 142 4.02 -30.82 29.48
CA ILE A 142 4.06 -32.08 30.21
C ILE A 142 2.70 -32.76 30.27
N ASP A 143 1.61 -32.00 30.15
CA ASP A 143 0.28 -32.57 30.32
C ASP A 143 -0.56 -32.60 29.05
N SER A 144 -0.12 -31.96 27.97
CA SER A 144 -0.96 -31.85 26.79
C SER A 144 -1.17 -33.22 26.15
N THR A 145 -2.20 -33.31 25.32
CA THR A 145 -2.51 -34.53 24.59
C THR A 145 -3.30 -34.18 23.34
N SER A 146 -2.88 -34.77 22.21
CA SER A 146 -3.55 -34.54 20.94
C SER A 146 -3.75 -35.87 20.24
N GLU A 147 -4.72 -35.91 19.34
CA GLU A 147 -5.22 -37.16 18.79
C GLU A 147 -4.42 -37.67 17.60
N ALA A 148 -3.39 -36.96 17.16
CA ALA A 148 -2.63 -37.35 15.98
C ALA A 148 -1.15 -37.40 16.31
N ILE A 149 -0.58 -38.60 16.35
CA ILE A 149 0.84 -38.80 16.55
C ILE A 149 1.39 -39.43 15.29
N PHE A 150 2.23 -38.69 14.57
CA PHE A 150 2.76 -39.13 13.28
C PHE A 150 4.13 -39.75 13.48
N VAL A 151 4.33 -40.94 12.91
CA VAL A 151 5.60 -41.64 12.96
C VAL A 151 6.21 -41.63 11.56
N THR A 152 7.41 -41.08 11.44
CA THR A 152 8.05 -40.92 10.14
C THR A 152 8.89 -42.17 9.82
N ALA A 153 8.21 -43.16 9.25
CA ALA A 153 8.85 -44.42 8.89
C ALA A 153 9.48 -44.41 7.51
N MET A 154 9.71 -43.22 6.95
CA MET A 154 10.37 -43.08 5.67
C MET A 154 11.39 -41.97 5.77
N ASP A 155 12.27 -41.89 4.78
CA ASP A 155 13.25 -40.82 4.76
C ASP A 155 13.65 -40.55 3.31
N THR A 156 13.40 -39.30 2.86
CA THR A 156 13.79 -38.88 1.53
C THR A 156 14.69 -37.66 1.56
N ASN A 157 15.36 -37.41 2.67
CA ASN A 157 16.37 -36.36 2.68
C ASN A 157 17.53 -36.76 1.78
N PRO A 158 18.25 -35.79 1.22
CA PRO A 158 19.41 -36.14 0.40
C PRO A 158 20.46 -36.89 1.23
N LEU A 159 21.02 -37.94 0.63
CA LEU A 159 22.08 -38.76 1.22
C LEU A 159 21.77 -39.12 2.68
N ALA A 160 20.68 -39.86 2.86
CA ALA A 160 20.23 -40.26 4.18
C ALA A 160 20.00 -41.76 4.24
N ALA A 161 20.04 -42.30 5.45
CA ALA A 161 19.92 -43.73 5.66
C ALA A 161 18.49 -44.20 5.34
N GLU A 162 18.39 -45.45 4.91
CA GLU A 162 17.10 -46.04 4.57
C GLU A 162 16.50 -46.68 5.80
N PRO A 163 15.32 -46.24 6.26
CA PRO A 163 14.76 -46.80 7.50
C PRO A 163 14.38 -48.26 7.38
N THR A 164 14.19 -48.76 6.15
CA THR A 164 13.80 -50.15 5.98
C THR A 164 14.89 -51.11 6.47
N VAL A 165 16.14 -50.68 6.49
CA VAL A 165 17.22 -51.56 6.94
C VAL A 165 17.38 -51.47 8.46
N VAL A 166 17.19 -50.28 9.04
CA VAL A 166 17.36 -50.12 10.48
C VAL A 166 16.18 -50.74 11.22
N ILE A 167 14.96 -50.48 10.77
CA ILE A 167 13.78 -51.02 11.44
C ILE A 167 13.79 -52.54 11.38
N ASN A 168 14.25 -53.09 10.25
CA ASN A 168 14.30 -54.54 10.09
C ASN A 168 15.24 -55.18 11.10
N GLU A 169 16.32 -54.49 11.47
CA GLU A 169 17.26 -55.04 12.42
C GLU A 169 16.63 -55.18 13.81
N GLN A 170 16.02 -54.11 14.30
CA GLN A 170 15.40 -54.14 15.62
C GLN A 170 14.09 -54.90 15.63
N SER A 171 13.40 -54.99 14.49
CA SER A 171 12.19 -55.79 14.33
C SER A 171 11.13 -55.49 15.38
N GLU A 172 10.94 -56.43 16.31
CA GLU A 172 9.82 -56.38 17.26
C GLU A 172 9.88 -55.19 18.20
N ALA A 173 11.05 -54.55 18.35
CA ALA A 173 11.11 -53.34 19.16
C ALA A 173 10.24 -52.23 18.56
N PHE A 174 10.23 -52.13 17.23
CA PHE A 174 9.35 -51.17 16.57
C PHE A 174 7.89 -51.49 16.83
N VAL A 175 7.52 -52.77 16.79
CA VAL A 175 6.15 -53.16 17.07
C VAL A 175 5.77 -52.80 18.49
N ALA A 176 6.68 -53.03 19.43
CA ALA A 176 6.43 -52.66 20.83
C ALA A 176 6.26 -51.15 20.97
N GLY A 177 7.10 -50.38 20.27
CA GLY A 177 6.96 -48.93 20.32
C GLY A 177 5.62 -48.47 19.77
N LEU A 178 5.19 -49.06 18.65
CA LEU A 178 3.89 -48.69 18.10
C LEU A 178 2.76 -49.07 19.04
N ASP A 179 2.85 -50.25 19.65
CA ASP A 179 1.78 -50.68 20.56
C ASP A 179 1.69 -49.75 21.77
N VAL A 180 2.83 -49.34 22.32
CA VAL A 180 2.79 -48.44 23.47
C VAL A 180 2.33 -47.05 23.05
N LEU A 181 2.66 -46.63 21.82
CA LEU A 181 2.18 -45.34 21.34
C LEU A 181 0.69 -45.37 21.09
N SER A 182 0.12 -46.55 20.84
CA SER A 182 -1.29 -46.63 20.48
C SER A 182 -2.20 -46.12 21.59
N ALA A 183 -1.71 -46.04 22.82
CA ALA A 183 -2.54 -45.60 23.93
C ALA A 183 -2.30 -44.16 24.32
N LEU A 184 -1.27 -43.52 23.77
CA LEU A 184 -0.90 -42.14 24.12
C LEU A 184 -1.48 -41.12 23.16
N THR A 185 -2.62 -41.42 22.54
CA THR A 185 -3.15 -40.60 21.46
C THR A 185 -4.47 -39.92 21.79
N THR A 186 -5.47 -40.69 22.23
CA THR A 186 -6.88 -40.30 22.28
C THR A 186 -7.41 -40.22 20.86
N GLY A 187 -6.55 -40.50 19.88
CA GLY A 187 -6.94 -40.53 18.48
C GLY A 187 -6.36 -41.73 17.75
N LYS A 188 -5.63 -41.46 16.68
CA LYS A 188 -5.02 -42.51 15.87
C LYS A 188 -3.54 -42.20 15.67
N VAL A 189 -2.78 -43.25 15.34
CA VAL A 189 -1.36 -43.13 15.02
C VAL A 189 -1.17 -43.41 13.54
N TYR A 190 -0.62 -42.45 12.82
CA TYR A 190 -0.37 -42.58 11.39
C TYR A 190 1.10 -42.84 11.15
N VAL A 191 1.41 -43.94 10.47
CA VAL A 191 2.78 -44.29 10.12
C VAL A 191 2.91 -44.13 8.60
N CYS A 192 3.84 -43.28 8.18
CA CYS A 192 4.04 -43.00 6.77
C CYS A 192 5.20 -43.85 6.26
N LYS A 193 4.89 -44.83 5.42
CA LYS A 193 5.88 -45.79 4.95
C LYS A 193 5.90 -45.82 3.44
N LYS A 194 7.05 -46.22 2.89
CA LYS A 194 7.18 -46.37 1.45
C LYS A 194 6.45 -47.61 0.97
N GLY A 195 6.58 -47.92 -0.32
CA GLY A 195 5.87 -49.05 -0.90
C GLY A 195 6.30 -50.40 -0.38
N THR A 196 7.44 -50.49 0.30
CA THR A 196 7.96 -51.76 0.78
C THR A 196 7.17 -52.22 2.01
N SER A 197 7.63 -53.31 2.61
CA SER A 197 6.96 -53.90 3.76
C SER A 197 7.73 -53.61 5.04
N LEU A 198 7.00 -53.25 6.08
CA LEU A 198 7.54 -52.91 7.39
C LEU A 198 6.85 -53.75 8.46
N PRO A 199 7.49 -53.93 9.61
CA PRO A 199 6.83 -54.65 10.70
C PRO A 199 5.53 -53.98 11.08
N ARG A 200 4.51 -54.79 11.37
CA ARG A 200 3.15 -54.31 11.49
C ARG A 200 2.60 -54.60 12.88
N SER A 201 1.83 -53.65 13.39
CA SER A 201 1.18 -53.77 14.69
C SER A 201 -0.29 -54.13 14.49
N GLN A 202 -0.88 -54.75 15.51
CA GLN A 202 -2.24 -55.25 15.44
C GLN A 202 -3.28 -54.33 16.07
N GLN A 203 -2.88 -53.14 16.52
CA GLN A 203 -3.82 -52.24 17.16
C GLN A 203 -4.63 -51.48 16.12
N PRO A 204 -5.96 -51.52 16.17
CA PRO A 204 -6.75 -50.82 15.15
C PRO A 204 -6.59 -49.32 15.18
N ASN A 205 -6.11 -48.75 16.29
CA ASN A 205 -5.91 -47.30 16.36
C ASN A 205 -4.87 -46.81 15.36
N VAL A 206 -3.85 -47.60 15.07
CA VAL A 206 -2.77 -47.18 14.19
C VAL A 206 -3.16 -47.47 12.75
N GLU A 207 -2.50 -46.78 11.83
CA GLU A 207 -2.79 -46.93 10.41
C GLU A 207 -1.50 -46.92 9.62
N GLU A 208 -1.60 -47.36 8.37
CA GLU A 208 -0.48 -47.39 7.44
C GLU A 208 -0.86 -46.61 6.19
N HIS A 209 -0.07 -45.61 5.86
CA HIS A 209 -0.32 -44.77 4.69
C HIS A 209 0.92 -44.76 3.82
N VAL A 210 0.73 -45.03 2.53
CA VAL A 210 1.83 -45.17 1.59
C VAL A 210 2.10 -43.83 0.92
N PHE A 211 3.36 -43.41 0.93
CA PHE A 211 3.79 -42.21 0.22
C PHE A 211 5.01 -42.56 -0.62
N ASP A 212 5.12 -41.90 -1.77
CA ASP A 212 6.28 -42.11 -2.63
C ASP A 212 6.40 -40.94 -3.58
N GLY A 213 7.63 -40.69 -4.03
CA GLY A 213 7.90 -39.62 -4.96
C GLY A 213 9.11 -38.80 -4.60
N PRO A 214 9.11 -37.54 -5.01
CA PRO A 214 10.27 -36.67 -4.75
C PRO A 214 10.49 -36.37 -3.29
N HIS A 215 11.51 -35.57 -3.00
CA HIS A 215 12.01 -35.33 -1.64
C HIS A 215 10.95 -34.86 -0.65
N PRO A 216 10.13 -33.84 -0.95
CA PRO A 216 9.22 -33.32 0.09
C PRO A 216 8.14 -34.33 0.49
N ALA A 217 8.15 -35.51 -0.12
CA ALA A 217 7.18 -36.55 0.17
C ALA A 217 7.58 -37.43 1.35
N GLY A 218 8.42 -36.93 2.24
CA GLY A 218 8.86 -37.73 3.36
C GLY A 218 8.89 -37.02 4.69
N LEU A 219 8.61 -35.72 4.70
CA LEU A 219 8.64 -34.95 5.92
C LEU A 219 7.29 -34.98 6.62
N ALA A 220 7.31 -34.79 7.94
CA ALA A 220 6.07 -34.75 8.69
C ALA A 220 5.20 -33.58 8.26
N GLY A 221 5.83 -32.47 7.86
CA GLY A 221 5.06 -31.33 7.39
C GLY A 221 4.17 -31.67 6.21
N THR A 222 4.71 -32.42 5.25
CA THR A 222 3.91 -32.83 4.11
C THR A 222 2.97 -33.97 4.46
N HIS A 223 3.41 -34.90 5.32
CA HIS A 223 2.51 -35.95 5.78
C HIS A 223 1.28 -35.37 6.45
N MET A 224 1.40 -34.17 7.01
CA MET A 224 0.27 -33.53 7.68
C MET A 224 -0.84 -33.20 6.70
N HIS A 225 -0.47 -32.67 5.54
CA HIS A 225 -1.45 -32.02 4.68
C HIS A 225 -2.47 -32.99 4.10
N PHE A 226 -2.05 -34.20 3.77
CA PHE A 226 -2.94 -35.16 3.12
C PHE A 226 -3.62 -36.10 4.09
N LEU A 227 -3.40 -35.97 5.39
CA LEU A 227 -3.99 -36.93 6.32
C LEU A 227 -4.70 -36.27 7.50
N TYR A 228 -4.21 -35.10 7.94
CA TYR A 228 -4.76 -34.44 9.12
C TYR A 228 -4.36 -32.97 9.12
N PRO A 229 -5.09 -32.11 8.43
CA PRO A 229 -4.68 -30.71 8.33
C PRO A 229 -4.52 -30.04 9.68
N VAL A 230 -3.30 -29.63 10.00
CA VAL A 230 -3.04 -28.96 11.27
C VAL A 230 -3.63 -27.57 11.26
N SER A 231 -4.18 -27.15 12.39
CA SER A 231 -4.74 -25.82 12.52
C SER A 231 -4.27 -25.23 13.85
N ALA A 232 -4.74 -24.01 14.13
CA ALA A 232 -4.43 -23.39 15.41
C ALA A 232 -5.05 -24.18 16.56
N ASP A 233 -6.26 -24.67 16.36
CA ASP A 233 -6.98 -25.40 17.40
C ASP A 233 -6.78 -26.91 17.35
N HIS A 234 -6.05 -27.42 16.36
CA HIS A 234 -5.78 -28.86 16.24
C HIS A 234 -4.28 -29.05 16.08
N VAL A 235 -3.58 -29.19 17.21
CA VAL A 235 -2.16 -29.48 17.19
C VAL A 235 -1.96 -30.97 16.97
N ALA A 236 -0.76 -31.33 16.51
CA ALA A 236 -0.43 -32.74 16.32
C ALA A 236 1.07 -32.92 16.48
N TRP A 237 1.47 -34.16 16.73
CA TRP A 237 2.82 -34.50 17.18
C TRP A 237 3.53 -35.34 16.14
N SER A 238 4.86 -35.19 16.08
CA SER A 238 5.65 -35.92 15.10
C SER A 238 6.95 -36.38 15.74
N ILE A 239 7.37 -37.60 15.39
CA ILE A 239 8.57 -38.22 15.94
C ILE A 239 9.18 -39.12 14.88
N ASN A 240 10.51 -39.16 14.82
CA ASN A 240 11.17 -40.04 13.88
C ASN A 240 11.17 -41.47 14.39
N TYR A 241 11.53 -42.41 13.52
CA TYR A 241 11.33 -43.82 13.83
C TYR A 241 12.28 -44.30 14.92
N GLN A 242 13.51 -43.78 14.95
CA GLN A 242 14.46 -44.23 15.97
C GLN A 242 13.97 -43.91 17.37
N ASP A 243 13.24 -42.81 17.53
CA ASP A 243 12.68 -42.50 18.85
C ASP A 243 11.54 -43.44 19.19
N VAL A 244 10.80 -43.92 18.19
CA VAL A 244 9.84 -44.99 18.45
C VAL A 244 10.58 -46.24 18.93
N ILE A 245 11.71 -46.54 18.30
CA ILE A 245 12.52 -47.68 18.74
C ILE A 245 12.95 -47.49 20.19
N ALA A 246 13.38 -46.29 20.53
CA ALA A 246 13.83 -46.02 21.90
C ALA A 246 12.68 -46.17 22.89
N VAL A 247 11.50 -45.65 22.56
CA VAL A 247 10.35 -45.77 23.46
C VAL A 247 9.97 -47.23 23.64
N GLY A 248 9.97 -47.99 22.55
CA GLY A 248 9.69 -49.41 22.65
C GLY A 248 10.68 -50.14 23.53
N GLN A 249 11.97 -49.84 23.36
CA GLN A 249 12.99 -50.44 24.22
C GLN A 249 12.77 -50.06 25.67
N LEU A 250 12.40 -48.80 25.92
CA LEU A 250 12.19 -48.34 27.29
C LEU A 250 11.05 -49.11 27.95
N PHE A 251 9.90 -49.17 27.29
CA PHE A 251 8.76 -49.84 27.90
C PHE A 251 8.79 -51.35 27.74
N LEU A 252 9.81 -51.89 27.07
CA LEU A 252 9.96 -53.34 27.01
C LEU A 252 11.04 -53.87 27.96
N THR A 253 12.05 -53.07 28.28
CA THR A 253 13.14 -53.54 29.13
C THR A 253 13.27 -52.77 30.43
N GLY A 254 13.02 -51.46 30.42
CA GLY A 254 13.14 -50.66 31.62
C GLY A 254 14.34 -49.74 31.69
N GLU A 255 15.12 -49.63 30.63
CA GLU A 255 16.25 -48.72 30.60
C GLU A 255 16.16 -47.84 29.35
N LEU A 256 16.59 -46.60 29.48
CA LEU A 256 16.65 -45.71 28.32
C LEU A 256 17.62 -46.27 27.29
N TYR A 257 17.22 -46.21 26.02
CA TYR A 257 18.00 -46.73 24.91
C TYR A 257 18.56 -45.55 24.13
N THR A 258 19.88 -45.50 23.98
CA THR A 258 20.56 -44.29 23.50
C THR A 258 21.32 -44.46 22.20
N GLN A 259 21.36 -45.64 21.61
CA GLN A 259 22.12 -45.82 20.38
C GLN A 259 21.42 -45.15 19.20
N ARG A 260 22.23 -44.68 18.25
CA ARG A 260 21.73 -44.00 17.07
C ARG A 260 22.44 -44.55 15.83
N VAL A 261 21.79 -44.40 14.68
CA VAL A 261 22.34 -44.81 13.40
C VAL A 261 22.44 -43.57 12.53
N VAL A 262 23.66 -43.16 12.21
CA VAL A 262 23.91 -41.95 11.43
C VAL A 262 24.51 -42.36 10.09
N SER A 263 24.06 -41.68 9.03
CA SER A 263 24.50 -42.00 7.67
C SER A 263 25.58 -41.00 7.25
N LEU A 264 26.79 -41.24 7.74
CA LEU A 264 27.93 -40.40 7.39
C LEU A 264 28.19 -40.48 5.89
N ALA A 265 27.95 -39.38 5.17
CA ALA A 265 28.11 -39.35 3.73
C ALA A 265 28.25 -37.91 3.27
N GLY A 266 28.72 -37.73 2.05
CA GLY A 266 28.86 -36.41 1.47
C GLY A 266 29.69 -36.42 0.22
N PRO A 267 29.75 -35.27 -0.46
CA PRO A 267 30.63 -35.15 -1.64
C PRO A 267 32.09 -35.42 -1.32
N VAL A 268 32.52 -35.06 -0.12
CA VAL A 268 33.92 -35.07 0.25
C VAL A 268 34.23 -36.24 1.19
N VAL A 269 33.22 -37.06 1.49
CA VAL A 269 33.41 -38.19 2.39
C VAL A 269 34.16 -39.29 1.65
N ASN A 270 35.23 -39.79 2.27
CA ASN A 270 36.08 -40.78 1.61
C ASN A 270 35.32 -42.08 1.32
N LYS A 271 34.52 -42.54 2.28
CA LYS A 271 33.77 -43.78 2.11
C LYS A 271 32.51 -43.70 2.96
N PRO A 272 31.38 -43.38 2.36
CA PRO A 272 30.12 -43.31 3.14
C PRO A 272 29.70 -44.68 3.65
N ARG A 273 29.04 -44.67 4.80
CA ARG A 273 28.55 -45.90 5.41
C ARG A 273 27.50 -45.54 6.45
N LEU A 274 26.87 -46.57 7.01
CA LEU A 274 25.90 -46.40 8.08
C LEU A 274 26.59 -46.70 9.40
N VAL A 275 26.82 -45.66 10.19
CA VAL A 275 27.59 -45.76 11.43
C VAL A 275 26.64 -45.95 12.60
N ARG A 276 27.11 -46.68 13.61
CA ARG A 276 26.39 -46.84 14.87
C ARG A 276 27.07 -45.97 15.93
N THR A 277 26.27 -45.20 16.66
CA THR A 277 26.82 -44.24 17.60
C THR A 277 25.76 -43.86 18.64
N VAL A 278 26.18 -43.13 19.66
CA VAL A 278 25.30 -42.59 20.69
C VAL A 278 24.97 -41.15 20.34
N MET A 279 23.77 -40.72 20.71
CA MET A 279 23.30 -39.41 20.28
C MET A 279 24.16 -38.30 20.85
N GLY A 280 24.35 -37.25 20.06
CA GLY A 280 25.12 -36.12 20.52
C GLY A 280 26.60 -36.33 20.57
N ALA A 281 27.12 -37.31 19.84
CA ALA A 281 28.57 -37.54 19.83
C ALA A 281 29.28 -36.36 19.18
N SER A 282 30.52 -36.14 19.61
CA SER A 282 31.31 -35.03 19.07
C SER A 282 31.58 -35.29 17.60
N LEU A 283 31.11 -34.39 16.73
CA LEU A 283 31.24 -34.60 15.30
C LEU A 283 32.69 -34.60 14.85
N GLU A 284 33.50 -33.71 15.42
CA GLU A 284 34.90 -33.63 15.00
C GLU A 284 35.62 -34.94 15.27
N GLN A 285 35.28 -35.63 16.36
CA GLN A 285 35.88 -36.92 16.66
C GLN A 285 35.20 -38.06 15.92
N LEU A 286 33.93 -37.90 15.54
CA LEU A 286 33.25 -38.94 14.78
C LEU A 286 33.69 -38.97 13.33
N VAL A 287 34.07 -37.83 12.77
CA VAL A 287 34.42 -37.73 11.36
C VAL A 287 35.94 -37.75 11.17
N ASP A 288 36.69 -38.08 12.22
CA ASP A 288 38.14 -38.10 12.14
C ASP A 288 38.61 -39.11 11.10
N SER A 289 39.56 -38.68 10.26
CA SER A 289 40.25 -39.52 9.29
C SER A 289 39.34 -39.98 8.14
N GLU A 290 38.06 -39.64 8.20
CA GLU A 290 37.13 -39.97 7.13
C GLU A 290 37.02 -38.87 6.09
N ILE A 291 37.74 -37.78 6.27
CA ILE A 291 37.69 -36.66 5.34
C ILE A 291 38.91 -36.76 4.42
N MET A 292 38.75 -36.37 3.15
CA MET A 292 39.93 -36.33 2.29
C MET A 292 40.64 -35.00 2.56
N PRO A 293 41.94 -34.90 2.31
CA PRO A 293 42.64 -33.64 2.59
C PRO A 293 42.01 -32.43 1.91
N GLY A 294 41.64 -31.43 2.71
CA GLY A 294 41.06 -30.22 2.17
C GLY A 294 40.23 -29.51 3.21
N GLU A 295 39.99 -28.23 2.95
CA GLU A 295 39.18 -27.41 3.84
C GLU A 295 37.72 -27.83 3.73
N VAL A 296 37.13 -28.28 4.83
CA VAL A 296 35.76 -28.79 4.84
C VAL A 296 34.98 -28.17 5.99
N ARG A 297 33.67 -28.20 5.85
CA ARG A 297 32.75 -27.69 6.86
C ARG A 297 31.85 -28.82 7.31
N ILE A 298 32.01 -29.24 8.57
CA ILE A 298 31.23 -30.35 9.09
C ILE A 298 29.82 -29.85 9.36
N ILE A 299 28.84 -30.40 8.64
CA ILE A 299 27.46 -29.96 8.75
C ILE A 299 26.62 -31.12 9.30
N SER A 300 26.07 -30.92 10.50
CA SER A 300 25.16 -31.88 11.07
C SER A 300 23.81 -31.83 10.36
N GLY A 301 23.04 -32.90 10.50
CA GLY A 301 21.73 -32.96 9.90
C GLY A 301 21.79 -33.06 8.39
N SER A 302 20.61 -33.04 7.78
CA SER A 302 20.53 -33.09 6.33
C SER A 302 21.09 -31.80 5.73
N VAL A 303 21.58 -31.90 4.49
CA VAL A 303 22.26 -30.78 3.86
C VAL A 303 21.33 -29.58 3.70
N LEU A 304 20.06 -29.82 3.39
CA LEU A 304 19.14 -28.71 3.19
C LEU A 304 18.76 -28.00 4.49
N SER A 305 18.76 -28.70 5.62
CA SER A 305 18.23 -28.11 6.85
C SER A 305 19.16 -28.23 8.05
N GLY A 306 20.45 -28.46 7.84
CA GLY A 306 21.36 -28.63 8.96
C GLY A 306 21.91 -27.32 9.49
N THR A 307 22.65 -27.44 10.58
CA THR A 307 23.30 -26.30 11.24
C THR A 307 24.80 -26.55 11.28
N LYS A 308 25.58 -25.50 11.02
CA LYS A 308 27.03 -25.64 10.97
C LYS A 308 27.56 -26.10 12.32
N ALA A 309 28.63 -26.88 12.28
CA ALA A 309 29.13 -27.52 13.50
C ALA A 309 30.60 -27.22 13.76
N THR A 310 30.97 -25.94 13.72
CA THR A 310 32.34 -25.53 14.01
C THR A 310 32.46 -25.15 15.47
N GLY A 311 33.33 -25.84 16.20
CA GLY A 311 33.62 -25.51 17.58
C GLY A 311 32.52 -25.89 18.55
N PRO A 312 31.93 -24.91 19.22
CA PRO A 312 30.92 -25.19 20.25
C PRO A 312 29.73 -25.99 19.74
N HIS A 313 29.38 -25.83 18.47
CA HIS A 313 28.27 -26.57 17.89
C HIS A 313 28.67 -27.92 17.33
N ALA A 314 29.93 -28.32 17.47
CA ALA A 314 30.39 -29.56 16.84
C ALA A 314 29.88 -30.78 17.59
N TYR A 315 28.57 -30.99 17.59
CA TYR A 315 27.97 -32.15 18.20
C TYR A 315 26.69 -32.51 17.45
N LEU A 316 26.34 -33.79 17.50
CA LEU A 316 25.16 -34.26 16.78
C LEU A 316 23.90 -33.71 17.44
N GLY A 317 23.03 -33.12 16.64
CA GLY A 317 21.79 -32.58 17.16
C GLY A 317 20.84 -33.66 17.60
N ARG A 318 19.91 -33.27 18.46
CA ARG A 318 18.92 -34.23 18.97
C ARG A 318 18.02 -34.73 17.87
N TYR A 319 17.61 -33.85 16.95
CA TYR A 319 16.60 -34.17 15.95
C TYR A 319 17.20 -34.63 14.62
N HIS A 320 18.52 -34.78 14.54
CA HIS A 320 19.17 -35.11 13.28
C HIS A 320 19.60 -36.56 13.27
N LEU A 321 19.33 -37.24 12.15
CA LEU A 321 19.70 -38.64 11.99
C LEU A 321 20.85 -38.84 11.02
N GLN A 322 21.48 -37.77 10.56
CA GLN A 322 22.52 -37.91 9.55
C GLN A 322 23.55 -36.80 9.72
N VAL A 323 24.74 -37.03 9.17
CA VAL A 323 25.81 -36.06 9.17
C VAL A 323 26.35 -35.97 7.75
N SER A 324 26.71 -34.75 7.35
CA SER A 324 27.19 -34.50 6.00
C SER A 324 28.46 -33.65 6.08
N VAL A 325 29.23 -33.67 4.99
CA VAL A 325 30.42 -32.84 4.86
C VAL A 325 30.44 -32.24 3.47
N LEU A 326 30.85 -30.97 3.39
CA LEU A 326 30.96 -30.27 2.12
C LEU A 326 32.29 -29.54 2.06
N ARG A 327 32.73 -29.22 0.85
CA ARG A 327 33.97 -28.50 0.64
C ARG A 327 33.68 -27.00 0.57
N GLU A 328 34.44 -26.22 1.33
CA GLU A 328 34.20 -24.78 1.42
C GLU A 328 34.52 -24.08 0.11
N GLY A 329 33.49 -23.69 -0.63
CA GLY A 329 33.67 -23.04 -1.91
C GLY A 329 33.90 -21.55 -1.83
N ARG A 330 35.11 -21.14 -1.44
CA ARG A 330 35.45 -19.73 -1.29
C ARG A 330 36.11 -19.15 -2.53
N ASP A 331 36.19 -19.92 -3.62
CA ASP A 331 36.89 -19.46 -4.81
C ASP A 331 36.09 -18.39 -5.55
N LYS A 332 36.79 -17.63 -6.38
CA LYS A 332 36.20 -16.61 -7.24
C LYS A 332 36.49 -16.96 -8.69
N GLU A 333 35.46 -16.91 -9.53
CA GLU A 333 35.56 -17.33 -10.92
C GLU A 333 35.23 -16.17 -11.84
N LEU A 334 36.00 -16.04 -12.93
CA LEU A 334 35.78 -14.97 -13.90
C LEU A 334 34.62 -15.31 -14.81
N PHE A 335 33.58 -14.47 -14.82
CA PHE A 335 32.40 -14.63 -15.65
C PHE A 335 31.73 -15.98 -15.46
N GLY A 336 31.89 -16.59 -14.29
CA GLY A 336 31.26 -17.88 -14.05
C GLY A 336 29.76 -17.81 -14.05
N TRP A 337 29.19 -16.64 -13.72
CA TRP A 337 27.75 -16.47 -13.76
C TRP A 337 27.20 -16.62 -15.18
N ALA A 338 28.03 -16.36 -16.18
CA ALA A 338 27.60 -16.48 -17.57
C ALA A 338 28.21 -17.66 -18.30
N MET A 339 29.26 -18.26 -17.75
CA MET A 339 29.91 -19.37 -18.43
C MET A 339 28.97 -20.58 -18.47
N PRO A 340 28.74 -21.16 -19.64
CA PRO A 340 27.81 -22.31 -19.75
C PRO A 340 28.43 -23.57 -19.16
N GLY A 341 28.42 -23.65 -17.83
CA GLY A 341 29.09 -24.74 -17.16
C GLY A 341 28.44 -26.07 -17.46
N LYS A 342 29.26 -27.04 -17.88
CA LYS A 342 28.82 -28.40 -18.04
C LYS A 342 28.52 -29.08 -16.70
N ASN A 343 29.29 -28.76 -15.66
CA ASN A 343 29.16 -29.38 -14.36
C ASN A 343 28.29 -28.58 -13.39
N LYS A 344 27.81 -27.40 -13.79
CA LYS A 344 26.97 -26.61 -12.91
C LYS A 344 25.60 -27.27 -12.74
N PHE A 345 24.88 -26.83 -11.71
CA PHE A 345 23.55 -27.36 -11.44
C PHE A 345 22.59 -26.20 -11.24
N SER A 346 21.33 -26.43 -11.63
CA SER A 346 20.28 -25.43 -11.50
C SER A 346 18.93 -26.11 -11.74
N VAL A 347 17.94 -25.73 -10.92
CA VAL A 347 16.60 -26.27 -11.12
C VAL A 347 16.03 -25.80 -12.45
N THR A 348 16.21 -24.53 -12.79
CA THR A 348 15.81 -24.06 -14.10
C THR A 348 16.70 -24.70 -15.16
N ARG A 349 16.24 -24.64 -16.40
CA ARG A 349 17.00 -25.19 -17.53
C ARG A 349 18.07 -24.23 -18.03
N SER A 350 18.45 -23.23 -17.24
CA SER A 350 19.38 -22.20 -17.67
C SER A 350 20.83 -22.66 -17.70
N PHE A 351 21.08 -23.96 -17.63
CA PHE A 351 22.44 -24.47 -17.64
C PHE A 351 22.46 -25.81 -18.35
N LEU A 352 23.67 -26.31 -18.62
CA LEU A 352 23.86 -27.57 -19.30
C LEU A 352 23.58 -28.78 -18.40
N GLY A 353 23.21 -28.56 -17.15
CA GLY A 353 23.02 -29.67 -16.24
C GLY A 353 21.87 -30.58 -16.64
N HIS A 354 20.76 -29.99 -17.08
CA HIS A 354 19.56 -30.79 -17.33
C HIS A 354 19.64 -31.61 -18.60
N LEU A 355 20.60 -31.33 -19.48
CA LEU A 355 20.73 -32.13 -20.70
C LEU A 355 21.13 -33.56 -20.38
N PHE A 356 22.09 -33.73 -19.47
CA PHE A 356 22.68 -35.04 -19.19
C PHE A 356 21.91 -35.69 -18.05
N LYS A 357 21.06 -36.66 -18.40
CA LYS A 357 20.25 -37.34 -17.41
C LYS A 357 21.13 -38.16 -16.47
N GLY A 358 20.84 -38.04 -15.18
CA GLY A 358 21.51 -38.85 -14.17
C GLY A 358 22.89 -38.40 -13.78
N GLN A 359 23.36 -37.24 -14.26
CA GLN A 359 24.68 -36.78 -13.87
C GLN A 359 24.68 -36.41 -12.39
N VAL A 360 25.86 -36.54 -11.78
CA VAL A 360 26.04 -36.36 -10.34
C VAL A 360 27.10 -35.28 -10.12
N TYR A 361 26.79 -34.32 -9.26
CA TYR A 361 27.60 -33.12 -9.07
C TYR A 361 28.29 -33.16 -7.72
N ASN A 362 29.44 -32.52 -7.63
CA ASN A 362 30.15 -32.32 -6.36
C ASN A 362 29.86 -30.94 -5.80
N MET A 363 28.61 -30.72 -5.42
CA MET A 363 28.17 -29.39 -5.00
C MET A 363 28.93 -28.91 -3.77
N THR A 364 29.24 -27.62 -3.76
CA THR A 364 29.94 -26.94 -2.70
C THR A 364 29.03 -25.87 -2.09
N THR A 365 29.61 -25.03 -1.24
CA THR A 365 28.84 -24.07 -0.45
C THR A 365 28.96 -22.65 -0.99
N THR A 366 28.99 -22.48 -2.31
CA THR A 366 29.10 -21.14 -2.88
C THR A 366 27.71 -20.55 -3.10
N THR A 367 27.49 -19.34 -2.59
CA THR A 367 26.26 -18.60 -2.81
C THR A 367 26.42 -17.81 -4.11
N ASN A 368 25.91 -18.38 -5.20
CA ASN A 368 26.03 -17.76 -6.52
C ASN A 368 25.36 -16.39 -6.53
N GLY A 369 26.15 -15.34 -6.73
CA GLY A 369 25.61 -13.99 -6.78
C GLY A 369 25.32 -13.42 -5.41
N SER A 370 25.50 -12.11 -5.25
CA SER A 370 25.23 -11.47 -3.98
C SER A 370 23.73 -11.30 -3.77
N ASP A 371 23.36 -10.67 -2.65
CA ASP A 371 21.95 -10.51 -2.31
C ASP A 371 21.28 -9.54 -3.27
N ARG A 372 20.13 -9.95 -3.80
CA ARG A 372 19.34 -9.13 -4.70
C ARG A 372 17.86 -9.41 -4.41
N SER A 373 17.01 -8.48 -4.85
CA SER A 373 15.58 -8.63 -4.61
C SER A 373 15.01 -9.75 -5.46
N MET A 374 14.20 -10.61 -4.84
CA MET A 374 13.61 -11.74 -5.53
C MET A 374 12.58 -11.27 -6.55
N VAL A 375 12.61 -11.85 -7.75
CA VAL A 375 11.78 -11.36 -8.84
C VAL A 375 10.32 -11.79 -8.64
N PRO A 376 9.96 -13.09 -8.61
CA PRO A 376 10.70 -14.34 -8.81
C PRO A 376 10.58 -14.80 -10.26
N ILE A 377 10.89 -16.05 -10.58
CA ILE A 377 10.75 -16.53 -11.95
C ILE A 377 9.83 -17.75 -11.95
N GLY A 378 8.95 -17.84 -10.97
CA GLY A 378 8.13 -19.04 -10.86
C GLY A 378 8.92 -20.30 -10.61
N ASN A 379 10.02 -20.20 -9.85
CA ASN A 379 10.79 -21.40 -9.51
C ASN A 379 10.07 -22.21 -8.44
N TYR A 380 9.45 -21.53 -7.47
CA TYR A 380 8.89 -22.22 -6.33
C TYR A 380 7.71 -23.11 -6.71
N GLU A 381 7.06 -22.82 -7.84
CA GLU A 381 5.90 -23.61 -8.24
C GLU A 381 6.28 -25.07 -8.49
N LYS A 382 7.42 -25.30 -9.13
CA LYS A 382 7.88 -26.66 -9.39
C LYS A 382 8.30 -27.39 -8.14
N VAL A 383 8.43 -26.70 -7.01
CA VAL A 383 9.05 -27.24 -5.81
C VAL A 383 8.01 -27.64 -4.77
N MET A 384 7.20 -26.68 -4.31
CA MET A 384 6.32 -26.90 -3.17
C MET A 384 5.09 -27.69 -3.61
N PRO A 385 4.86 -28.90 -3.09
CA PRO A 385 3.69 -29.67 -3.51
C PRO A 385 2.46 -29.47 -2.67
N LEU A 386 2.57 -28.84 -1.50
CA LEU A 386 1.40 -28.63 -0.66
C LEU A 386 0.42 -27.67 -1.32
N ASP A 387 -0.86 -27.86 -1.04
CA ASP A 387 -1.92 -27.06 -1.67
C ASP A 387 -1.90 -25.66 -1.09
N MET A 388 -0.90 -24.89 -1.51
CA MET A 388 -0.80 -23.49 -1.11
C MET A 388 0.01 -22.76 -2.18
N GLU A 389 -0.09 -21.43 -2.17
CA GLU A 389 0.60 -20.63 -3.15
C GLU A 389 1.80 -19.96 -2.50
N PRO A 390 3.01 -20.44 -2.73
CA PRO A 390 4.16 -19.92 -1.96
C PRO A 390 4.79 -18.68 -2.56
N THR A 391 4.62 -18.41 -3.86
CA THR A 391 5.35 -17.33 -4.49
C THR A 391 4.96 -15.96 -3.96
N LEU A 392 3.86 -15.85 -3.23
CA LEU A 392 3.51 -14.61 -2.54
C LEU A 392 3.51 -14.75 -1.02
N LEU A 393 3.33 -15.96 -0.49
CA LEU A 393 3.53 -16.17 0.93
C LEU A 393 4.96 -15.86 1.33
N LEU A 394 5.91 -16.20 0.46
CA LEU A 394 7.31 -15.86 0.72
C LEU A 394 7.55 -14.37 0.71
N ARG A 395 6.89 -13.65 -0.21
CA ARG A 395 6.97 -12.20 -0.21
C ARG A 395 6.42 -11.62 1.09
N ASP A 396 5.29 -12.17 1.55
CA ASP A 396 4.72 -11.72 2.82
C ASP A 396 5.70 -11.96 3.96
N LEU A 397 6.29 -13.15 4.00
CA LEU A 397 7.26 -13.46 5.06
C LEU A 397 8.44 -12.49 5.03
N CYS A 398 8.95 -12.20 3.84
CA CYS A 398 10.06 -11.28 3.73
C CYS A 398 9.66 -9.85 4.06
N ALA A 399 8.35 -9.54 4.00
CA ALA A 399 7.89 -8.20 4.36
C ALA A 399 7.80 -7.99 5.86
N GLY A 400 7.89 -9.04 6.67
CA GLY A 400 7.82 -8.94 8.10
C GLY A 400 6.44 -9.12 8.69
N ASP A 401 5.39 -9.17 7.88
CA ASP A 401 4.04 -9.34 8.38
C ASP A 401 3.84 -10.77 8.88
N SER A 402 2.91 -10.93 9.82
CA SER A 402 2.60 -12.22 10.40
C SER A 402 1.11 -12.54 10.29
N ASP A 403 0.29 -11.49 10.34
CA ASP A 403 -1.16 -11.68 10.35
C ASP A 403 -1.65 -12.35 9.07
N SER A 404 -1.13 -11.92 7.92
CA SER A 404 -1.50 -12.53 6.65
C SER A 404 -0.79 -13.86 6.39
N ALA A 405 0.42 -14.03 6.93
CA ALA A 405 1.09 -15.33 6.80
C ALA A 405 0.31 -16.41 7.53
N VAL A 406 -0.20 -16.10 8.72
CA VAL A 406 -1.01 -17.06 9.45
C VAL A 406 -2.24 -17.45 8.64
N ARG A 407 -2.86 -16.47 7.99
CA ARG A 407 -4.01 -16.76 7.14
C ARG A 407 -3.61 -17.68 6.00
N LEU A 408 -2.54 -17.33 5.28
CA LEU A 408 -2.15 -18.10 4.10
C LEU A 408 -1.72 -19.52 4.46
N GLY A 409 -1.26 -19.73 5.70
CA GLY A 409 -0.93 -21.07 6.12
C GLY A 409 0.49 -21.24 6.62
N ALA A 410 1.09 -20.17 7.14
CA ALA A 410 2.42 -20.27 7.71
C ALA A 410 2.46 -21.14 8.95
N LEU A 411 1.29 -21.47 9.52
CA LEU A 411 1.25 -22.31 10.71
C LEU A 411 1.66 -23.75 10.39
N GLU A 412 1.22 -24.26 9.24
CA GLU A 412 1.43 -25.66 8.90
C GLU A 412 2.87 -26.00 8.53
N LEU A 413 3.81 -25.06 8.66
CA LEU A 413 5.18 -25.26 8.22
C LEU A 413 6.15 -25.05 9.38
N ASP A 414 7.44 -25.15 9.07
CA ASP A 414 8.55 -24.92 9.99
C ASP A 414 9.81 -24.89 9.15
N GLU A 415 10.95 -24.72 9.82
CA GLU A 415 12.22 -24.70 9.10
C GLU A 415 12.53 -26.04 8.46
N GLU A 416 11.80 -27.10 8.84
CA GLU A 416 12.07 -28.42 8.28
C GLU A 416 11.75 -28.48 6.80
N ASP A 417 10.71 -27.79 6.35
CA ASP A 417 10.25 -27.88 4.97
C ASP A 417 10.63 -26.69 4.12
N LEU A 418 10.56 -25.47 4.67
CA LEU A 418 10.79 -24.27 3.88
C LEU A 418 12.23 -24.17 3.38
N ALA A 419 13.14 -24.97 3.94
CA ALA A 419 14.52 -24.97 3.45
C ALA A 419 14.57 -25.30 1.97
N LEU A 420 13.68 -26.17 1.50
CA LEU A 420 13.68 -26.53 0.09
C LEU A 420 13.31 -25.33 -0.78
N CYS A 421 12.40 -24.47 -0.29
CA CYS A 421 12.05 -23.29 -1.06
C CYS A 421 13.11 -22.21 -0.96
N THR A 422 13.85 -22.17 0.14
CA THR A 422 15.00 -21.27 0.22
C THR A 422 16.08 -21.71 -0.78
N PHE A 423 16.22 -23.02 -0.96
CA PHE A 423 17.27 -23.56 -1.83
C PHE A 423 17.13 -23.09 -3.27
N VAL A 424 15.90 -22.99 -3.78
CA VAL A 424 15.69 -22.70 -5.20
C VAL A 424 15.49 -21.20 -5.45
N CYS A 425 15.50 -20.38 -4.41
CA CYS A 425 15.22 -18.97 -4.58
C CYS A 425 16.31 -18.29 -5.40
N PRO A 426 15.96 -17.36 -6.28
CA PRO A 426 16.99 -16.68 -7.09
C PRO A 426 17.60 -15.49 -6.37
N GLY A 427 16.83 -14.89 -5.45
CA GLY A 427 17.33 -13.74 -4.73
C GLY A 427 18.28 -14.08 -3.61
N LYS A 428 18.45 -15.37 -3.30
CA LYS A 428 19.32 -15.83 -2.22
C LYS A 428 18.86 -15.26 -0.87
N TYR A 429 17.62 -15.56 -0.52
CA TYR A 429 17.06 -15.14 0.76
C TYR A 429 17.22 -16.28 1.77
N GLU A 430 16.62 -16.11 2.95
CA GLU A 430 16.74 -17.07 4.04
C GLU A 430 15.37 -17.34 4.66
N TYR A 431 14.40 -17.69 3.81
CA TYR A 431 13.04 -17.91 4.29
C TYR A 431 12.98 -18.96 5.39
N GLY A 432 13.94 -19.88 5.42
CA GLY A 432 13.96 -20.87 6.49
C GLY A 432 14.01 -20.25 7.87
N GLN A 433 14.90 -19.27 8.05
CA GLN A 433 14.98 -18.58 9.33
C GLN A 433 13.90 -17.50 9.45
N LEU A 434 13.51 -16.91 8.33
CA LEU A 434 12.44 -15.91 8.38
C LEU A 434 11.15 -16.51 8.92
N LEU A 435 10.85 -17.75 8.56
CA LEU A 435 9.65 -18.41 9.07
C LEU A 435 9.74 -18.61 10.57
N ARG A 436 10.93 -18.96 11.07
CA ARG A 436 11.10 -19.08 12.51
C ARG A 436 10.85 -17.76 13.20
N GLU A 437 11.36 -16.66 12.63
CA GLU A 437 11.13 -15.36 13.23
C GLU A 437 9.63 -15.03 13.27
N CYS A 438 8.93 -15.27 12.16
CA CYS A 438 7.51 -14.96 12.11
C CYS A 438 6.70 -15.80 13.08
N LEU A 439 7.02 -17.10 13.16
CA LEU A 439 6.31 -17.97 14.09
C LEU A 439 6.57 -17.57 15.54
N ASP A 440 7.81 -17.19 15.85
CA ASP A 440 8.11 -16.70 17.19
C ASP A 440 7.29 -15.46 17.50
N LYS A 441 7.18 -14.54 16.54
CA LYS A 441 6.38 -13.33 16.76
C LYS A 441 4.92 -13.68 17.01
N ILE A 442 4.37 -14.59 16.22
CA ILE A 442 2.96 -14.96 16.38
C ILE A 442 2.75 -15.64 17.73
N GLU A 443 3.68 -16.51 18.12
CA GLU A 443 3.58 -17.17 19.42
C GLU A 443 3.60 -16.15 20.56
N LYS A 444 4.49 -15.15 20.45
CA LYS A 444 4.60 -14.16 21.51
C LYS A 444 3.34 -13.30 21.60
N GLU A 445 2.88 -12.76 20.47
CA GLU A 445 1.71 -11.90 20.50
C GLU A 445 0.40 -12.68 20.56
N GLY A 446 0.44 -13.99 20.42
CA GLY A 446 -0.76 -14.80 20.48
C GLY A 446 -1.20 -15.10 21.89
N TYR B 27 38.69 1.37 -16.01
CA TYR B 27 39.04 1.41 -14.60
C TYR B 27 39.00 0.00 -14.01
N GLU B 28 39.55 -0.15 -12.80
CA GLU B 28 39.68 -1.46 -12.18
C GLU B 28 38.45 -1.86 -11.36
N ALA B 29 37.46 -0.98 -11.23
CA ALA B 29 36.30 -1.28 -10.41
C ALA B 29 35.32 -2.23 -11.08
N ALA B 30 35.42 -2.42 -12.41
CA ALA B 30 34.48 -3.29 -13.11
C ALA B 30 34.65 -4.76 -12.76
N ALA B 31 35.73 -5.12 -12.07
CA ALA B 31 35.91 -6.50 -11.64
C ALA B 31 34.82 -6.94 -10.69
N THR B 32 34.18 -6.00 -10.00
CA THR B 32 33.08 -6.35 -9.10
C THR B 32 31.94 -7.01 -9.87
N LEU B 33 31.57 -6.44 -11.02
CA LEU B 33 30.53 -7.02 -11.86
C LEU B 33 31.07 -8.04 -12.85
N PHE B 34 32.40 -8.14 -13.00
CA PHE B 34 32.96 -9.21 -13.82
C PHE B 34 33.02 -10.53 -13.06
N TYR B 35 33.77 -10.54 -11.95
CA TYR B 35 33.98 -11.74 -11.17
C TYR B 35 32.72 -12.12 -10.41
N THR B 36 32.65 -13.39 -10.00
CA THR B 36 31.65 -13.65 -8.98
C THR B 36 32.19 -13.20 -7.62
N PRO B 37 31.32 -12.80 -6.70
CA PRO B 37 31.82 -12.29 -5.40
C PRO B 37 32.65 -13.30 -4.63
N GLY B 38 32.30 -14.58 -4.71
CA GLY B 38 33.06 -15.59 -4.01
C GLY B 38 32.80 -15.63 -2.52
N LEU B 39 31.53 -15.74 -2.15
CA LEU B 39 31.12 -15.83 -0.75
C LEU B 39 30.58 -17.23 -0.47
N VAL B 40 30.32 -17.51 0.80
CA VAL B 40 29.82 -18.80 1.24
C VAL B 40 28.55 -18.60 2.05
N THR B 41 27.76 -19.66 2.15
CA THR B 41 26.52 -19.60 2.92
C THR B 41 26.83 -19.51 4.41
N LYS B 42 25.79 -19.24 5.19
CA LYS B 42 25.98 -19.08 6.63
C LYS B 42 25.04 -19.98 7.43
N ARG B 43 23.84 -20.22 6.93
CA ARG B 43 22.84 -20.95 7.69
C ARG B 43 21.82 -21.53 6.73
N SER B 44 21.01 -22.46 7.25
CA SER B 44 19.91 -23.08 6.51
C SER B 44 20.51 -23.83 5.31
N SER B 45 19.89 -23.78 4.14
CA SER B 45 20.36 -24.51 2.98
C SER B 45 21.78 -24.11 2.60
N HIS B 46 22.74 -25.02 2.80
CA HIS B 46 24.14 -24.75 2.53
C HIS B 46 24.52 -25.00 1.08
N VAL B 47 23.64 -25.61 0.31
CA VAL B 47 23.76 -25.68 -1.14
C VAL B 47 22.76 -24.71 -1.74
N ARG B 48 23.13 -24.09 -2.86
CA ARG B 48 22.27 -23.09 -3.48
C ARG B 48 22.24 -23.33 -4.97
N ASP B 49 21.09 -23.05 -5.58
CA ASP B 49 20.98 -23.11 -7.03
C ASP B 49 21.85 -22.05 -7.67
N SER B 50 22.41 -22.38 -8.83
CA SER B 50 23.36 -21.49 -9.47
C SER B 50 22.69 -20.37 -10.27
N VAL B 51 21.39 -20.49 -10.54
CA VAL B 51 20.71 -19.43 -11.26
C VAL B 51 20.54 -18.23 -10.34
N ASP B 52 20.56 -17.03 -10.92
CA ASP B 52 20.45 -15.81 -10.12
C ASP B 52 20.08 -14.64 -11.01
N LEU B 53 19.80 -13.51 -10.36
CA LEU B 53 19.26 -12.34 -11.05
C LEU B 53 20.21 -11.81 -12.11
N LYS B 54 21.52 -11.77 -11.79
CA LYS B 54 22.49 -11.26 -12.75
C LYS B 54 22.54 -12.12 -14.00
N ARG B 55 22.31 -13.43 -13.86
CA ARG B 55 22.25 -14.28 -15.04
C ARG B 55 20.94 -14.08 -15.80
N ILE B 56 19.83 -13.94 -15.09
CA ILE B 56 18.55 -13.79 -15.76
C ILE B 56 18.52 -12.53 -16.61
N MET B 57 18.96 -11.41 -16.05
CA MET B 57 18.92 -10.15 -16.78
C MET B 57 19.78 -10.20 -18.03
N ILE B 58 21.00 -10.74 -17.91
CA ILE B 58 21.87 -10.83 -19.07
C ILE B 58 21.30 -11.80 -20.10
N MET B 59 20.65 -12.88 -19.67
CA MET B 59 20.11 -13.80 -20.64
C MET B 59 18.96 -13.18 -21.42
N VAL B 60 18.15 -12.35 -20.76
CA VAL B 60 17.18 -11.57 -21.53
C VAL B 60 17.89 -10.61 -22.47
N TRP B 61 18.96 -9.97 -21.98
CA TRP B 61 19.72 -9.03 -22.80
C TRP B 61 20.27 -9.68 -24.05
N LEU B 62 20.55 -10.98 -24.00
CA LEU B 62 21.05 -11.70 -25.16
C LEU B 62 19.97 -12.39 -25.96
N ALA B 63 18.69 -12.22 -25.59
CA ALA B 63 17.63 -12.91 -26.31
C ALA B 63 17.07 -12.08 -27.45
N VAL B 64 17.20 -10.75 -27.40
CA VAL B 64 16.64 -9.89 -28.44
C VAL B 64 17.51 -9.75 -29.67
N PHE B 65 18.79 -10.12 -29.60
CA PHE B 65 19.72 -9.85 -30.70
C PHE B 65 19.26 -10.34 -32.06
N PRO B 66 18.73 -11.57 -32.21
CA PRO B 66 18.23 -12.01 -33.53
C PRO B 66 17.09 -11.14 -34.05
N ALA B 67 16.50 -10.32 -33.17
CA ALA B 67 15.53 -9.32 -33.60
C ALA B 67 16.15 -7.96 -33.80
N MET B 68 17.11 -7.57 -32.96
CA MET B 68 17.69 -6.24 -33.06
C MET B 68 18.49 -6.09 -34.34
N PHE B 69 19.29 -7.10 -34.69
CA PHE B 69 20.07 -6.97 -35.93
C PHE B 69 19.17 -6.92 -37.16
N TRP B 70 18.13 -7.75 -37.17
CA TRP B 70 17.19 -7.70 -38.29
C TRP B 70 16.50 -6.35 -38.35
N GLY B 71 16.14 -5.79 -37.19
CA GLY B 71 15.52 -4.48 -37.19
C GLY B 71 16.44 -3.40 -37.73
N MET B 72 17.72 -3.46 -37.36
CA MET B 72 18.69 -2.51 -37.90
C MET B 72 18.77 -2.63 -39.41
N TYR B 73 18.88 -3.86 -39.91
CA TYR B 73 18.93 -4.08 -41.35
C TYR B 73 17.66 -3.55 -42.01
N ASN B 74 16.50 -3.81 -41.40
CA ASN B 74 15.25 -3.38 -42.01
C ASN B 74 15.16 -1.87 -42.07
N ALA B 75 15.56 -1.20 -41.00
CA ALA B 75 15.54 0.25 -40.99
C ALA B 75 16.43 0.82 -42.08
N GLY B 76 17.66 0.30 -42.19
CA GLY B 76 18.54 0.76 -43.26
C GLY B 76 17.93 0.54 -44.63
N GLY B 77 17.30 -0.63 -44.84
CA GLY B 77 16.71 -0.93 -46.12
C GLY B 77 15.55 0.00 -46.47
N GLN B 78 14.66 0.23 -45.51
CA GLN B 78 13.54 1.14 -45.78
C GLN B 78 14.05 2.55 -46.04
N ALA B 79 15.05 2.99 -45.27
CA ALA B 79 15.61 4.31 -45.50
C ALA B 79 16.15 4.44 -46.92
N ILE B 80 16.97 3.47 -47.34
CA ILE B 80 17.56 3.52 -48.67
C ILE B 80 16.48 3.50 -49.74
N ALA B 81 15.51 2.58 -49.62
CA ALA B 81 14.50 2.44 -50.65
C ALA B 81 13.69 3.72 -50.80
N ALA B 82 13.21 4.28 -49.69
CA ALA B 82 12.39 5.48 -49.77
C ALA B 82 13.20 6.66 -50.30
N LEU B 83 14.41 6.85 -49.78
CA LEU B 83 15.20 8.00 -50.17
C LEU B 83 15.55 7.95 -51.65
N ASN B 84 15.92 6.78 -52.16
CA ASN B 84 16.28 6.70 -53.56
C ASN B 84 15.05 6.66 -54.46
N HIS B 85 13.89 6.30 -53.92
CA HIS B 85 12.66 6.46 -54.66
C HIS B 85 12.32 7.92 -54.84
N LEU B 86 12.61 8.75 -53.84
CA LEU B 86 12.30 10.17 -53.90
C LEU B 86 13.32 10.96 -54.71
N TYR B 87 14.58 10.99 -54.27
CA TYR B 87 15.56 11.88 -54.85
C TYR B 87 16.44 11.15 -55.86
N SER B 88 17.26 11.94 -56.57
CA SER B 88 18.24 11.43 -57.53
C SER B 88 19.07 12.62 -58.00
N GLY B 89 20.27 12.32 -58.48
CA GLY B 89 21.09 13.35 -59.12
C GLY B 89 21.74 14.28 -58.13
N ASP B 90 21.96 15.52 -58.57
CA ASP B 90 22.67 16.51 -57.75
C ASP B 90 21.92 16.82 -56.47
N GLN B 91 20.58 16.84 -56.54
CA GLN B 91 19.80 17.06 -55.33
C GLN B 91 19.99 15.92 -54.33
N LEU B 92 20.09 14.69 -54.84
CA LEU B 92 20.40 13.56 -53.98
C LEU B 92 21.80 13.70 -53.39
N ALA B 93 22.75 14.22 -54.17
CA ALA B 93 24.08 14.45 -53.64
C ALA B 93 24.03 15.47 -52.50
N ALA B 94 23.23 16.52 -52.67
CA ALA B 94 23.07 17.51 -51.61
C ALA B 94 22.44 16.88 -50.37
N ILE B 95 21.44 16.01 -50.56
CA ILE B 95 20.78 15.37 -49.43
C ILE B 95 21.75 14.48 -48.68
N VAL B 96 22.50 13.64 -49.40
CA VAL B 96 23.45 12.75 -48.74
C VAL B 96 24.59 13.55 -48.12
N ALA B 97 24.83 14.76 -48.62
CA ALA B 97 25.71 15.71 -47.96
C ALA B 97 24.97 16.54 -46.91
N GLY B 98 23.84 16.05 -46.42
CA GLY B 98 23.02 16.79 -45.48
C GLY B 98 23.20 16.31 -44.05
N ASN B 99 22.28 15.48 -43.58
CA ASN B 99 22.35 15.01 -42.21
C ASN B 99 23.58 14.14 -41.99
N TRP B 100 24.04 14.11 -40.73
CA TRP B 100 25.29 13.42 -40.43
C TRP B 100 25.17 11.92 -40.64
N HIS B 101 23.96 11.37 -40.63
CA HIS B 101 23.80 9.96 -40.97
C HIS B 101 24.46 9.65 -42.31
N TYR B 102 23.97 10.29 -43.38
CA TYR B 102 24.53 10.05 -44.70
C TYR B 102 25.94 10.63 -44.80
N TRP B 103 26.17 11.79 -44.17
CA TRP B 103 27.48 12.42 -44.22
C TRP B 103 28.58 11.50 -43.67
N LEU B 104 28.22 10.61 -42.74
CA LEU B 104 29.19 9.68 -42.16
C LEU B 104 29.22 8.36 -42.93
N THR B 105 28.05 7.83 -43.28
CA THR B 105 28.02 6.52 -43.93
C THR B 105 28.53 6.60 -45.36
N GLU B 106 28.62 7.79 -45.95
CA GLU B 106 29.21 7.93 -47.27
C GLU B 106 30.71 7.77 -47.25
N MET B 107 31.37 8.03 -46.11
CA MET B 107 32.81 7.93 -46.00
C MET B 107 33.28 6.72 -45.22
N LEU B 108 32.44 6.17 -44.33
CA LEU B 108 32.90 5.12 -43.44
C LEU B 108 32.89 3.73 -44.10
N GLY B 109 32.70 3.65 -45.41
CA GLY B 109 32.80 2.37 -46.09
C GLY B 109 31.53 1.93 -46.78
N GLY B 110 30.74 2.88 -47.26
CA GLY B 110 29.52 2.56 -47.96
C GLY B 110 29.12 3.67 -48.90
N THR B 111 28.15 3.38 -49.75
CA THR B 111 27.61 4.34 -50.70
C THR B 111 26.09 4.30 -50.64
N MET B 112 25.47 5.40 -51.07
CA MET B 112 24.04 5.62 -50.90
C MET B 112 23.23 5.19 -52.10
N SER B 113 23.79 4.38 -52.99
CA SER B 113 23.11 3.99 -54.22
C SER B 113 21.96 3.01 -53.95
N SER B 114 21.25 2.63 -55.00
CA SER B 114 20.03 1.82 -54.86
C SER B 114 20.31 0.34 -54.65
N ASP B 115 21.50 -0.14 -54.99
CA ASP B 115 21.82 -1.56 -54.90
C ASP B 115 22.77 -1.85 -53.75
N ALA B 116 22.85 -0.97 -52.76
CA ALA B 116 23.75 -1.17 -51.64
C ALA B 116 23.31 -2.38 -50.81
N GLY B 117 24.29 -3.04 -50.22
CA GLY B 117 24.03 -4.22 -49.43
C GLY B 117 24.18 -4.02 -47.94
N TRP B 118 24.81 -4.98 -47.27
CA TRP B 118 24.97 -4.90 -45.82
C TRP B 118 25.77 -3.66 -45.45
N GLY B 119 26.92 -3.46 -46.08
CA GLY B 119 27.89 -2.45 -45.68
C GLY B 119 27.35 -1.05 -45.59
N SER B 120 26.25 -0.77 -46.29
CA SER B 120 25.58 0.52 -46.19
C SER B 120 24.26 0.41 -45.43
N LYS B 121 23.47 -0.63 -45.69
CA LYS B 121 22.15 -0.74 -45.05
C LYS B 121 22.29 -0.89 -43.54
N MET B 122 23.07 -1.87 -43.10
CA MET B 122 23.27 -2.08 -41.68
C MET B 122 24.01 -0.92 -41.05
N LEU B 123 24.93 -0.30 -41.79
CA LEU B 123 25.66 0.84 -41.26
C LEU B 123 24.73 2.01 -40.98
N LEU B 124 23.80 2.28 -41.90
CA LEU B 124 22.83 3.35 -41.68
C LEU B 124 21.92 3.02 -40.52
N GLY B 125 21.46 1.77 -40.45
CA GLY B 125 20.64 1.38 -39.31
C GLY B 125 21.36 1.56 -37.99
N ALA B 126 22.63 1.17 -37.94
CA ALA B 126 23.41 1.31 -36.72
C ALA B 126 23.65 2.78 -36.38
N THR B 127 23.92 3.60 -37.39
CA THR B 127 24.12 5.02 -37.11
C THR B 127 22.84 5.68 -36.61
N TYR B 128 21.68 5.17 -37.00
CA TYR B 128 20.41 5.62 -36.43
C TYR B 128 20.17 5.11 -35.01
N PHE B 129 20.53 3.86 -34.74
CA PHE B 129 20.13 3.25 -33.46
C PHE B 129 21.11 3.53 -32.35
N LEU B 130 22.41 3.54 -32.64
CA LEU B 130 23.42 3.65 -31.59
C LEU B 130 23.33 4.92 -30.77
N PRO B 131 23.16 6.11 -31.34
CA PRO B 131 23.04 7.31 -30.47
C PRO B 131 21.89 7.23 -29.48
N ILE B 132 20.73 6.73 -29.91
CA ILE B 132 19.60 6.61 -28.99
C ILE B 132 19.97 5.73 -27.81
N TYR B 133 20.57 4.58 -28.11
CA TYR B 133 20.96 3.64 -27.06
C TYR B 133 22.03 4.23 -26.16
N ALA B 134 23.04 4.87 -26.74
CA ALA B 134 24.13 5.42 -25.96
C ALA B 134 23.70 6.61 -25.11
N THR B 135 22.59 7.26 -25.46
CA THR B 135 22.07 8.31 -24.59
C THR B 135 21.15 7.75 -23.51
N VAL B 136 20.25 6.84 -23.90
CA VAL B 136 19.35 6.24 -22.93
C VAL B 136 20.13 5.54 -21.84
N PHE B 137 21.11 4.71 -22.24
CA PHE B 137 21.91 3.98 -21.27
C PHE B 137 22.64 4.92 -20.33
N ILE B 138 23.27 5.96 -20.88
CA ILE B 138 24.07 6.85 -20.05
C ILE B 138 23.19 7.56 -19.02
N VAL B 139 22.09 8.16 -19.46
CA VAL B 139 21.30 8.96 -18.54
C VAL B 139 20.57 8.08 -17.52
N GLY B 140 20.04 6.93 -17.96
CA GLY B 140 19.41 6.03 -17.02
C GLY B 140 20.40 5.48 -16.01
N GLY B 141 21.61 5.14 -16.46
CA GLY B 141 22.63 4.70 -15.53
C GLY B 141 23.01 5.78 -14.54
N PHE B 142 23.03 7.03 -15.00
CA PHE B 142 23.29 8.14 -14.08
C PHE B 142 22.23 8.18 -12.98
N TRP B 143 20.96 8.10 -13.36
CA TRP B 143 19.91 8.10 -12.34
C TRP B 143 20.08 6.91 -11.39
N GLU B 144 20.35 5.74 -11.94
CA GLU B 144 20.45 4.53 -11.11
C GLU B 144 21.61 4.62 -10.15
N VAL B 145 22.78 5.10 -10.61
CA VAL B 145 23.92 5.17 -9.71
C VAL B 145 23.69 6.24 -8.66
N LEU B 146 23.05 7.35 -9.03
CA LEU B 146 22.76 8.38 -8.04
C LEU B 146 21.88 7.82 -6.92
N PHE B 147 20.79 7.16 -7.28
CA PHE B 147 19.89 6.65 -6.24
C PHE B 147 20.56 5.54 -5.43
N CYS B 148 21.29 4.63 -6.10
CA CYS B 148 21.92 3.53 -5.38
C CYS B 148 23.01 4.03 -4.44
N MET B 149 23.75 5.06 -4.85
CA MET B 149 24.75 5.64 -3.97
C MET B 149 24.10 6.36 -2.81
N VAL B 150 22.94 6.99 -3.04
CA VAL B 150 22.25 7.66 -1.94
C VAL B 150 21.76 6.65 -0.92
N ARG B 151 21.25 5.50 -1.37
CA ARG B 151 20.77 4.48 -0.44
C ARG B 151 21.83 3.42 -0.14
N LYS B 152 22.98 3.47 -0.81
CA LYS B 152 24.21 2.76 -0.44
C LYS B 152 24.14 1.24 -0.69
N HIS B 153 23.17 0.75 -1.46
CA HIS B 153 23.23 -0.64 -1.93
C HIS B 153 24.16 -0.78 -3.13
N GLU B 154 24.35 -2.04 -3.55
CA GLU B 154 25.10 -2.37 -4.75
C GLU B 154 24.29 -1.96 -5.97
N VAL B 155 24.99 -1.58 -7.04
CA VAL B 155 24.34 -1.14 -8.27
C VAL B 155 23.55 -2.31 -8.83
N ASN B 156 22.23 -2.16 -8.90
CA ASN B 156 21.37 -3.26 -9.34
C ASN B 156 21.63 -3.59 -10.79
N GLU B 157 21.30 -4.82 -11.17
CA GLU B 157 21.54 -5.31 -12.52
C GLU B 157 20.26 -5.33 -13.36
N GLY B 158 19.16 -4.80 -12.85
CA GLY B 158 17.92 -4.77 -13.61
C GLY B 158 17.82 -3.60 -14.57
N PHE B 159 18.92 -2.92 -14.84
CA PHE B 159 18.86 -1.74 -15.69
C PHE B 159 19.11 -2.07 -17.15
N PHE B 160 19.95 -3.07 -17.43
CA PHE B 160 20.30 -3.40 -18.82
C PHE B 160 19.07 -3.82 -19.62
N VAL B 161 18.22 -4.65 -19.02
CA VAL B 161 17.04 -5.13 -19.74
C VAL B 161 16.12 -3.98 -20.09
N THR B 162 15.86 -3.09 -19.13
CA THR B 162 14.98 -1.96 -19.40
C THR B 162 15.58 -1.02 -20.43
N SER B 163 16.88 -0.77 -20.35
CA SER B 163 17.52 0.11 -21.33
C SER B 163 17.38 -0.46 -22.74
N ILE B 164 17.65 -1.75 -22.91
CA ILE B 164 17.53 -2.36 -24.24
C ILE B 164 16.08 -2.33 -24.70
N LEU B 165 15.15 -2.70 -23.82
CA LEU B 165 13.77 -2.84 -24.24
C LEU B 165 13.11 -1.50 -24.49
N PHE B 166 13.68 -0.42 -23.97
CA PHE B 166 13.18 0.90 -24.35
C PHE B 166 13.84 1.40 -25.63
N ALA B 167 15.16 1.23 -25.75
CA ALA B 167 15.83 1.67 -26.97
C ALA B 167 15.34 0.92 -28.19
N LEU B 168 14.76 -0.27 -28.01
CA LEU B 168 14.31 -1.07 -29.12
C LEU B 168 12.89 -0.75 -29.58
N ILE B 169 12.21 0.19 -28.95
CA ILE B 169 10.78 0.35 -29.21
C ILE B 169 10.44 1.81 -29.50
N VAL B 170 11.41 2.59 -29.95
CA VAL B 170 11.16 3.98 -30.29
C VAL B 170 11.29 4.19 -31.79
N PRO B 171 10.60 5.16 -32.38
CA PRO B 171 10.79 5.45 -33.79
C PRO B 171 12.21 5.87 -34.07
N PRO B 172 12.76 5.51 -35.23
CA PRO B 172 14.16 5.86 -35.52
C PRO B 172 14.41 7.35 -35.57
N THR B 173 13.45 8.14 -36.06
CA THR B 173 13.66 9.57 -36.22
C THR B 173 13.48 10.34 -34.93
N LEU B 174 13.24 9.67 -33.81
CA LEU B 174 13.06 10.34 -32.54
C LEU B 174 14.36 11.02 -32.12
N PRO B 175 14.34 12.31 -31.79
CA PRO B 175 15.56 12.97 -31.34
C PRO B 175 16.05 12.42 -30.02
N LEU B 176 17.32 12.68 -29.72
CA LEU B 176 17.95 12.04 -28.56
C LEU B 176 17.39 12.55 -27.25
N TRP B 177 17.14 13.85 -27.13
CA TRP B 177 16.76 14.40 -25.83
C TRP B 177 15.35 13.98 -25.43
N GLN B 178 14.46 13.78 -26.40
CA GLN B 178 13.15 13.24 -26.06
C GLN B 178 13.28 11.84 -25.48
N ALA B 179 14.18 11.03 -26.04
CA ALA B 179 14.42 9.70 -25.47
C ALA B 179 15.02 9.80 -24.08
N ALA B 180 15.91 10.78 -23.88
CA ALA B 180 16.49 10.97 -22.55
C ALA B 180 15.43 11.30 -21.53
N LEU B 181 14.51 12.22 -21.87
CA LEU B 181 13.43 12.53 -20.95
C LEU B 181 12.51 11.34 -20.73
N GLY B 182 12.25 10.57 -21.79
CA GLY B 182 11.39 9.41 -21.65
C GLY B 182 11.95 8.38 -20.68
N ILE B 183 13.24 8.07 -20.82
CA ILE B 183 13.84 7.08 -19.93
C ILE B 183 13.98 7.65 -18.52
N THR B 184 14.24 8.95 -18.39
CA THR B 184 14.30 9.56 -17.07
C THR B 184 12.96 9.40 -16.35
N PHE B 185 11.86 9.67 -17.05
CA PHE B 185 10.55 9.44 -16.47
C PHE B 185 10.36 7.98 -16.13
N GLY B 186 10.66 7.08 -17.07
CA GLY B 186 10.39 5.67 -16.86
C GLY B 186 11.21 5.05 -15.76
N VAL B 187 12.31 5.69 -15.39
CA VAL B 187 13.15 5.16 -14.31
C VAL B 187 12.78 5.83 -12.99
N VAL B 188 12.80 7.17 -12.94
CA VAL B 188 12.59 7.85 -11.68
C VAL B 188 11.17 7.73 -11.20
N VAL B 189 10.18 7.93 -12.08
CA VAL B 189 8.79 8.00 -11.65
C VAL B 189 8.15 6.63 -11.49
N ALA B 190 8.55 5.63 -12.27
CA ALA B 190 7.86 4.35 -12.29
C ALA B 190 8.54 3.28 -11.44
N LYS B 191 9.87 3.19 -11.45
CA LYS B 191 10.56 2.10 -10.77
C LYS B 191 11.45 2.58 -9.63
N GLU B 192 12.33 3.56 -9.89
CA GLU B 192 13.37 3.88 -8.92
C GLU B 192 12.78 4.39 -7.60
N VAL B 193 11.76 5.24 -7.69
CA VAL B 193 11.17 5.80 -6.48
C VAL B 193 10.55 4.70 -5.62
N PHE B 194 9.87 3.74 -6.24
CA PHE B 194 9.22 2.69 -5.48
C PHE B 194 10.20 1.80 -4.73
N GLY B 195 11.49 1.84 -5.04
CA GLY B 195 12.46 1.13 -4.25
C GLY B 195 13.34 0.15 -4.99
N GLY B 196 13.52 0.33 -6.29
CA GLY B 196 14.45 -0.48 -7.04
C GLY B 196 13.81 -1.72 -7.63
N THR B 197 14.69 -2.56 -8.19
CA THR B 197 14.27 -3.77 -8.90
C THR B 197 13.45 -4.67 -8.00
N GLY B 198 12.39 -5.25 -8.57
CA GLY B 198 11.56 -6.20 -7.86
C GLY B 198 10.60 -5.60 -6.87
N ARG B 199 10.75 -4.33 -6.51
CA ARG B 199 9.87 -3.69 -5.55
C ARG B 199 8.76 -2.88 -6.21
N ASN B 200 8.95 -2.48 -7.46
CA ASN B 200 7.97 -1.64 -8.13
C ASN B 200 6.73 -2.46 -8.47
N PHE B 201 5.81 -1.84 -9.21
CA PHE B 201 4.56 -2.50 -9.57
C PHE B 201 4.12 -2.26 -11.01
N LEU B 202 4.84 -1.44 -11.77
CA LEU B 202 4.46 -1.16 -13.15
C LEU B 202 5.70 -1.19 -14.03
N ASN B 203 5.51 -1.52 -15.29
CA ASN B 203 6.62 -1.78 -16.19
C ASN B 203 7.42 -0.51 -16.46
N PRO B 204 8.71 -0.47 -16.14
CA PRO B 204 9.46 0.79 -16.27
C PRO B 204 9.61 1.27 -17.71
N ALA B 205 10.04 0.38 -18.62
CA ALA B 205 10.25 0.79 -20.00
C ALA B 205 8.94 1.20 -20.66
N LEU B 206 7.86 0.49 -20.36
CA LEU B 206 6.59 0.85 -20.98
C LEU B 206 6.04 2.15 -20.41
N ALA B 207 6.27 2.42 -19.13
CA ALA B 207 5.94 3.75 -18.62
C ALA B 207 6.76 4.81 -19.33
N GLY B 208 8.05 4.54 -19.55
CA GLY B 208 8.89 5.50 -20.23
C GLY B 208 8.43 5.77 -21.65
N ARG B 209 7.95 4.74 -22.34
CA ARG B 209 7.44 4.96 -23.69
C ARG B 209 6.09 5.68 -23.65
N ALA B 210 5.27 5.39 -22.64
CA ALA B 210 4.00 6.08 -22.52
C ALA B 210 4.21 7.58 -22.32
N PHE B 211 5.26 7.95 -21.58
CA PHE B 211 5.53 9.37 -21.38
C PHE B 211 5.69 10.08 -22.72
N LEU B 212 6.54 9.56 -23.61
CA LEU B 212 6.69 10.17 -24.92
C LEU B 212 5.40 10.07 -25.73
N PHE B 213 4.75 8.90 -25.71
CA PHE B 213 3.56 8.67 -26.51
C PHE B 213 2.45 9.65 -26.16
N PHE B 214 2.43 10.17 -24.93
CA PHE B 214 1.41 11.12 -24.55
C PHE B 214 1.88 12.56 -24.57
N ALA B 215 3.17 12.84 -24.34
CA ALA B 215 3.62 14.21 -24.27
C ALA B 215 4.11 14.76 -25.60
N TYR B 216 4.51 13.92 -26.53
CA TYR B 216 4.97 14.44 -27.81
C TYR B 216 4.37 13.62 -28.94
N PRO B 217 3.06 13.69 -29.15
CA PRO B 217 2.43 12.83 -30.17
C PRO B 217 2.94 13.07 -31.57
N ALA B 218 3.41 14.29 -31.85
CA ALA B 218 3.92 14.59 -33.20
C ALA B 218 5.31 14.05 -33.43
N GLN B 219 5.87 13.20 -32.56
CA GLN B 219 7.21 12.65 -32.75
C GLN B 219 7.27 11.14 -32.63
N ILE B 220 6.30 10.48 -32.00
CA ILE B 220 6.30 9.04 -31.82
C ILE B 220 5.20 8.37 -32.62
N SER B 221 4.10 9.05 -32.91
CA SER B 221 3.05 8.47 -33.73
C SER B 221 2.75 9.41 -34.89
N GLY B 222 2.24 8.83 -35.98
CA GLY B 222 1.94 9.58 -37.17
C GLY B 222 2.39 8.86 -38.42
N ASP B 223 2.82 9.65 -39.41
CA ASP B 223 3.28 9.14 -40.69
C ASP B 223 4.63 9.71 -41.12
N LEU B 224 5.18 10.65 -40.35
CA LEU B 224 6.43 11.30 -40.71
C LEU B 224 7.63 10.78 -39.91
N VAL B 225 7.40 9.91 -38.92
CA VAL B 225 8.49 9.45 -38.06
C VAL B 225 8.82 7.98 -38.29
N TRP B 226 7.98 7.21 -38.97
CA TRP B 226 8.19 5.78 -39.09
C TRP B 226 9.21 5.39 -40.15
N THR B 227 9.60 6.31 -41.03
CA THR B 227 10.61 6.04 -42.05
C THR B 227 11.73 7.04 -41.92
N ALA B 228 12.97 6.55 -41.90
CA ALA B 228 14.12 7.40 -41.66
C ALA B 228 14.38 8.40 -42.79
N ALA B 229 13.74 8.21 -43.94
CA ALA B 229 14.00 9.08 -45.08
C ALA B 229 13.59 10.51 -44.77
N ASP B 230 14.43 11.46 -45.14
CA ASP B 230 14.15 12.87 -44.90
C ASP B 230 13.16 13.40 -45.94
N GLY B 231 12.09 14.03 -45.48
CA GLY B 231 11.10 14.58 -46.38
C GLY B 231 10.16 13.58 -47.00
N TYR B 232 10.13 12.35 -46.51
CA TYR B 232 9.27 11.30 -47.04
C TYR B 232 8.14 10.99 -46.06
N SER B 233 6.99 10.64 -46.62
CA SER B 233 5.82 10.27 -45.84
C SER B 233 5.48 8.81 -46.10
N GLY B 234 5.42 8.03 -45.03
CA GLY B 234 5.04 6.64 -45.12
C GLY B 234 4.27 6.20 -43.90
N ALA B 235 3.05 5.69 -44.10
CA ALA B 235 2.18 5.42 -42.98
C ALA B 235 2.60 4.16 -42.23
N TYR B 236 2.11 4.04 -41.00
CA TYR B 236 2.24 2.82 -40.24
C TYR B 236 1.57 1.69 -41.01
N ALA B 237 2.18 0.51 -41.01
CA ALA B 237 1.66 -0.59 -41.81
C ALA B 237 0.24 -0.95 -41.41
N LEU B 238 -0.03 -0.95 -40.11
CA LEU B 238 -1.37 -1.30 -39.63
C LEU B 238 -2.39 -0.23 -39.97
N SER B 239 -1.98 1.04 -39.89
CA SER B 239 -2.95 2.13 -40.03
C SER B 239 -3.61 2.14 -41.40
N GLN B 240 -2.96 1.55 -42.40
CA GLN B 240 -3.55 1.57 -43.74
C GLN B 240 -4.81 0.72 -43.80
N TRP B 241 -4.86 -0.38 -43.04
CA TRP B 241 -6.09 -1.17 -43.01
C TRP B 241 -7.22 -0.41 -42.34
N ALA B 242 -6.90 0.45 -41.38
CA ALA B 242 -7.94 1.24 -40.73
C ALA B 242 -8.62 2.20 -41.69
N GLN B 243 -8.00 2.49 -42.84
CA GLN B 243 -8.58 3.40 -43.82
C GLN B 243 -8.89 2.71 -45.15
N GLY B 244 -8.51 1.45 -45.32
CA GLY B 244 -8.82 0.75 -46.55
C GLY B 244 -8.86 -0.74 -46.32
N GLY B 245 -9.33 -1.45 -47.35
CA GLY B 245 -9.46 -2.89 -47.26
C GLY B 245 -8.11 -3.59 -47.24
N ALA B 246 -8.17 -4.91 -47.39
CA ALA B 246 -6.96 -5.71 -47.38
C ALA B 246 -6.04 -5.37 -48.55
N GLY B 247 -6.59 -4.82 -49.63
CA GLY B 247 -5.80 -4.41 -50.76
C GLY B 247 -5.10 -3.08 -50.63
N ALA B 248 -5.27 -2.39 -49.50
CA ALA B 248 -4.66 -1.10 -49.27
C ALA B 248 -3.34 -1.19 -48.52
N LEU B 249 -2.83 -2.39 -48.26
CA LEU B 249 -1.53 -2.56 -47.61
C LEU B 249 -0.42 -2.45 -48.66
N ILE B 250 -0.27 -1.24 -49.17
CA ILE B 250 0.72 -0.93 -50.21
C ILE B 250 1.81 -0.08 -49.60
N ASN B 251 3.06 -0.44 -49.87
CA ASN B 251 4.22 0.29 -49.40
C ASN B 251 4.83 1.05 -50.57
N ASN B 252 5.15 2.32 -50.34
CA ASN B 252 5.67 3.19 -51.39
C ASN B 252 7.20 3.22 -51.45
N ALA B 253 7.88 2.34 -50.72
CA ALA B 253 9.33 2.29 -50.77
C ALA B 253 9.86 2.04 -52.17
N THR B 254 9.28 1.10 -52.90
CA THR B 254 9.53 0.95 -54.34
C THR B 254 8.20 0.68 -55.04
N GLY B 255 7.19 0.33 -54.25
CA GLY B 255 5.85 0.08 -54.76
C GLY B 255 5.58 -1.39 -54.91
N GLN B 256 5.01 -2.02 -53.89
CA GLN B 256 4.67 -3.44 -53.93
C GLN B 256 3.50 -3.64 -52.98
N THR B 257 3.18 -4.90 -52.73
CA THR B 257 2.10 -5.28 -51.84
C THR B 257 2.67 -5.96 -50.60
N ILE B 258 2.18 -5.55 -49.44
CA ILE B 258 2.56 -6.15 -48.17
C ILE B 258 1.69 -7.37 -47.93
N THR B 259 2.30 -8.55 -47.89
CA THR B 259 1.60 -9.80 -47.69
C THR B 259 1.83 -10.31 -46.28
N TRP B 260 1.08 -11.35 -45.92
CA TRP B 260 1.23 -11.96 -44.60
C TRP B 260 2.65 -12.48 -44.40
N MET B 261 3.16 -13.22 -45.37
CA MET B 261 4.53 -13.72 -45.28
C MET B 261 5.52 -12.57 -45.25
N ASP B 262 5.23 -11.49 -45.98
CA ASP B 262 6.13 -10.33 -45.95
C ASP B 262 6.21 -9.73 -44.56
N ALA B 263 5.06 -9.47 -43.93
CA ALA B 263 5.07 -8.91 -42.59
C ALA B 263 5.60 -9.90 -41.56
N PHE B 264 5.51 -11.20 -41.83
CA PHE B 264 6.04 -12.20 -40.91
C PHE B 264 7.56 -12.26 -40.96
N ILE B 265 8.15 -12.22 -42.15
CA ILE B 265 9.60 -12.09 -42.23
C ILE B 265 10.05 -10.73 -41.73
N GLY B 266 9.22 -9.71 -41.87
CA GLY B 266 9.56 -8.40 -41.33
C GLY B 266 10.28 -7.47 -42.28
N ASN B 267 9.71 -7.21 -43.45
CA ASN B 267 10.25 -6.21 -44.36
C ASN B 267 9.37 -4.97 -44.44
N ILE B 268 8.39 -4.84 -43.56
CA ILE B 268 7.47 -3.70 -43.54
C ILE B 268 8.18 -2.51 -42.91
N PRO B 269 7.70 -1.28 -43.12
CA PRO B 269 8.19 -0.16 -42.32
C PRO B 269 7.70 -0.29 -40.88
N GLY B 270 8.45 0.31 -39.97
CA GLY B 270 8.10 0.26 -38.57
C GLY B 270 9.26 0.70 -37.70
N SER B 271 9.12 0.41 -36.41
CA SER B 271 10.10 0.81 -35.42
C SER B 271 11.42 0.09 -35.61
N ILE B 272 12.40 0.37 -34.76
CA ILE B 272 13.74 -0.18 -34.96
C ILE B 272 13.79 -1.66 -34.59
N GLY B 273 12.90 -2.12 -33.72
CA GLY B 273 12.99 -3.49 -33.25
C GLY B 273 11.74 -4.34 -33.36
N GLU B 274 10.57 -3.69 -33.49
CA GLU B 274 9.31 -4.41 -33.57
C GLU B 274 8.96 -4.68 -35.03
N VAL B 275 9.75 -5.58 -35.62
CA VAL B 275 9.43 -6.22 -36.90
C VAL B 275 10.03 -7.61 -36.84
N SER B 276 9.83 -8.40 -37.89
CA SER B 276 10.40 -9.75 -37.98
C SER B 276 9.93 -10.62 -36.81
N THR B 277 8.63 -10.88 -36.78
CA THR B 277 8.03 -11.73 -35.77
C THR B 277 8.72 -13.09 -35.72
N LEU B 278 9.17 -13.60 -36.87
CA LEU B 278 9.89 -14.86 -36.87
C LEU B 278 11.26 -14.72 -36.21
N ALA B 279 12.01 -13.69 -36.58
CA ALA B 279 13.32 -13.46 -36.00
C ALA B 279 13.25 -13.09 -34.54
N LEU B 280 12.05 -12.79 -34.03
CA LEU B 280 11.86 -12.55 -32.61
C LEU B 280 11.35 -13.79 -31.88
N MET B 281 10.51 -14.57 -32.54
CA MET B 281 10.05 -15.83 -31.97
C MET B 281 11.22 -16.78 -31.78
N ILE B 282 12.17 -16.78 -32.71
CA ILE B 282 13.34 -17.63 -32.57
C ILE B 282 14.09 -17.28 -31.29
N GLY B 283 14.27 -15.99 -31.03
CA GLY B 283 14.93 -15.59 -29.79
C GLY B 283 14.11 -15.92 -28.55
N ALA B 284 12.80 -15.66 -28.61
CA ALA B 284 11.97 -15.78 -27.41
C ALA B 284 11.72 -17.23 -27.02
N ALA B 285 11.74 -18.14 -27.99
CA ALA B 285 11.52 -19.55 -27.68
C ALA B 285 12.62 -20.06 -26.75
N PHE B 286 13.84 -19.55 -26.89
CA PHE B 286 14.93 -19.95 -26.03
C PHE B 286 14.60 -19.70 -24.56
N ILE B 287 14.24 -18.45 -24.23
CA ILE B 287 13.97 -18.12 -22.84
C ILE B 287 12.71 -18.80 -22.35
N VAL B 288 11.70 -18.93 -23.22
CA VAL B 288 10.46 -19.56 -22.80
C VAL B 288 10.70 -21.02 -22.45
N TYR B 289 11.47 -21.73 -23.27
CA TYR B 289 11.82 -23.11 -22.96
C TYR B 289 12.71 -23.19 -21.73
N MET B 290 13.54 -22.17 -21.49
CA MET B 290 14.45 -22.23 -20.37
C MET B 290 13.76 -21.98 -19.03
N GLY B 291 12.52 -21.53 -19.02
CA GLY B 291 11.81 -21.26 -17.78
C GLY B 291 11.99 -19.87 -17.22
N ILE B 292 12.68 -18.98 -17.94
CA ILE B 292 12.80 -17.59 -17.50
C ILE B 292 11.46 -16.86 -17.63
N ALA B 293 10.74 -17.12 -18.71
CA ALA B 293 9.45 -16.50 -18.95
C ALA B 293 8.35 -17.55 -18.87
N SER B 294 7.30 -17.24 -18.10
CA SER B 294 6.22 -18.19 -17.91
C SER B 294 5.44 -18.34 -19.22
N TRP B 295 5.20 -19.59 -19.61
CA TRP B 295 4.44 -19.84 -20.82
C TRP B 295 2.94 -19.75 -20.60
N ARG B 296 2.49 -19.74 -19.35
CA ARG B 296 1.06 -19.62 -19.07
C ARG B 296 0.52 -18.29 -19.57
N ILE B 297 1.26 -17.20 -19.33
CA ILE B 297 0.80 -15.89 -19.77
C ILE B 297 0.72 -15.85 -21.29
N ILE B 298 1.68 -16.45 -21.97
CA ILE B 298 1.67 -16.46 -23.43
C ILE B 298 0.48 -17.25 -23.95
N GLY B 299 0.22 -18.42 -23.36
CA GLY B 299 -0.95 -19.18 -23.77
C GLY B 299 -2.24 -18.41 -23.56
N GLY B 300 -2.37 -17.75 -22.39
CA GLY B 300 -3.57 -17.00 -22.11
C GLY B 300 -3.78 -15.83 -23.05
N VAL B 301 -2.71 -15.07 -23.32
CA VAL B 301 -2.85 -13.94 -24.22
C VAL B 301 -3.19 -14.40 -25.63
N MET B 302 -2.60 -15.51 -26.07
CA MET B 302 -2.92 -15.99 -27.41
C MET B 302 -4.36 -16.43 -27.51
N ILE B 303 -4.86 -17.16 -26.50
CA ILE B 303 -6.23 -17.64 -26.57
C ILE B 303 -7.21 -16.47 -26.49
N GLY B 304 -6.92 -15.48 -25.66
CA GLY B 304 -7.78 -14.32 -25.61
C GLY B 304 -7.83 -13.57 -26.93
N MET B 305 -6.66 -13.36 -27.54
CA MET B 305 -6.62 -12.63 -28.80
C MET B 305 -7.37 -13.37 -29.90
N ILE B 306 -7.14 -14.68 -30.03
CA ILE B 306 -7.79 -15.42 -31.12
C ILE B 306 -9.29 -15.46 -30.89
N LEU B 307 -9.72 -15.69 -29.64
CA LEU B 307 -11.15 -15.75 -29.35
C LEU B 307 -11.83 -14.42 -29.68
N LEU B 308 -11.28 -13.32 -29.20
CA LEU B 308 -11.95 -12.04 -29.40
C LEU B 308 -11.91 -11.61 -30.87
N SER B 309 -10.79 -11.88 -31.56
CA SER B 309 -10.73 -11.52 -32.97
C SER B 309 -11.71 -12.34 -33.80
N THR B 310 -11.85 -13.64 -33.49
CA THR B 310 -12.85 -14.44 -34.17
C THR B 310 -14.26 -13.92 -33.90
N LEU B 311 -14.51 -13.49 -32.66
CA LEU B 311 -15.82 -12.92 -32.36
C LEU B 311 -16.10 -11.67 -33.19
N PHE B 312 -15.11 -10.78 -33.29
CA PHE B 312 -15.29 -9.58 -34.09
C PHE B 312 -15.50 -9.92 -35.55
N ASN B 313 -14.73 -10.87 -36.08
CA ASN B 313 -14.88 -11.26 -37.48
C ASN B 313 -16.24 -11.86 -37.75
N VAL B 314 -16.76 -12.66 -36.82
CA VAL B 314 -18.10 -13.22 -36.98
C VAL B 314 -19.14 -12.11 -36.98
N ILE B 315 -19.00 -11.14 -36.06
CA ILE B 315 -19.95 -10.03 -36.01
C ILE B 315 -19.94 -9.26 -37.32
N GLY B 316 -18.81 -8.67 -37.65
CA GLY B 316 -18.65 -7.97 -38.91
C GLY B 316 -19.44 -6.68 -39.03
N SER B 317 -18.96 -5.77 -39.87
CA SER B 317 -19.65 -4.51 -40.14
C SER B 317 -18.97 -3.82 -41.31
N ASP B 318 -19.77 -3.19 -42.17
CA ASP B 318 -19.23 -2.49 -43.32
C ASP B 318 -18.35 -1.32 -42.91
N THR B 319 -18.69 -0.63 -41.83
CA THR B 319 -17.85 0.42 -41.30
C THR B 319 -16.75 -0.18 -40.43
N ASN B 320 -15.74 0.63 -40.12
CA ASN B 320 -14.61 0.19 -39.29
C ASN B 320 -13.96 -1.05 -39.87
N ALA B 321 -13.35 -0.85 -41.05
CA ALA B 321 -12.76 -1.92 -41.85
C ALA B 321 -11.93 -2.90 -41.04
N MET B 322 -11.42 -2.47 -39.88
CA MET B 322 -10.62 -3.35 -39.04
C MET B 322 -11.42 -4.49 -38.44
N PHE B 323 -12.74 -4.48 -38.56
CA PHE B 323 -13.55 -5.53 -37.97
C PHE B 323 -13.25 -6.89 -38.60
N ASN B 324 -12.70 -6.92 -39.81
CA ASN B 324 -12.58 -8.15 -40.56
C ASN B 324 -11.21 -8.81 -40.46
N MET B 325 -10.24 -8.19 -39.81
CA MET B 325 -8.91 -8.79 -39.71
C MET B 325 -8.96 -10.02 -38.82
N PRO B 326 -8.55 -11.18 -39.30
CA PRO B 326 -8.57 -12.39 -38.48
C PRO B 326 -7.34 -12.49 -37.58
N TRP B 327 -7.33 -13.55 -36.76
CA TRP B 327 -6.28 -13.70 -35.76
C TRP B 327 -4.92 -13.89 -36.42
N HIS B 328 -4.86 -14.67 -37.50
CA HIS B 328 -3.57 -14.91 -38.14
C HIS B 328 -3.01 -13.64 -38.75
N TRP B 329 -3.85 -12.63 -38.98
CA TRP B 329 -3.35 -11.35 -39.44
C TRP B 329 -2.98 -10.44 -38.27
N HIS B 330 -3.73 -10.53 -37.18
CA HIS B 330 -3.41 -9.73 -36.00
C HIS B 330 -2.09 -10.15 -35.37
N LEU B 331 -1.79 -11.45 -35.40
CA LEU B 331 -0.63 -12.02 -34.72
C LEU B 331 0.69 -11.42 -35.18
N VAL B 332 0.75 -10.88 -36.39
CA VAL B 332 1.99 -10.39 -36.94
C VAL B 332 2.02 -8.89 -37.15
N LEU B 333 0.89 -8.24 -37.42
CA LEU B 333 0.88 -6.83 -37.74
C LEU B 333 1.26 -5.99 -36.53
N GLY B 334 1.96 -4.89 -36.79
CA GLY B 334 2.23 -3.88 -35.78
C GLY B 334 3.06 -4.41 -34.63
N GLY B 335 2.63 -4.06 -33.41
CA GLY B 335 3.42 -4.30 -32.23
C GLY B 335 2.88 -5.38 -31.30
N PHE B 336 2.43 -6.49 -31.84
CA PHE B 336 1.82 -7.53 -31.02
C PHE B 336 2.83 -8.57 -30.56
N ALA B 337 3.64 -9.09 -31.49
CA ALA B 337 4.49 -10.23 -31.19
C ALA B 337 5.53 -9.88 -30.13
N PHE B 338 6.26 -8.78 -30.32
CA PHE B 338 7.30 -8.41 -29.37
C PHE B 338 6.72 -8.13 -28.00
N GLY B 339 5.61 -7.38 -27.96
CA GLY B 339 4.97 -7.11 -26.68
C GLY B 339 4.55 -8.38 -25.97
N MET B 340 3.90 -9.28 -26.70
CA MET B 340 3.43 -10.53 -26.10
C MET B 340 4.59 -11.36 -25.57
N PHE B 341 5.68 -11.43 -26.33
CA PHE B 341 6.77 -12.31 -25.93
C PHE B 341 7.64 -11.74 -24.83
N PHE B 342 7.81 -10.42 -24.75
CA PHE B 342 8.72 -9.87 -23.75
C PHE B 342 8.06 -8.95 -22.74
N MET B 343 7.24 -8.00 -23.18
CA MET B 343 6.66 -7.06 -22.21
C MET B 343 5.73 -7.76 -21.24
N ALA B 344 4.86 -8.63 -21.75
CA ALA B 344 3.88 -9.27 -20.89
C ALA B 344 4.53 -10.17 -19.85
N THR B 345 5.56 -10.92 -20.25
CA THR B 345 6.13 -11.95 -19.39
C THR B 345 6.98 -11.40 -18.26
N ASP B 346 6.92 -10.10 -18.00
CA ASP B 346 7.70 -9.52 -16.92
C ASP B 346 7.19 -10.01 -15.57
N PRO B 347 7.95 -10.84 -14.85
CA PRO B 347 7.40 -11.46 -13.64
C PRO B 347 7.08 -10.49 -12.53
N VAL B 348 7.79 -9.36 -12.45
CA VAL B 348 7.52 -8.40 -11.39
C VAL B 348 6.17 -7.74 -11.57
N SER B 349 5.83 -7.35 -12.79
CA SER B 349 4.54 -6.74 -13.07
C SER B 349 3.40 -7.75 -13.13
N ALA B 350 3.67 -8.98 -13.58
CA ALA B 350 2.64 -9.97 -13.79
C ALA B 350 2.09 -10.49 -12.47
N SER B 351 1.00 -11.24 -12.57
CA SER B 351 0.45 -11.90 -11.40
C SER B 351 1.42 -12.96 -10.90
N PHE B 352 1.15 -13.48 -9.70
CA PHE B 352 2.04 -14.45 -9.08
C PHE B 352 1.46 -15.85 -9.02
N THR B 353 0.15 -16.00 -8.86
CA THR B 353 -0.45 -17.31 -8.69
C THR B 353 -0.54 -18.05 -10.02
N ASN B 354 -0.44 -19.37 -9.94
CA ASN B 354 -0.45 -20.21 -11.13
C ASN B 354 -1.74 -20.04 -11.91
N SER B 355 -2.88 -19.99 -11.22
CA SER B 355 -4.14 -19.78 -11.90
C SER B 355 -4.44 -18.32 -12.18
N GLY B 356 -3.69 -17.39 -11.59
CA GLY B 356 -3.87 -15.99 -11.92
C GLY B 356 -3.11 -15.57 -13.16
N LYS B 357 -2.06 -16.31 -13.50
CA LYS B 357 -1.35 -16.01 -14.75
C LYS B 357 -2.26 -16.19 -15.95
N TRP B 358 -3.13 -17.20 -15.94
CA TRP B 358 -4.07 -17.41 -17.04
C TRP B 358 -4.98 -16.21 -17.19
N ALA B 359 -5.51 -15.70 -16.08
CA ALA B 359 -6.39 -14.54 -16.15
C ALA B 359 -5.65 -13.31 -16.66
N TYR B 360 -4.42 -13.11 -16.20
CA TYR B 360 -3.64 -11.98 -16.72
C TYR B 360 -3.47 -12.09 -18.23
N GLY B 361 -3.12 -13.29 -18.70
CA GLY B 361 -2.92 -13.46 -20.13
C GLY B 361 -4.19 -13.22 -20.93
N ILE B 362 -5.30 -13.79 -20.49
CA ILE B 362 -6.54 -13.62 -21.23
C ILE B 362 -6.97 -12.16 -21.24
N LEU B 363 -6.79 -11.46 -20.12
CA LEU B 363 -7.17 -10.05 -20.06
C LEU B 363 -6.34 -9.22 -21.04
N ILE B 364 -5.02 -9.40 -21.03
CA ILE B 364 -4.20 -8.61 -21.94
C ILE B 364 -4.50 -8.98 -23.39
N GLY B 365 -4.80 -10.25 -23.64
CA GLY B 365 -5.14 -10.67 -24.99
C GLY B 365 -6.44 -10.07 -25.49
N VAL B 366 -7.41 -9.90 -24.59
CA VAL B 366 -8.65 -9.24 -24.98
C VAL B 366 -8.38 -7.76 -25.25
N MET B 367 -7.62 -7.10 -24.37
CA MET B 367 -7.41 -5.66 -24.51
C MET B 367 -6.63 -5.32 -25.78
N CYS B 368 -5.58 -6.09 -26.09
CA CYS B 368 -4.74 -5.72 -27.23
C CYS B 368 -5.48 -5.82 -28.56
N VAL B 369 -6.64 -6.47 -28.60
CA VAL B 369 -7.48 -6.46 -29.79
C VAL B 369 -8.62 -5.47 -29.66
N LEU B 370 -9.19 -5.34 -28.46
CA LEU B 370 -10.31 -4.43 -28.26
C LEU B 370 -9.91 -2.98 -28.54
N ILE B 371 -8.80 -2.53 -27.92
CA ILE B 371 -8.42 -1.14 -28.08
C ILE B 371 -7.71 -0.87 -29.40
N ARG B 372 -7.46 -1.90 -30.20
CA ARG B 372 -6.97 -1.69 -31.55
C ARG B 372 -8.08 -1.77 -32.59
N VAL B 373 -9.20 -2.39 -32.26
CA VAL B 373 -10.31 -2.53 -33.21
C VAL B 373 -11.34 -1.42 -33.02
N VAL B 374 -11.72 -1.12 -31.78
CA VAL B 374 -12.86 -0.24 -31.58
C VAL B 374 -12.42 1.11 -30.99
N ASN B 375 -11.14 1.45 -31.19
CA ASN B 375 -10.60 2.71 -30.70
C ASN B 375 -9.88 3.43 -31.84
N PRO B 376 -10.62 4.15 -32.67
CA PRO B 376 -10.01 4.74 -33.88
C PRO B 376 -8.93 5.77 -33.58
N ALA B 377 -8.91 6.37 -32.40
CA ALA B 377 -7.94 7.41 -32.10
C ALA B 377 -6.51 6.86 -32.10
N TYR B 378 -6.32 5.68 -31.52
CA TYR B 378 -4.97 5.13 -31.46
C TYR B 378 -4.79 3.98 -32.45
N PRO B 379 -3.68 3.96 -33.16
CA PRO B 379 -3.44 2.86 -34.09
C PRO B 379 -2.77 1.64 -33.44
N GLU B 380 -2.01 1.87 -32.37
CA GLU B 380 -1.18 0.84 -31.75
C GLU B 380 -1.67 0.58 -30.33
N GLY B 381 -1.78 -0.69 -29.96
CA GLY B 381 -2.52 -1.03 -28.77
C GLY B 381 -1.79 -1.67 -27.61
N MET B 382 -0.76 -2.47 -27.87
CA MET B 382 -0.15 -3.26 -26.81
C MET B 382 0.47 -2.37 -25.74
N MET B 383 1.05 -1.24 -26.14
CA MET B 383 1.69 -0.35 -25.17
C MET B 383 0.68 0.19 -24.18
N LEU B 384 -0.58 0.35 -24.60
CA LEU B 384 -1.61 0.76 -23.65
C LEU B 384 -2.16 -0.43 -22.88
N ALA B 385 -2.33 -1.56 -23.55
CA ALA B 385 -2.98 -2.70 -22.90
C ALA B 385 -2.14 -3.24 -21.75
N ILE B 386 -0.82 -3.26 -21.90
CA ILE B 386 0.04 -3.75 -20.83
C ILE B 386 -0.07 -2.85 -19.60
N LEU B 387 -0.03 -1.53 -19.82
CA LEU B 387 -0.18 -0.61 -18.70
C LEU B 387 -1.57 -0.70 -18.08
N PHE B 388 -2.57 -1.10 -18.86
CA PHE B 388 -3.89 -1.30 -18.29
C PHE B 388 -3.94 -2.53 -17.41
N ALA B 389 -3.37 -3.64 -17.89
CA ALA B 389 -3.48 -4.90 -17.18
C ALA B 389 -2.52 -5.01 -16.01
N ASN B 390 -1.46 -4.20 -15.99
CA ASN B 390 -0.57 -4.20 -14.84
C ASN B 390 -1.31 -3.75 -13.58
N LEU B 391 -2.28 -2.85 -13.74
CA LEU B 391 -3.05 -2.39 -12.59
C LEU B 391 -3.88 -3.52 -11.99
N PHE B 392 -4.47 -4.36 -12.84
CA PHE B 392 -5.32 -5.45 -12.38
C PHE B 392 -4.57 -6.74 -12.15
N ALA B 393 -3.26 -6.75 -12.36
CA ALA B 393 -2.46 -7.94 -12.05
C ALA B 393 -2.65 -8.49 -10.65
N PRO B 394 -2.66 -7.69 -9.57
CA PRO B 394 -2.78 -8.29 -8.23
C PRO B 394 -4.20 -8.60 -7.80
N LEU B 395 -5.22 -8.06 -8.48
CA LEU B 395 -6.59 -8.35 -8.09
C LEU B 395 -6.92 -9.82 -8.33
N PHE B 396 -6.47 -10.37 -9.45
CA PHE B 396 -6.63 -11.81 -9.68
C PHE B 396 -5.92 -12.62 -8.60
N ASP B 397 -4.72 -12.17 -8.22
CA ASP B 397 -4.00 -12.83 -7.14
C ASP B 397 -4.82 -12.84 -5.86
N HIS B 398 -5.42 -11.70 -5.52
CA HIS B 398 -6.22 -11.63 -4.30
C HIS B 398 -7.44 -12.54 -4.39
N VAL B 399 -8.08 -12.61 -5.55
CA VAL B 399 -9.25 -13.49 -5.68
C VAL B 399 -8.84 -14.94 -5.48
N VAL B 400 -7.75 -15.36 -6.13
CA VAL B 400 -7.33 -16.76 -6.00
C VAL B 400 -6.92 -17.07 -4.57
N VAL B 401 -6.22 -16.14 -3.92
CA VAL B 401 -5.79 -16.35 -2.54
C VAL B 401 -7.01 -16.47 -1.63
N GLU B 402 -8.03 -15.65 -1.84
CA GLU B 402 -9.23 -15.75 -1.02
C GLU B 402 -9.91 -17.10 -1.22
N ARG B 403 -9.98 -17.58 -2.46
CA ARG B 403 -10.56 -18.90 -2.70
C ARG B 403 -9.76 -19.99 -1.99
N ASN B 404 -8.42 -19.92 -2.06
CA ASN B 404 -7.59 -20.91 -1.40
C ASN B 404 -7.77 -20.87 0.12
N ILE B 405 -7.90 -19.67 0.70
CA ILE B 405 -8.09 -19.56 2.14
C ILE B 405 -9.44 -20.11 2.54
N LYS B 406 -10.47 -19.87 1.73
CA LYS B 406 -11.76 -20.49 1.99
C LYS B 406 -11.65 -22.01 2.00
N ARG B 407 -10.92 -22.54 1.02
CA ARG B 407 -10.71 -23.99 0.96
C ARG B 407 -10.04 -24.50 2.22
N ARG B 408 -8.99 -23.80 2.67
CA ARG B 408 -8.26 -24.25 3.85
C ARG B 408 -9.12 -24.19 5.09
N LEU B 409 -9.90 -23.12 5.25
CA LEU B 409 -10.79 -23.02 6.39
C LEU B 409 -11.87 -24.10 6.33
N ALA B 410 -12.18 -24.59 5.13
CA ALA B 410 -13.03 -25.77 5.01
C ALA B 410 -12.31 -27.04 5.42
N ARG B 411 -11.02 -26.95 5.75
CA ARG B 411 -10.23 -28.05 6.29
C ARG B 411 -10.16 -29.23 5.32
N TYR B 412 -9.57 -28.94 4.16
CA TYR B 412 -9.16 -29.98 3.23
C TYR B 412 -7.82 -29.67 2.61
N GLY B 413 -6.98 -28.91 3.31
CA GLY B 413 -5.67 -28.56 2.81
C GLY B 413 -5.58 -27.13 2.32
N ASP C 6 -38.59 18.13 24.64
CA ASP C 6 -38.24 17.45 23.39
C ASP C 6 -37.52 18.39 22.44
N SER C 7 -36.72 17.83 21.54
CA SER C 7 -35.97 18.62 20.57
C SER C 7 -36.79 18.99 19.35
N ILE C 8 -38.04 18.51 19.25
CA ILE C 8 -38.84 18.71 18.05
C ILE C 8 -38.99 20.20 17.76
N LYS C 9 -39.62 20.93 18.68
CA LYS C 9 -39.87 22.35 18.46
C LYS C 9 -38.57 23.12 18.33
N LYS C 10 -37.58 22.80 19.15
CA LYS C 10 -36.31 23.52 19.12
C LYS C 10 -35.56 23.32 17.81
N THR C 11 -35.86 22.25 17.07
CA THR C 11 -35.27 22.07 15.75
C THR C 11 -36.12 22.70 14.65
N LEU C 12 -37.44 22.54 14.70
CA LEU C 12 -38.28 23.14 13.66
C LEU C 12 -38.15 24.65 13.66
N PHE C 13 -38.16 25.28 14.84
CA PHE C 13 -38.07 26.73 14.91
C PHE C 13 -36.77 27.22 14.28
N VAL C 14 -35.64 26.61 14.64
CA VAL C 14 -34.36 27.11 14.14
C VAL C 14 -34.22 26.84 12.65
N VAL C 15 -34.68 25.67 12.17
CA VAL C 15 -34.52 25.36 10.76
C VAL C 15 -35.37 26.30 9.91
N ILE C 16 -36.60 26.58 10.35
CA ILE C 16 -37.45 27.50 9.60
C ILE C 16 -36.88 28.92 9.65
N ALA C 17 -36.39 29.34 10.82
CA ALA C 17 -35.83 30.68 10.94
C ALA C 17 -34.63 30.85 10.02
N LEU C 18 -33.72 29.88 10.01
CA LEU C 18 -32.56 29.99 9.15
C LEU C 18 -32.91 29.87 7.67
N SER C 19 -33.91 29.04 7.33
CA SER C 19 -34.36 28.97 5.95
C SER C 19 -34.89 30.32 5.48
N LEU C 20 -35.71 30.98 6.32
CA LEU C 20 -36.17 32.32 5.98
C LEU C 20 -35.03 33.31 5.89
N VAL C 21 -34.03 33.17 6.77
CA VAL C 21 -32.90 34.10 6.76
C VAL C 21 -32.11 33.98 5.45
N CYS C 22 -31.86 32.75 5.00
CA CYS C 22 -30.98 32.55 3.86
C CYS C 22 -31.69 32.58 2.52
N SER C 23 -32.97 32.21 2.46
CA SER C 23 -33.69 32.19 1.20
C SER C 23 -33.78 33.57 0.58
N ILE C 24 -34.02 34.59 1.41
CA ILE C 24 -34.19 35.95 0.88
C ILE C 24 -32.92 36.41 0.20
N ILE C 25 -31.76 36.20 0.83
CA ILE C 25 -30.51 36.66 0.22
C ILE C 25 -30.19 35.83 -1.00
N VAL C 26 -30.41 34.52 -0.95
CA VAL C 26 -30.11 33.67 -2.11
C VAL C 26 -30.95 34.11 -3.31
N SER C 27 -32.25 34.30 -3.10
CA SER C 27 -33.12 34.65 -4.21
C SER C 27 -32.86 36.05 -4.72
N ALA C 28 -32.56 37.00 -3.81
CA ALA C 28 -32.22 38.34 -4.25
C ALA C 28 -30.97 38.33 -5.12
N ALA C 29 -29.96 37.59 -4.71
CA ALA C 29 -28.75 37.48 -5.52
C ALA C 29 -29.05 36.82 -6.86
N ALA C 30 -29.89 35.79 -6.85
CA ALA C 30 -30.18 35.05 -8.07
C ALA C 30 -30.90 35.91 -9.10
N VAL C 31 -31.95 36.60 -8.67
CA VAL C 31 -32.75 37.37 -9.63
C VAL C 31 -32.04 38.68 -9.99
N GLY C 32 -31.20 39.19 -9.08
CA GLY C 32 -30.53 40.45 -9.35
C GLY C 32 -29.57 40.37 -10.52
N LEU C 33 -28.79 39.29 -10.60
CA LEU C 33 -27.73 39.17 -11.58
C LEU C 33 -28.18 38.53 -12.89
N ARG C 34 -29.44 38.11 -12.99
CA ARG C 34 -29.89 37.37 -14.17
C ARG C 34 -29.75 38.22 -15.43
N ASP C 35 -30.07 39.51 -15.33
CA ASP C 35 -29.91 40.41 -16.47
C ASP C 35 -28.46 40.46 -16.92
N LYS C 36 -27.53 40.55 -15.97
CA LYS C 36 -26.13 40.63 -16.32
C LYS C 36 -25.63 39.33 -16.93
N GLN C 37 -26.10 38.18 -16.42
CA GLN C 37 -25.74 36.91 -17.04
C GLN C 37 -26.23 36.83 -18.47
N LYS C 38 -27.49 37.21 -18.71
CA LYS C 38 -28.04 37.15 -20.05
C LYS C 38 -27.28 38.07 -20.98
N GLU C 39 -26.92 39.26 -20.50
CA GLU C 39 -26.20 40.21 -21.35
C GLU C 39 -24.77 39.73 -21.63
N ASN C 40 -24.09 39.20 -20.61
CA ASN C 40 -22.70 38.79 -20.76
C ASN C 40 -22.54 37.45 -21.47
N ALA C 41 -23.63 36.70 -21.66
CA ALA C 41 -23.53 35.44 -22.37
C ALA C 41 -23.25 35.61 -23.86
N ALA C 42 -23.29 36.84 -24.37
CA ALA C 42 -23.22 37.05 -25.81
C ALA C 42 -21.82 37.42 -26.30
N LEU C 43 -20.97 38.00 -25.43
CA LEU C 43 -19.71 38.57 -25.89
C LEU C 43 -18.77 37.52 -26.46
N ASP C 44 -18.74 36.33 -25.85
CA ASP C 44 -17.81 35.29 -26.31
C ASP C 44 -18.10 34.86 -27.75
N LYS C 45 -19.33 35.01 -28.21
CA LYS C 45 -19.68 34.78 -29.61
C LYS C 45 -19.61 36.04 -30.45
N GLN C 46 -19.90 37.19 -29.84
CA GLN C 46 -19.83 38.47 -30.55
C GLN C 46 -18.43 38.77 -31.03
N SER C 47 -17.43 38.49 -30.19
CA SER C 47 -16.04 38.73 -30.59
C SER C 47 -15.70 37.90 -31.82
N LYS C 48 -16.06 36.61 -31.82
CA LYS C 48 -15.76 35.75 -32.95
C LYS C 48 -16.49 36.20 -34.21
N ILE C 49 -17.76 36.57 -34.08
CA ILE C 49 -18.53 36.97 -35.26
C ILE C 49 -17.96 38.25 -35.85
N LEU C 50 -17.64 39.23 -35.00
CA LEU C 50 -17.05 40.47 -35.50
C LEU C 50 -15.68 40.22 -36.13
N GLN C 51 -14.87 39.35 -35.52
CA GLN C 51 -13.56 39.09 -36.08
C GLN C 51 -13.65 38.36 -37.41
N VAL C 52 -14.66 37.51 -37.58
CA VAL C 52 -14.79 36.79 -38.84
C VAL C 52 -15.39 37.70 -39.91
N ALA C 53 -16.17 38.70 -39.50
CA ALA C 53 -16.64 39.69 -40.46
C ALA C 53 -15.58 40.72 -40.78
N GLY C 54 -14.53 40.81 -39.96
CA GLY C 54 -13.45 41.74 -40.19
C GLY C 54 -13.61 43.09 -39.53
N ILE C 55 -14.76 43.34 -38.89
CA ILE C 55 -14.98 44.61 -38.20
C ILE C 55 -14.37 44.52 -36.81
N GLU C 56 -13.09 44.87 -36.69
CA GLU C 56 -12.40 44.74 -35.42
C GLU C 56 -13.01 45.68 -34.38
N ALA C 57 -13.23 45.14 -33.18
CA ALA C 57 -13.78 45.92 -32.08
C ALA C 57 -13.04 45.57 -30.79
N LYS C 58 -12.48 46.57 -30.14
CA LYS C 58 -11.72 46.40 -28.91
C LYS C 58 -12.59 46.84 -27.74
N GLY C 59 -12.87 45.90 -26.83
CA GLY C 59 -13.72 46.16 -25.69
C GLY C 59 -15.16 45.73 -25.93
N SER C 60 -15.80 45.18 -24.89
CA SER C 60 -17.14 44.62 -25.05
C SER C 60 -18.16 45.69 -25.44
N LYS C 61 -18.03 46.89 -24.87
CA LYS C 61 -18.92 47.99 -25.23
C LYS C 61 -18.88 48.25 -26.73
N GLN C 62 -17.68 48.41 -27.28
CA GLN C 62 -17.54 48.62 -28.72
C GLN C 62 -18.05 47.42 -29.50
N ILE C 63 -17.76 46.21 -29.03
CA ILE C 63 -18.18 45.02 -29.76
C ILE C 63 -19.68 45.01 -29.95
N VAL C 64 -20.43 45.22 -28.85
CA VAL C 64 -21.88 45.24 -28.97
C VAL C 64 -22.33 46.44 -29.79
N GLU C 65 -21.63 47.57 -29.69
CA GLU C 65 -22.04 48.77 -30.42
C GLU C 65 -21.99 48.53 -31.93
N LEU C 66 -20.85 48.08 -32.45
CA LEU C 66 -20.79 47.90 -33.91
C LEU C 66 -21.55 46.67 -34.38
N PHE C 67 -21.75 45.65 -33.52
CA PHE C 67 -22.63 44.57 -33.96
C PHE C 67 -24.07 45.06 -34.08
N ASN C 68 -24.52 45.89 -33.13
CA ASN C 68 -25.84 46.47 -33.25
C ASN C 68 -25.92 47.38 -34.47
N LYS C 69 -24.81 48.01 -34.83
CA LYS C 69 -24.80 48.87 -36.01
C LYS C 69 -24.89 48.06 -37.30
N SER C 70 -24.23 46.91 -37.38
CA SER C 70 -23.93 46.31 -38.67
C SER C 70 -24.73 45.05 -38.97
N ILE C 71 -24.65 44.04 -38.12
CA ILE C 71 -25.07 42.68 -38.48
C ILE C 71 -26.54 42.49 -38.15
N GLU C 72 -27.25 41.86 -39.08
CA GLU C 72 -28.68 41.56 -38.90
C GLU C 72 -28.88 40.06 -38.83
N PRO C 73 -29.25 39.50 -37.68
CA PRO C 73 -29.60 38.07 -37.64
C PRO C 73 -30.82 37.78 -38.48
N ARG C 74 -30.85 36.56 -39.04
CA ARG C 74 -31.95 36.14 -39.89
C ARG C 74 -32.12 34.63 -39.76
N LEU C 75 -33.29 34.16 -40.15
CA LEU C 75 -33.61 32.74 -40.14
C LEU C 75 -33.87 32.25 -41.56
N VAL C 76 -33.70 30.95 -41.77
CA VAL C 76 -33.87 30.35 -43.08
C VAL C 76 -34.41 28.94 -42.92
N ASP C 77 -35.23 28.52 -43.87
CA ASP C 77 -35.73 27.16 -43.94
C ASP C 77 -34.80 26.35 -44.83
N PHE C 78 -34.25 25.26 -44.27
CA PHE C 78 -33.31 24.45 -45.02
C PHE C 78 -33.94 23.85 -46.27
N ASN C 79 -35.16 23.34 -46.15
CA ASN C 79 -35.89 22.85 -47.31
C ASN C 79 -36.43 24.04 -48.09
N THR C 80 -36.19 24.05 -49.40
CA THR C 80 -36.49 25.08 -50.38
C THR C 80 -35.59 26.31 -50.22
N GLY C 81 -34.75 26.38 -49.18
CA GLY C 81 -33.80 27.47 -49.07
C GLY C 81 -34.42 28.85 -49.01
N ASP C 82 -35.48 29.00 -48.23
CA ASP C 82 -36.19 30.26 -48.13
C ASP C 82 -36.22 30.76 -46.69
N PHE C 83 -36.35 32.07 -46.54
CA PHE C 83 -36.41 32.69 -45.22
C PHE C 83 -37.74 32.36 -44.54
N VAL C 84 -37.74 32.51 -43.22
CA VAL C 84 -38.93 32.31 -42.41
C VAL C 84 -39.06 33.49 -41.45
N GLU C 85 -40.29 33.72 -40.99
CA GLU C 85 -40.53 34.79 -40.05
C GLU C 85 -40.11 34.40 -38.64
N GLY C 86 -39.70 35.39 -37.86
CA GLY C 86 -39.28 35.19 -36.48
C GLY C 86 -38.05 36.02 -36.17
N ASP C 87 -37.54 35.80 -34.95
CA ASP C 87 -36.37 36.49 -34.44
C ASP C 87 -35.27 35.48 -34.15
N ALA C 88 -34.05 35.83 -34.51
CA ALA C 88 -32.90 34.95 -34.30
C ALA C 88 -31.98 35.40 -33.17
N ALA C 89 -32.24 36.58 -32.57
CA ALA C 89 -31.36 37.06 -31.51
C ALA C 89 -31.43 36.17 -30.28
N ASN C 90 -32.52 35.41 -30.12
CA ASN C 90 -32.67 34.51 -28.98
C ASN C 90 -33.00 33.10 -29.43
N TYR C 91 -32.72 32.76 -30.69
CA TYR C 91 -33.00 31.43 -31.21
C TYR C 91 -31.88 30.48 -30.81
N ASP C 92 -32.24 29.38 -30.15
CA ASP C 92 -31.25 28.40 -29.67
C ASP C 92 -31.04 27.37 -30.75
N GLN C 93 -30.00 27.58 -31.57
CA GLN C 93 -29.67 26.63 -32.62
C GLN C 93 -29.29 25.28 -32.04
N ARG C 94 -28.55 25.28 -30.93
CA ARG C 94 -28.13 24.03 -30.31
C ARG C 94 -29.33 23.22 -29.82
N LYS C 95 -30.30 23.90 -29.19
CA LYS C 95 -31.46 23.19 -28.68
C LYS C 95 -32.42 22.79 -29.80
N ALA C 96 -32.42 23.53 -30.90
CA ALA C 96 -33.34 23.24 -32.00
C ALA C 96 -33.11 21.85 -32.57
N ALA C 97 -31.90 21.31 -32.43
CA ALA C 97 -31.63 19.95 -32.88
C ALA C 97 -32.04 18.89 -31.86
N LYS C 98 -32.41 19.29 -30.65
CA LYS C 98 -32.72 18.34 -29.59
C LYS C 98 -34.21 18.02 -29.48
N GLU C 99 -35.05 18.61 -30.34
CA GLU C 99 -36.49 18.39 -30.26
C GLU C 99 -37.01 17.93 -31.63
N ALA C 100 -37.93 16.97 -31.60
CA ALA C 100 -38.43 16.38 -32.84
C ALA C 100 -39.24 17.39 -33.64
N SER C 101 -39.93 18.31 -32.97
CA SER C 101 -40.78 19.26 -33.67
C SER C 101 -39.99 20.17 -34.60
N GLU C 102 -38.68 20.32 -34.36
CA GLU C 102 -37.85 21.15 -35.22
C GLU C 102 -36.54 20.47 -35.60
N SER C 103 -36.51 19.14 -35.62
CA SER C 103 -35.32 18.39 -36.03
C SER C 103 -35.73 17.02 -36.52
N ILE C 104 -34.84 16.40 -37.29
CA ILE C 104 -35.07 15.08 -37.85
C ILE C 104 -33.81 14.23 -37.64
N LYS C 105 -34.00 13.00 -37.17
CA LYS C 105 -32.89 12.08 -37.06
C LYS C 105 -32.44 11.61 -38.44
N LEU C 106 -31.15 11.71 -38.69
CA LEU C 106 -30.60 11.33 -39.98
C LEU C 106 -30.32 9.83 -40.03
N THR C 107 -30.13 9.33 -41.24
CA THR C 107 -29.88 7.93 -41.51
C THR C 107 -28.45 7.74 -42.02
N ALA C 108 -28.14 6.52 -42.44
CA ALA C 108 -26.76 6.15 -42.76
C ALA C 108 -26.20 7.01 -43.90
N GLU C 109 -26.94 7.11 -45.01
CA GLU C 109 -26.43 7.90 -46.13
C GLU C 109 -26.53 9.40 -45.88
N GLN C 110 -27.36 9.82 -44.92
CA GLN C 110 -27.53 11.23 -44.60
C GLN C 110 -26.48 11.72 -43.60
N ASP C 111 -26.04 10.84 -42.72
CA ASP C 111 -25.13 11.25 -41.64
C ASP C 111 -23.69 11.30 -42.14
N LYS C 112 -23.36 12.36 -42.88
CA LYS C 112 -21.97 12.54 -43.30
C LYS C 112 -21.17 13.35 -42.29
N ALA C 113 -21.84 14.19 -41.50
CA ALA C 113 -21.16 15.01 -40.51
C ALA C 113 -21.08 14.35 -39.15
N LYS C 114 -21.59 13.12 -39.00
CA LYS C 114 -21.59 12.40 -37.73
C LYS C 114 -22.29 13.21 -36.64
N ILE C 115 -23.49 13.70 -36.95
CA ILE C 115 -24.26 14.52 -36.02
C ILE C 115 -25.53 13.79 -35.63
N GLN C 116 -26.14 13.10 -36.59
CA GLN C 116 -27.37 12.32 -36.40
C GLN C 116 -28.59 13.21 -36.16
N ARG C 117 -28.39 14.52 -36.03
CA ARG C 117 -29.48 15.46 -35.82
C ARG C 117 -29.24 16.71 -36.65
N ARG C 118 -30.33 17.26 -37.19
CA ARG C 118 -30.26 18.48 -37.98
C ARG C 118 -31.55 19.26 -37.77
N ALA C 119 -31.41 20.55 -37.46
CA ALA C 119 -32.58 21.38 -37.24
C ALA C 119 -33.32 21.63 -38.56
N ASN C 120 -34.62 21.89 -38.45
CA ASN C 120 -35.42 22.21 -39.62
C ASN C 120 -35.27 23.66 -40.06
N VAL C 121 -34.98 24.56 -39.12
CA VAL C 121 -34.74 25.97 -39.43
C VAL C 121 -33.51 26.41 -38.67
N GLY C 122 -32.55 26.99 -39.39
CA GLY C 122 -31.32 27.46 -38.80
C GLY C 122 -31.26 28.96 -38.68
N VAL C 123 -30.05 29.46 -38.40
CA VAL C 123 -29.80 30.89 -38.25
C VAL C 123 -28.64 31.29 -39.16
N VAL C 124 -28.82 32.41 -39.87
CA VAL C 124 -27.82 32.94 -40.77
C VAL C 124 -27.61 34.41 -40.47
N TYR C 125 -26.35 34.82 -40.40
CA TYR C 125 -25.98 36.19 -40.07
C TYR C 125 -25.54 36.92 -41.32
N LEU C 126 -25.99 38.16 -41.47
CA LEU C 126 -25.65 39.00 -42.62
C LEU C 126 -24.98 40.27 -42.12
N VAL C 127 -23.84 40.62 -42.72
CA VAL C 127 -23.16 41.87 -42.41
C VAL C 127 -23.57 42.89 -43.46
N LYS C 128 -23.74 44.14 -43.05
CA LYS C 128 -24.25 45.18 -43.93
C LYS C 128 -23.43 46.45 -43.81
N ASP C 129 -23.32 47.16 -44.93
CA ASP C 129 -22.77 48.51 -44.97
C ASP C 129 -23.85 49.55 -45.20
N GLY C 130 -25.12 49.16 -45.11
CA GLY C 130 -26.24 50.01 -45.46
C GLY C 130 -27.50 49.18 -45.56
N ASP C 131 -28.23 49.31 -46.67
CA ASP C 131 -29.36 48.45 -46.97
C ASP C 131 -28.99 47.33 -47.93
N LYS C 132 -27.70 47.00 -48.01
CA LYS C 132 -27.22 45.91 -48.87
C LYS C 132 -26.20 45.11 -48.10
N THR C 133 -26.03 43.85 -48.50
CA THR C 133 -25.17 42.91 -47.80
C THR C 133 -23.88 42.68 -48.59
N SER C 134 -22.75 42.80 -47.90
CA SER C 134 -21.46 42.49 -48.52
C SER C 134 -21.03 41.06 -48.24
N LYS C 135 -21.16 40.61 -47.00
CA LYS C 135 -20.76 39.26 -46.61
C LYS C 135 -21.89 38.64 -45.81
N VAL C 136 -21.95 37.31 -45.82
CA VAL C 136 -22.93 36.57 -45.05
C VAL C 136 -22.22 35.48 -44.28
N ILE C 137 -22.40 35.46 -42.96
CA ILE C 137 -21.73 34.52 -42.07
C ILE C 137 -22.60 33.28 -41.94
N LEU C 138 -21.98 32.11 -42.00
CA LEU C 138 -22.68 30.85 -41.88
C LEU C 138 -22.14 30.06 -40.70
N PRO C 139 -22.95 29.72 -39.70
CA PRO C 139 -22.46 28.87 -38.62
C PRO C 139 -22.57 27.39 -38.96
N VAL C 140 -21.44 26.70 -39.03
CA VAL C 140 -21.39 25.30 -39.43
C VAL C 140 -20.65 24.50 -38.37
N HIS C 141 -21.14 23.29 -38.08
CA HIS C 141 -20.52 22.43 -37.09
C HIS C 141 -20.52 20.99 -37.60
N GLY C 142 -19.54 20.23 -37.10
CA GLY C 142 -19.41 18.83 -37.44
C GLY C 142 -18.73 18.09 -36.31
N ASN C 143 -18.55 16.80 -36.50
CA ASN C 143 -17.95 15.95 -35.49
C ASN C 143 -16.49 15.67 -35.85
N GLY C 144 -15.59 15.98 -34.93
CA GLY C 144 -14.19 15.68 -35.09
C GLY C 144 -13.82 14.35 -34.47
N LEU C 145 -12.61 14.26 -33.95
CA LEU C 145 -12.16 13.02 -33.33
C LEU C 145 -12.65 12.92 -31.89
N TRP C 146 -12.20 13.82 -31.02
CA TRP C 146 -12.57 13.72 -29.61
C TRP C 146 -14.02 14.18 -29.39
N SER C 147 -14.41 15.29 -30.00
CA SER C 147 -15.73 15.87 -29.75
C SER C 147 -16.13 16.71 -30.95
N MET C 148 -17.25 17.41 -30.79
CA MET C 148 -17.76 18.28 -31.84
C MET C 148 -16.90 19.53 -31.98
N MET C 149 -16.99 20.15 -33.16
CA MET C 149 -16.39 21.45 -33.41
C MET C 149 -17.42 22.36 -34.03
N TYR C 150 -17.35 23.64 -33.66
CA TYR C 150 -18.28 24.65 -34.17
C TYR C 150 -17.49 25.77 -34.80
N ALA C 151 -17.96 26.27 -35.95
CA ALA C 151 -17.17 27.23 -36.70
C ALA C 151 -18.06 28.12 -37.54
N PHE C 152 -17.49 29.24 -37.98
CA PHE C 152 -18.14 30.17 -38.89
C PHE C 152 -17.40 30.16 -40.22
N VAL C 153 -18.15 30.04 -41.31
CA VAL C 153 -17.59 30.17 -42.65
C VAL C 153 -18.22 31.41 -43.29
N ALA C 154 -17.37 32.35 -43.68
CA ALA C 154 -17.83 33.62 -44.24
C ALA C 154 -17.67 33.59 -45.75
N VAL C 155 -18.79 33.75 -46.46
CA VAL C 155 -18.80 33.75 -47.91
C VAL C 155 -19.32 35.09 -48.40
N GLU C 156 -18.87 35.49 -49.59
CA GLU C 156 -19.36 36.72 -50.19
C GLU C 156 -20.70 36.47 -50.87
N THR C 157 -21.29 37.54 -51.39
CA THR C 157 -22.61 37.45 -52.00
C THR C 157 -22.63 36.64 -53.29
N ASP C 158 -21.47 36.35 -53.87
CA ASP C 158 -21.44 35.53 -55.08
C ASP C 158 -21.80 34.08 -54.81
N GLY C 159 -21.74 33.64 -53.56
CA GLY C 159 -22.01 32.26 -53.24
C GLY C 159 -20.95 31.29 -53.69
N ASN C 160 -19.72 31.78 -53.91
CA ASN C 160 -18.66 30.93 -54.42
C ASN C 160 -17.41 31.00 -53.56
N THR C 161 -17.12 32.18 -53.00
CA THR C 161 -15.81 32.46 -52.40
C THR C 161 -15.90 32.51 -50.88
N VAL C 162 -14.94 31.87 -50.22
CA VAL C 162 -14.79 31.99 -48.78
C VAL C 162 -13.97 33.23 -48.46
N SER C 163 -14.45 34.03 -47.51
CA SER C 163 -13.75 35.22 -47.06
C SER C 163 -13.05 35.06 -45.71
N GLY C 164 -13.37 34.02 -44.96
CA GLY C 164 -12.70 33.78 -43.70
C GLY C 164 -13.34 32.63 -42.97
N LEU C 165 -12.52 31.95 -42.16
CA LEU C 165 -12.97 30.79 -41.38
C LEU C 165 -12.36 30.85 -39.99
N THR C 166 -13.19 30.65 -38.97
CA THR C 166 -12.73 30.66 -37.59
C THR C 166 -13.51 29.64 -36.79
N TYR C 167 -12.78 28.84 -36.00
CA TYR C 167 -13.38 27.88 -35.08
C TYR C 167 -13.35 28.46 -33.68
N TYR C 168 -14.52 28.77 -33.13
CA TYR C 168 -14.59 29.39 -31.82
C TYR C 168 -14.57 28.38 -30.67
N GLU C 169 -14.72 27.09 -30.95
CA GLU C 169 -14.54 26.06 -29.94
C GLU C 169 -14.42 24.70 -30.59
N GLN C 170 -13.34 23.98 -30.30
CA GLN C 170 -13.08 22.72 -30.99
C GLN C 170 -12.86 21.54 -30.05
N GLY C 171 -12.20 21.74 -28.92
CA GLY C 171 -12.00 20.67 -27.97
C GLY C 171 -11.20 19.48 -28.48
N GLU C 172 -10.14 19.74 -29.24
CA GLU C 172 -9.24 18.69 -29.69
C GLU C 172 -7.94 18.73 -28.89
N THR C 173 -7.00 17.87 -29.24
CA THR C 173 -5.69 17.88 -28.61
C THR C 173 -4.84 18.99 -29.20
N PRO C 174 -4.38 19.95 -28.41
CA PRO C 174 -3.59 21.05 -28.98
C PRO C 174 -2.25 20.58 -29.50
N GLY C 175 -1.75 21.30 -30.50
CA GLY C 175 -0.48 20.98 -31.12
C GLY C 175 -0.61 20.33 -32.48
N LEU C 176 -1.45 19.30 -32.59
CA LEU C 176 -1.72 18.71 -33.89
C LEU C 176 -3.19 18.60 -34.21
N GLY C 177 -4.02 18.29 -33.22
CA GLY C 177 -5.44 18.13 -33.48
C GLY C 177 -6.17 19.45 -33.52
N GLY C 178 -6.09 20.21 -32.43
CA GLY C 178 -6.78 21.48 -32.34
C GLY C 178 -5.99 22.64 -32.93
N GLU C 179 -5.35 22.41 -34.07
CA GLU C 179 -4.58 23.47 -34.72
C GLU C 179 -5.44 24.36 -35.60
N VAL C 180 -6.75 24.12 -35.66
CA VAL C 180 -7.64 24.87 -36.54
C VAL C 180 -7.68 26.34 -36.13
N GLU C 181 -7.23 26.63 -34.92
CA GLU C 181 -7.20 28.01 -34.43
C GLU C 181 -5.93 28.75 -34.81
N ASN C 182 -5.04 28.13 -35.56
CA ASN C 182 -3.81 28.78 -35.98
C ASN C 182 -4.13 29.93 -36.94
N PRO C 183 -3.68 31.15 -36.66
CA PRO C 183 -3.94 32.25 -37.60
C PRO C 183 -3.38 32.01 -38.99
N ALA C 184 -2.21 31.39 -39.09
CA ALA C 184 -1.63 31.10 -40.40
C ALA C 184 -2.49 30.12 -41.17
N TRP C 185 -2.97 29.07 -40.50
CA TRP C 185 -3.84 28.11 -41.16
C TRP C 185 -5.16 28.75 -41.57
N ARG C 186 -5.69 29.64 -40.72
CA ARG C 186 -6.92 30.34 -41.06
C ARG C 186 -6.73 31.23 -42.28
N ALA C 187 -5.57 31.89 -42.37
CA ALA C 187 -5.32 32.82 -43.48
C ALA C 187 -5.27 32.12 -44.82
N GLN C 188 -5.16 30.78 -44.84
CA GLN C 188 -5.18 30.07 -46.11
C GLN C 188 -6.54 30.15 -46.80
N TRP C 189 -7.63 30.21 -46.03
CA TRP C 189 -8.96 30.03 -46.61
C TRP C 189 -9.43 31.20 -47.45
N VAL C 190 -8.73 32.33 -47.45
CA VAL C 190 -9.19 33.49 -48.19
C VAL C 190 -9.02 33.24 -49.68
N GLY C 191 -10.09 33.49 -50.45
CA GLY C 191 -10.06 33.35 -51.89
C GLY C 191 -10.46 31.99 -52.42
N LYS C 192 -10.62 31.00 -51.56
CA LYS C 192 -10.97 29.66 -52.03
C LYS C 192 -12.42 29.63 -52.51
N LYS C 193 -12.74 28.61 -53.31
CA LYS C 193 -14.03 28.51 -53.97
C LYS C 193 -14.79 27.30 -53.44
N LEU C 194 -16.06 27.52 -53.06
CA LEU C 194 -16.88 26.43 -52.56
C LEU C 194 -17.39 25.51 -53.67
N PHE C 195 -17.67 26.05 -54.85
CA PHE C 195 -18.34 25.29 -55.89
C PHE C 195 -17.57 25.38 -57.20
N ASP C 196 -17.90 24.49 -58.12
CA ASP C 196 -17.33 24.40 -59.44
C ASP C 196 -18.39 24.80 -60.48
N GLU C 197 -18.04 24.61 -61.76
CA GLU C 197 -18.98 24.94 -62.83
C GLU C 197 -20.25 24.11 -62.74
N ASN C 198 -20.13 22.83 -62.38
CA ASN C 198 -21.28 21.96 -62.26
C ASN C 198 -22.08 22.19 -60.98
N HIS C 199 -21.78 23.24 -60.22
CA HIS C 199 -22.48 23.65 -59.00
C HIS C 199 -22.32 22.65 -57.87
N LYS C 200 -21.37 21.73 -57.96
CA LYS C 200 -21.18 20.79 -56.87
C LYS C 200 -20.13 21.33 -55.88
N PRO C 201 -20.26 20.99 -54.60
CA PRO C 201 -19.26 21.43 -53.61
C PRO C 201 -17.93 20.75 -53.88
N ALA C 202 -16.89 21.55 -54.12
CA ALA C 202 -15.59 21.03 -54.49
C ALA C 202 -14.48 21.37 -53.52
N ILE C 203 -14.80 21.73 -52.27
CA ILE C 203 -13.75 22.02 -51.29
C ILE C 203 -13.06 20.73 -50.90
N LYS C 204 -11.74 20.72 -51.02
CA LYS C 204 -10.94 19.53 -50.72
C LYS C 204 -9.84 19.91 -49.75
N ILE C 205 -9.66 19.10 -48.72
CA ILE C 205 -8.56 19.26 -47.78
C ILE C 205 -7.41 18.38 -48.27
N VAL C 206 -6.30 19.01 -48.62
CA VAL C 206 -5.18 18.33 -49.26
C VAL C 206 -4.11 18.07 -48.21
N LYS C 207 -3.70 16.81 -48.09
CA LYS C 207 -2.64 16.47 -47.15
C LYS C 207 -1.28 16.84 -47.72
N GLY C 208 -0.36 17.18 -46.82
CA GLY C 208 0.99 17.51 -47.23
C GLY C 208 1.14 18.86 -47.91
N GLY C 209 0.11 19.69 -47.89
CA GLY C 209 0.18 20.98 -48.54
C GLY C 209 -0.48 20.99 -49.90
N ALA C 210 -1.52 21.80 -50.06
CA ALA C 210 -2.20 21.90 -51.33
C ALA C 210 -1.29 22.55 -52.36
N PRO C 211 -1.51 22.29 -53.65
CA PRO C 211 -0.71 22.94 -54.68
C PRO C 211 -0.86 24.45 -54.61
N GLN C 212 0.23 25.15 -54.86
CA GLN C 212 0.23 26.61 -54.75
C GLN C 212 -0.73 27.21 -55.76
N GLY C 213 -1.56 28.14 -55.30
CA GLY C 213 -2.58 28.74 -56.13
C GLY C 213 -3.82 27.91 -56.36
N SER C 214 -3.98 26.82 -55.61
CA SER C 214 -5.15 25.97 -55.79
C SER C 214 -6.43 26.71 -55.43
N GLU C 215 -7.48 26.47 -56.21
CA GLU C 215 -8.78 27.08 -56.01
C GLU C 215 -9.75 26.17 -55.27
N HIS C 216 -9.31 24.98 -54.86
CA HIS C 216 -10.17 24.08 -54.10
C HIS C 216 -9.46 23.35 -52.97
N GLY C 217 -8.19 23.65 -52.70
CA GLY C 217 -7.41 22.92 -51.74
C GLY C 217 -7.05 23.76 -50.53
N VAL C 218 -7.05 23.12 -49.36
CA VAL C 218 -6.58 23.73 -48.13
C VAL C 218 -5.67 22.72 -47.43
N ASP C 219 -4.58 23.22 -46.85
CA ASP C 219 -3.57 22.35 -46.27
C ASP C 219 -4.19 21.46 -45.19
N GLY C 220 -3.95 20.16 -45.30
CA GLY C 220 -4.35 19.26 -44.25
C GLY C 220 -3.55 19.49 -42.98
N LEU C 221 -4.21 19.30 -41.85
CA LEU C 221 -3.55 19.52 -40.57
C LEU C 221 -2.41 18.54 -40.39
N SER C 222 -1.26 19.05 -39.94
CA SER C 222 -0.04 18.26 -39.85
C SER C 222 -0.19 17.13 -38.84
N GLY C 223 -0.31 15.91 -39.32
CA GLY C 223 -0.38 14.77 -38.43
C GLY C 223 -1.72 14.54 -37.77
N ALA C 224 -2.78 15.20 -38.24
CA ALA C 224 -4.13 14.97 -37.73
C ALA C 224 -5.04 14.63 -38.90
N THR C 225 -4.97 13.37 -39.33
CA THR C 225 -5.73 12.92 -40.48
C THR C 225 -7.20 12.69 -40.13
N LEU C 226 -7.49 12.20 -38.93
CA LEU C 226 -8.88 12.06 -38.51
C LEU C 226 -9.56 13.43 -38.43
N THR C 227 -8.86 14.43 -37.91
CA THR C 227 -9.44 15.78 -37.85
C THR C 227 -9.63 16.39 -39.23
N SER C 228 -8.65 16.22 -40.13
CA SER C 228 -8.83 16.70 -41.49
C SER C 228 -10.03 16.02 -42.16
N ASN C 229 -10.16 14.70 -41.97
CA ASN C 229 -11.32 13.99 -42.52
C ASN C 229 -12.61 14.50 -41.92
N GLY C 230 -12.59 14.83 -40.63
CA GLY C 230 -13.78 15.38 -40.00
C GLY C 230 -14.21 16.69 -40.61
N VAL C 231 -13.25 17.60 -40.82
CA VAL C 231 -13.61 18.90 -41.39
C VAL C 231 -14.08 18.72 -42.84
N GLN C 232 -13.44 17.80 -43.58
CA GLN C 232 -13.87 17.54 -44.94
C GLN C 232 -15.29 17.01 -44.99
N ASN C 233 -15.62 16.09 -44.09
CA ASN C 233 -16.99 15.56 -44.02
C ASN C 233 -17.97 16.65 -43.64
N THR C 234 -17.59 17.51 -42.69
CA THR C 234 -18.48 18.60 -42.28
C THR C 234 -18.84 19.48 -43.46
N PHE C 235 -17.83 19.91 -44.23
CA PHE C 235 -18.11 20.77 -45.37
C PHE C 235 -18.88 20.03 -46.45
N ASP C 236 -18.51 18.77 -46.73
CA ASP C 236 -19.19 18.03 -47.77
C ASP C 236 -20.64 17.76 -47.42
N PHE C 237 -20.98 17.77 -46.13
CA PHE C 237 -22.39 17.61 -45.75
C PHE C 237 -23.12 18.94 -45.78
N TRP C 238 -22.58 19.95 -45.10
CA TRP C 238 -23.31 21.20 -44.96
C TRP C 238 -23.29 22.06 -46.22
N LEU C 239 -22.54 21.66 -47.25
CA LEU C 239 -22.65 22.31 -48.55
C LEU C 239 -23.48 21.51 -49.54
N GLY C 240 -24.01 20.35 -49.12
CA GLY C 240 -24.86 19.57 -50.00
C GLY C 240 -26.28 20.11 -50.04
N ASP C 241 -27.11 19.43 -50.83
CA ASP C 241 -28.50 19.88 -50.99
C ASP C 241 -29.34 19.66 -49.73
N MET C 242 -28.80 18.96 -48.73
CA MET C 242 -29.47 18.78 -47.46
C MET C 242 -28.95 19.73 -46.38
N GLY C 243 -28.19 20.74 -46.78
CA GLY C 243 -27.66 21.72 -45.84
C GLY C 243 -27.97 23.14 -46.26
N PHE C 244 -26.94 23.95 -46.45
CA PHE C 244 -27.10 25.34 -46.86
C PHE C 244 -27.07 25.52 -48.37
N GLY C 245 -27.09 24.43 -49.15
CA GLY C 245 -27.09 24.53 -50.59
C GLY C 245 -28.30 25.18 -51.22
N PRO C 246 -29.53 24.82 -50.80
CA PRO C 246 -30.70 25.53 -51.32
C PRO C 246 -30.66 27.01 -51.03
N PHE C 247 -30.10 27.41 -49.88
CA PHE C 247 -29.93 28.83 -49.60
C PHE C 247 -28.84 29.46 -50.45
N LEU C 248 -27.73 28.74 -50.66
CA LEU C 248 -26.63 29.28 -51.45
C LEU C 248 -27.05 29.54 -52.89
N THR C 249 -27.91 28.67 -53.44
CA THR C 249 -28.46 28.92 -54.76
C THR C 249 -29.16 30.28 -54.79
N LYS C 250 -29.93 30.59 -53.74
CA LYS C 250 -30.61 31.87 -53.69
C LYS C 250 -29.64 33.03 -53.46
N VAL C 251 -28.55 32.80 -52.72
CA VAL C 251 -27.52 33.84 -52.58
C VAL C 251 -26.96 34.21 -53.94
N ARG C 252 -26.65 33.21 -54.76
CA ARG C 252 -26.20 33.53 -56.11
C ARG C 252 -27.32 34.11 -56.97
N ASP C 253 -28.56 33.74 -56.71
CA ASP C 253 -29.71 34.35 -57.39
C ASP C 253 -29.95 35.80 -56.98
N GLY C 254 -29.35 36.25 -55.88
CA GLY C 254 -29.46 37.63 -55.48
C GLY C 254 -30.49 37.86 -54.38
N GLY C 255 -30.75 39.14 -54.13
CA GLY C 255 -31.69 39.52 -53.11
C GLY C 255 -31.20 39.32 -51.70
N LEU C 256 -29.89 39.22 -51.51
CA LEU C 256 -29.33 38.96 -50.19
C LEU C 256 -29.34 40.23 -49.33
N LEU D 7 -3.14 37.10 17.28
CA LEU D 7 -1.81 37.59 16.94
C LEU D 7 -1.43 37.13 15.53
N LYS D 8 -0.49 37.84 14.91
CA LYS D 8 -0.07 37.56 13.54
C LYS D 8 0.60 36.20 13.39
N LYS D 9 1.34 35.74 14.40
CA LYS D 9 2.21 34.59 14.27
C LYS D 9 1.48 33.27 14.05
N SER D 10 0.16 33.21 14.25
CA SER D 10 -0.55 31.94 14.21
C SER D 10 -1.37 31.71 12.95
N VAL D 11 -1.38 32.66 12.01
CA VAL D 11 -2.22 32.47 10.82
C VAL D 11 -1.47 31.73 9.73
N LEU D 12 -0.13 31.77 9.74
CA LEU D 12 0.64 31.15 8.68
C LEU D 12 0.78 29.65 8.84
N ALA D 13 0.29 29.07 9.94
CA ALA D 13 0.47 27.64 10.20
C ALA D 13 -0.03 26.75 9.08
N PRO D 14 -1.23 26.95 8.51
CA PRO D 14 -1.68 26.07 7.43
C PRO D 14 -0.87 26.19 6.14
N VAL D 15 0.10 27.10 6.07
CA VAL D 15 0.92 27.19 4.87
C VAL D 15 1.90 26.03 4.79
N LEU D 16 2.67 25.82 5.86
CA LEU D 16 3.64 24.74 5.92
C LEU D 16 3.41 23.81 7.10
N ASP D 17 3.18 24.34 8.29
CA ASP D 17 3.15 23.50 9.49
C ASP D 17 1.97 22.54 9.48
N ASN D 18 0.81 23.01 9.04
CA ASN D 18 -0.42 22.22 9.01
C ASN D 18 -1.08 22.35 7.65
N ASN D 19 -0.30 22.14 6.60
CA ASN D 19 -0.79 22.32 5.24
C ASN D 19 -1.99 21.41 4.99
N PRO D 20 -3.08 21.92 4.41
CA PRO D 20 -4.29 21.12 4.31
C PRO D 20 -4.23 20.03 3.26
N ILE D 21 -3.39 20.17 2.24
CA ILE D 21 -3.26 19.15 1.22
C ILE D 21 -1.99 18.33 1.40
N ALA D 22 -1.03 18.80 2.19
CA ALA D 22 0.21 18.08 2.42
C ALA D 22 0.15 17.19 3.66
N LEU D 23 -0.14 17.76 4.82
CA LEU D 23 -0.20 16.96 6.03
C LEU D 23 -1.47 16.11 6.07
N GLN D 24 -2.59 16.66 5.64
CA GLN D 24 -3.85 15.94 5.59
C GLN D 24 -4.37 15.90 4.16
N VAL D 25 -5.45 15.16 3.96
CA VAL D 25 -5.88 14.76 2.63
C VAL D 25 -7.14 15.51 2.19
N LEU D 26 -7.33 16.72 2.70
CA LEU D 26 -8.52 17.49 2.37
C LEU D 26 -8.29 18.37 1.16
N GLY D 27 -9.28 18.41 0.27
CA GLY D 27 -9.25 19.29 -0.87
C GLY D 27 -8.25 18.92 -1.95
N VAL D 28 -8.50 17.82 -2.64
CA VAL D 28 -7.57 17.35 -3.68
C VAL D 28 -8.25 17.41 -5.05
N CYS D 29 -9.57 17.25 -5.08
CA CYS D 29 -10.29 17.23 -6.35
C CYS D 29 -10.11 18.53 -7.12
N SER D 30 -10.41 19.66 -6.47
CA SER D 30 -10.22 20.95 -7.11
C SER D 30 -8.75 21.17 -7.45
N ALA D 31 -7.86 20.76 -6.55
CA ALA D 31 -6.42 20.98 -6.75
C ALA D 31 -5.94 20.31 -8.04
N LEU D 32 -6.31 19.06 -8.25
CA LEU D 32 -5.82 18.34 -9.42
C LEU D 32 -6.69 18.56 -10.65
N ALA D 33 -7.85 19.20 -10.52
CA ALA D 33 -8.66 19.43 -11.71
C ALA D 33 -8.53 20.85 -12.28
N VAL D 34 -8.38 21.85 -11.42
CA VAL D 34 -8.42 23.23 -11.87
C VAL D 34 -7.10 23.71 -12.47
N THR D 35 -5.97 23.19 -12.00
CA THR D 35 -4.67 23.78 -12.28
C THR D 35 -4.25 23.72 -13.74
N THR D 36 -5.12 23.32 -14.66
CA THR D 36 -4.77 23.34 -16.07
C THR D 36 -4.31 24.72 -16.52
N LYS D 37 -4.80 25.77 -15.87
CA LYS D 37 -4.32 27.12 -16.13
C LYS D 37 -3.87 27.76 -14.82
N LEU D 38 -3.62 29.07 -14.85
CA LEU D 38 -3.33 29.85 -13.66
C LEU D 38 -4.40 30.87 -13.35
N GLU D 39 -4.97 31.49 -14.39
CA GLU D 39 -6.07 32.44 -14.23
C GLU D 39 -7.32 31.78 -13.68
N THR D 40 -7.45 30.46 -13.78
CA THR D 40 -8.54 29.76 -13.14
C THR D 40 -8.17 29.32 -11.72
N ALA D 41 -6.90 28.96 -11.50
CA ALA D 41 -6.46 28.58 -10.18
C ALA D 41 -6.58 29.74 -9.20
N PHE D 42 -6.27 30.95 -9.65
CA PHE D 42 -6.38 32.10 -8.76
C PHE D 42 -7.83 32.31 -8.31
N VAL D 43 -8.78 32.24 -9.25
CA VAL D 43 -10.19 32.42 -8.90
C VAL D 43 -10.65 31.29 -7.99
N MET D 44 -10.25 30.05 -8.29
CA MET D 44 -10.62 28.94 -7.43
C MET D 44 -10.08 29.09 -6.02
N THR D 45 -8.86 29.61 -5.85
CA THR D 45 -8.35 29.77 -4.49
C THR D 45 -9.03 30.93 -3.77
N LEU D 46 -9.35 32.02 -4.48
CA LEU D 46 -10.07 33.11 -3.82
C LEU D 46 -11.45 32.66 -3.37
N ALA D 47 -12.15 31.88 -4.21
CA ALA D 47 -13.46 31.39 -3.82
C ALA D 47 -13.38 30.51 -2.58
N VAL D 48 -12.41 29.60 -2.54
CA VAL D 48 -12.29 28.71 -1.40
C VAL D 48 -11.97 29.51 -0.14
N MET D 49 -11.04 30.46 -0.23
CA MET D 49 -10.71 31.28 0.93
C MET D 49 -11.93 32.00 1.46
N PHE D 50 -12.64 32.73 0.59
CA PHE D 50 -13.76 33.54 1.06
C PHE D 50 -14.89 32.67 1.60
N VAL D 51 -15.23 31.58 0.91
CA VAL D 51 -16.32 30.73 1.36
C VAL D 51 -15.98 30.08 2.69
N THR D 52 -14.75 29.56 2.82
CA THR D 52 -14.35 28.94 4.07
C THR D 52 -14.41 29.93 5.21
N ALA D 53 -13.88 31.14 4.99
CA ALA D 53 -13.83 32.13 6.05
C ALA D 53 -15.23 32.54 6.49
N LEU D 54 -16.10 32.88 5.54
CA LEU D 54 -17.45 33.30 5.90
C LEU D 54 -18.23 32.17 6.55
N SER D 55 -18.10 30.95 6.04
CA SER D 55 -18.84 29.83 6.61
C SER D 55 -18.40 29.55 8.04
N ASN D 56 -17.09 29.55 8.28
CA ASN D 56 -16.60 29.32 9.64
C ASN D 56 -17.05 30.44 10.57
N PHE D 57 -16.99 31.69 10.11
CA PHE D 57 -17.44 32.81 10.92
C PHE D 57 -18.91 32.64 11.33
N PHE D 58 -19.77 32.35 10.35
CA PHE D 58 -21.19 32.24 10.64
C PHE D 58 -21.48 31.05 11.57
N VAL D 59 -20.94 29.88 11.24
CA VAL D 59 -21.23 28.69 12.05
C VAL D 59 -20.71 28.87 13.47
N SER D 60 -19.56 29.51 13.64
CA SER D 60 -19.08 29.78 14.98
C SER D 60 -19.96 30.81 15.68
N LEU D 61 -20.52 31.75 14.92
CA LEU D 61 -21.40 32.75 15.52
C LEU D 61 -22.64 32.11 16.10
N ILE D 62 -23.25 31.17 15.38
CA ILE D 62 -24.46 30.51 15.87
C ILE D 62 -24.16 29.11 16.41
N ARG D 63 -22.93 28.86 16.85
CA ARG D 63 -22.54 27.51 17.26
C ARG D 63 -23.29 27.04 18.50
N ASN D 64 -23.78 27.98 19.33
CA ASN D 64 -24.33 27.61 20.63
C ASN D 64 -25.83 27.32 20.58
N HIS D 65 -26.48 27.51 19.44
CA HIS D 65 -27.93 27.36 19.36
C HIS D 65 -28.40 26.29 18.38
N ILE D 66 -27.57 25.89 17.42
CA ILE D 66 -27.97 24.85 16.47
C ILE D 66 -27.96 23.50 17.17
N PRO D 67 -28.78 22.54 16.74
CA PRO D 67 -28.76 21.22 17.35
C PRO D 67 -27.73 20.32 16.72
N ASN D 68 -27.38 19.26 17.45
CA ASN D 68 -26.45 18.26 16.95
C ASN D 68 -27.14 17.08 16.28
N SER D 69 -28.47 17.02 16.30
CA SER D 69 -29.17 15.92 15.67
C SER D 69 -29.11 16.00 14.16
N VAL D 70 -29.39 17.17 13.60
CA VAL D 70 -29.47 17.37 12.15
C VAL D 70 -28.49 18.44 11.71
N ARG D 71 -27.38 18.56 12.46
CA ARG D 71 -26.41 19.62 12.22
C ARG D 71 -25.89 19.63 10.78
N ILE D 72 -25.86 18.46 10.14
CA ILE D 72 -25.41 18.39 8.75
C ILE D 72 -26.27 19.28 7.87
N ILE D 73 -27.60 19.17 8.00
CA ILE D 73 -28.49 19.93 7.14
C ILE D 73 -28.29 21.43 7.34
N VAL D 74 -28.21 21.86 8.60
CA VAL D 74 -28.07 23.28 8.89
C VAL D 74 -26.76 23.81 8.33
N GLN D 75 -25.67 23.07 8.56
CA GLN D 75 -24.37 23.54 8.12
C GLN D 75 -24.26 23.56 6.60
N MET D 76 -24.80 22.55 5.92
CA MET D 76 -24.72 22.58 4.47
C MET D 76 -25.66 23.61 3.87
N ALA D 77 -26.77 23.91 4.57
CA ALA D 77 -27.61 25.03 4.14
C ALA D 77 -26.86 26.35 4.24
N ILE D 78 -26.17 26.58 5.35
CA ILE D 78 -25.53 27.88 5.55
C ILE D 78 -24.31 28.02 4.65
N ILE D 79 -23.69 26.91 4.24
CA ILE D 79 -22.59 27.02 3.29
C ILE D 79 -23.11 27.11 1.85
N ALA D 80 -24.25 26.46 1.58
CA ALA D 80 -24.82 26.50 0.24
C ALA D 80 -25.35 27.88 -0.08
N SER D 81 -25.92 28.56 0.91
CA SER D 81 -26.42 29.90 0.69
C SER D 81 -25.30 30.87 0.33
N LEU D 82 -24.06 30.49 0.57
CA LEU D 82 -22.91 31.31 0.16
C LEU D 82 -22.34 30.87 -1.18
N VAL D 83 -22.24 29.55 -1.41
CA VAL D 83 -21.67 29.11 -2.67
C VAL D 83 -22.60 29.42 -3.83
N ILE D 84 -23.92 29.31 -3.61
CA ILE D 84 -24.88 29.66 -4.64
C ILE D 84 -24.91 31.15 -4.93
N VAL D 85 -24.31 31.96 -4.07
CA VAL D 85 -24.14 33.39 -4.33
C VAL D 85 -22.85 33.66 -5.08
N VAL D 86 -21.76 33.00 -4.66
CA VAL D 86 -20.50 33.21 -5.37
C VAL D 86 -20.60 32.70 -6.80
N ASP D 87 -21.41 31.66 -7.02
CA ASP D 87 -21.62 31.15 -8.38
C ASP D 87 -22.24 32.22 -9.27
N GLN D 88 -23.30 32.88 -8.78
CA GLN D 88 -23.93 33.94 -9.55
C GLN D 88 -22.98 35.11 -9.76
N ILE D 89 -22.17 35.44 -8.75
CA ILE D 89 -21.21 36.53 -8.89
C ILE D 89 -20.22 36.21 -10.00
N LEU D 90 -19.69 34.98 -10.02
CA LEU D 90 -18.75 34.59 -11.06
C LEU D 90 -19.41 34.60 -12.43
N LYS D 91 -20.63 34.10 -12.53
CA LYS D 91 -21.32 34.10 -13.82
C LYS D 91 -21.73 35.49 -14.26
N ALA D 92 -21.74 36.47 -13.36
CA ALA D 92 -22.06 37.83 -13.73
C ALA D 92 -20.83 38.67 -14.05
N TYR D 93 -19.68 38.36 -13.48
CA TYR D 93 -18.50 39.18 -13.70
C TYR D 93 -17.39 38.46 -14.47
N LEU D 94 -17.12 37.21 -14.15
CA LEU D 94 -16.05 36.45 -14.79
C LEU D 94 -16.60 35.20 -15.47
N TYR D 95 -17.68 35.36 -16.24
CA TYR D 95 -18.34 34.21 -16.85
C TYR D 95 -17.41 33.48 -17.80
N ASP D 96 -16.49 34.21 -18.44
CA ASP D 96 -15.51 33.60 -19.33
C ASP D 96 -14.61 32.62 -18.57
N ILE D 97 -14.28 32.95 -17.32
CA ILE D 97 -13.56 31.99 -16.48
C ILE D 97 -14.52 30.90 -16.00
N SER D 98 -15.74 31.29 -15.61
CA SER D 98 -16.65 30.38 -14.94
C SER D 98 -17.04 29.22 -15.82
N LYS D 99 -17.10 29.42 -17.13
CA LYS D 99 -17.42 28.31 -18.02
C LYS D 99 -16.37 27.21 -17.92
N GLN D 100 -15.10 27.59 -17.75
CA GLN D 100 -14.02 26.61 -17.74
C GLN D 100 -14.10 25.68 -16.54
N LEU D 101 -14.39 26.23 -15.36
CA LEU D 101 -14.47 25.37 -14.18
C LEU D 101 -15.65 24.40 -14.28
N SER D 102 -16.76 24.86 -14.85
CA SER D 102 -17.95 24.04 -15.06
C SER D 102 -18.46 23.54 -13.71
N VAL D 103 -18.48 22.23 -13.46
CA VAL D 103 -19.09 21.72 -12.23
C VAL D 103 -18.25 22.08 -11.02
N PHE D 104 -16.93 22.19 -11.18
CA PHE D 104 -16.04 22.36 -10.05
C PHE D 104 -16.29 23.67 -9.30
N VAL D 105 -16.88 24.67 -9.94
CA VAL D 105 -17.25 25.88 -9.21
C VAL D 105 -18.38 25.57 -8.23
N GLY D 106 -19.28 24.67 -8.60
CA GLY D 106 -20.31 24.25 -7.68
C GLY D 106 -19.80 23.25 -6.65
N LEU D 107 -18.75 22.51 -7.01
CA LEU D 107 -18.23 21.47 -6.12
C LEU D 107 -17.63 22.03 -4.84
N ILE D 108 -17.62 23.36 -4.65
CA ILE D 108 -17.14 23.92 -3.40
C ILE D 108 -18.08 23.55 -2.25
N ILE D 109 -19.27 23.04 -2.56
CA ILE D 109 -20.19 22.59 -1.52
C ILE D 109 -19.55 21.50 -0.67
N THR D 110 -18.94 20.52 -1.34
CA THR D 110 -18.41 19.36 -0.64
C THR D 110 -16.88 19.32 -0.63
N ASN D 111 -16.21 20.39 -1.04
CA ASN D 111 -14.75 20.48 -0.96
C ASN D 111 -14.27 20.40 0.49
N CYS D 112 -13.74 19.24 0.87
CA CYS D 112 -13.60 18.82 2.26
C CYS D 112 -12.88 19.83 3.13
N ILE D 113 -12.27 20.87 2.55
CA ILE D 113 -11.64 21.91 3.36
C ILE D 113 -12.66 22.55 4.29
N VAL D 114 -13.79 22.99 3.72
CA VAL D 114 -14.83 23.62 4.52
C VAL D 114 -15.40 22.63 5.52
N MET D 115 -15.65 21.40 5.06
CA MET D 115 -16.25 20.40 5.94
C MET D 115 -15.40 20.20 7.18
N GLY D 116 -14.11 19.92 6.98
CA GLY D 116 -13.22 19.66 8.10
C GLY D 116 -13.04 20.85 9.00
N ARG D 117 -12.80 22.03 8.42
CA ARG D 117 -12.55 23.20 9.25
C ARG D 117 -13.80 23.58 10.05
N ALA D 118 -14.97 23.50 9.43
CA ALA D 118 -16.20 23.82 10.14
C ALA D 118 -16.50 22.80 11.23
N GLU D 119 -16.26 21.51 10.95
CA GLU D 119 -16.59 20.50 11.94
C GLU D 119 -15.52 20.40 13.02
N ALA D 120 -14.37 21.04 12.83
CA ALA D 120 -13.27 20.91 13.77
C ALA D 120 -13.06 22.14 14.65
N PHE D 121 -13.15 23.34 14.08
CA PHE D 121 -12.67 24.55 14.75
C PHE D 121 -13.79 25.53 15.03
N ALA D 122 -14.61 25.86 14.02
CA ALA D 122 -15.65 26.85 14.21
C ALA D 122 -16.74 26.36 15.15
N MET D 123 -16.90 25.05 15.28
CA MET D 123 -17.93 24.52 16.16
C MET D 123 -17.61 24.75 17.63
N LYS D 124 -16.37 25.15 17.96
CA LYS D 124 -16.01 25.30 19.36
C LYS D 124 -15.14 26.53 19.62
N SER D 125 -14.94 27.38 18.60
CA SER D 125 -14.09 28.55 18.80
C SER D 125 -14.87 29.83 18.52
N GLU D 126 -14.26 30.95 18.93
CA GLU D 126 -14.87 32.26 18.79
C GLU D 126 -14.90 32.66 17.32
N PRO D 127 -15.92 33.40 16.88
CA PRO D 127 -16.05 33.73 15.46
C PRO D 127 -14.82 34.39 14.83
N ILE D 128 -14.13 35.28 15.52
CA ILE D 128 -13.00 35.96 14.89
C ILE D 128 -11.82 35.00 14.70
N PRO D 129 -11.42 34.22 15.72
CA PRO D 129 -10.44 33.16 15.43
C PRO D 129 -10.92 32.17 14.38
N SER D 130 -12.22 31.91 14.29
CA SER D 130 -12.71 31.04 13.24
C SER D 130 -12.46 31.66 11.87
N PHE D 131 -12.73 32.96 11.72
CA PHE D 131 -12.47 33.64 10.47
C PHE D 131 -10.98 33.60 10.11
N ILE D 132 -10.13 33.85 11.10
CA ILE D 132 -8.70 33.84 10.83
C ILE D 132 -8.22 32.44 10.47
N ASP D 133 -8.76 31.42 11.13
CA ASP D 133 -8.44 30.04 10.80
C ASP D 133 -8.84 29.73 9.37
N GLY D 134 -10.04 30.18 8.98
CA GLY D 134 -10.48 29.93 7.61
C GLY D 134 -9.58 30.59 6.59
N ILE D 135 -9.21 31.84 6.83
CA ILE D 135 -8.33 32.54 5.89
C ILE D 135 -6.97 31.85 5.84
N GLY D 136 -6.45 31.40 6.98
CA GLY D 136 -5.16 30.73 6.98
C GLY D 136 -5.18 29.41 6.22
N ASN D 137 -6.22 28.60 6.45
CA ASN D 137 -6.33 27.34 5.75
C ASN D 137 -6.48 27.57 4.24
N GLY D 138 -7.29 28.54 3.87
CA GLY D 138 -7.43 28.86 2.46
C GLY D 138 -6.12 29.30 1.84
N LEU D 139 -5.34 30.11 2.55
CA LEU D 139 -4.06 30.56 2.03
C LEU D 139 -3.09 29.38 1.89
N GLY D 140 -3.09 28.48 2.87
CA GLY D 140 -2.22 27.32 2.78
C GLY D 140 -2.56 26.44 1.61
N TYR D 141 -3.86 26.23 1.37
CA TYR D 141 -4.28 25.48 0.19
C TYR D 141 -3.91 26.22 -1.09
N GLY D 142 -4.05 27.54 -1.08
CA GLY D 142 -3.76 28.33 -2.27
C GLY D 142 -2.30 28.35 -2.64
N PHE D 143 -1.41 28.20 -1.65
CA PHE D 143 0.00 28.11 -1.96
C PHE D 143 0.28 26.92 -2.88
N VAL D 144 -0.22 25.74 -2.50
CA VAL D 144 -0.05 24.55 -3.33
C VAL D 144 -0.76 24.72 -4.66
N LEU D 145 -1.98 25.28 -4.64
CA LEU D 145 -2.69 25.51 -5.88
C LEU D 145 -1.87 26.35 -6.85
N MET D 146 -1.32 27.46 -6.37
CA MET D 146 -0.59 28.36 -7.26
C MET D 146 0.71 27.75 -7.74
N THR D 147 1.42 27.03 -6.86
CA THR D 147 2.69 26.44 -7.31
C THR D 147 2.44 25.35 -8.35
N VAL D 148 1.45 24.49 -8.12
CA VAL D 148 1.12 23.47 -9.11
C VAL D 148 0.65 24.13 -10.41
N GLY D 149 -0.13 25.20 -10.29
CA GLY D 149 -0.58 25.89 -11.48
C GLY D 149 0.57 26.48 -12.29
N PHE D 150 1.54 27.08 -11.61
CA PHE D 150 2.70 27.62 -12.32
C PHE D 150 3.47 26.51 -13.00
N PHE D 151 3.83 25.46 -12.26
CA PHE D 151 4.63 24.38 -12.84
C PHE D 151 3.86 23.58 -13.87
N ARG D 152 2.55 23.74 -13.96
CA ARG D 152 1.80 23.09 -15.03
C ARG D 152 1.69 24.00 -16.25
N GLU D 153 1.24 25.23 -16.06
CA GLU D 153 0.99 26.13 -17.19
C GLU D 153 2.30 26.47 -17.91
N LEU D 154 3.36 26.76 -17.16
CA LEU D 154 4.59 27.22 -17.80
C LEU D 154 5.13 26.17 -18.77
N LEU D 155 5.10 24.90 -18.37
CA LEU D 155 5.57 23.85 -19.26
C LEU D 155 4.53 23.48 -20.31
N GLY D 156 3.23 23.55 -19.98
CA GLY D 156 2.23 23.09 -20.92
C GLY D 156 1.91 24.06 -22.04
N SER D 157 2.17 25.35 -21.85
CA SER D 157 1.87 26.29 -22.92
C SER D 157 2.94 27.36 -23.13
N GLY D 158 4.01 27.39 -22.32
CA GLY D 158 4.98 28.45 -22.47
C GLY D 158 4.44 29.81 -22.11
N LYS D 159 3.34 29.85 -21.35
CA LYS D 159 2.71 31.09 -20.93
C LYS D 159 2.45 31.04 -19.43
N LEU D 160 2.32 32.21 -18.83
CA LEU D 160 1.88 32.33 -17.44
C LEU D 160 0.80 33.38 -17.38
N PHE D 161 -0.32 33.06 -16.73
CA PHE D 161 -1.50 33.92 -16.70
C PHE D 161 -1.96 34.27 -18.12
N GLY D 162 -1.88 33.28 -19.01
CA GLY D 162 -2.29 33.50 -20.39
C GLY D 162 -1.45 34.52 -21.13
N LEU D 163 -0.27 34.83 -20.64
CA LEU D 163 0.64 35.78 -21.28
C LEU D 163 1.94 35.05 -21.59
N GLU D 164 2.38 35.14 -22.84
CA GLU D 164 3.51 34.34 -23.29
C GLU D 164 4.80 34.78 -22.59
N VAL D 165 5.55 33.80 -22.11
CA VAL D 165 6.91 34.01 -21.64
C VAL D 165 7.91 33.19 -22.44
N LEU D 166 7.54 31.99 -22.85
CA LEU D 166 8.38 31.17 -23.71
C LEU D 166 7.73 31.10 -25.10
N PRO D 167 8.35 31.65 -26.14
CA PRO D 167 7.75 31.57 -27.47
C PRO D 167 7.64 30.12 -27.92
N LEU D 168 6.49 29.79 -28.50
CA LEU D 168 6.26 28.43 -28.94
C LEU D 168 7.00 28.15 -30.25
N ILE D 169 7.08 26.85 -30.58
CA ILE D 169 7.78 26.44 -31.79
C ILE D 169 7.03 26.89 -33.03
N SER D 170 5.74 27.22 -32.89
CA SER D 170 4.97 27.70 -34.03
C SER D 170 5.49 29.04 -34.52
N ASN D 171 6.06 29.85 -33.63
CA ASN D 171 6.59 31.16 -33.97
C ASN D 171 8.11 31.18 -33.91
N GLY D 172 8.75 30.04 -34.17
CA GLY D 172 10.20 29.96 -34.11
C GLY D 172 10.79 30.17 -32.73
N GLY D 173 10.14 29.67 -31.70
CA GLY D 173 10.60 29.91 -30.35
C GLY D 173 11.65 28.92 -29.89
N TRP D 174 12.10 29.13 -28.65
CA TRP D 174 13.08 28.26 -28.01
C TRP D 174 12.45 27.04 -27.36
N TYR D 175 11.13 26.90 -27.40
CA TYR D 175 10.43 25.91 -26.60
C TYR D 175 9.45 25.13 -27.45
N GLN D 176 9.14 23.92 -27.00
CA GLN D 176 8.10 23.09 -27.58
C GLN D 176 7.10 22.71 -26.48
N PRO D 177 5.81 22.98 -26.66
CA PRO D 177 4.85 22.75 -25.58
C PRO D 177 4.70 21.28 -25.25
N ASN D 178 4.95 20.94 -23.99
CA ASN D 178 4.76 19.57 -23.54
C ASN D 178 3.27 19.23 -23.54
N GLY D 179 2.93 18.07 -24.10
CA GLY D 179 1.54 17.71 -24.21
C GLY D 179 0.97 17.09 -22.94
N LEU D 180 1.82 16.37 -22.19
CA LEU D 180 1.32 15.63 -21.03
C LEU D 180 0.82 16.56 -19.94
N MET D 181 1.48 17.71 -19.76
CA MET D 181 1.11 18.64 -18.70
C MET D 181 -0.35 19.06 -18.77
N LEU D 182 -0.90 19.13 -19.98
CA LEU D 182 -2.29 19.53 -20.13
C LEU D 182 -3.28 18.44 -19.76
N LEU D 183 -2.82 17.22 -19.51
CA LEU D 183 -3.67 16.15 -19.03
C LEU D 183 -3.70 16.15 -17.51
N ALA D 184 -4.40 15.18 -16.94
CA ALA D 184 -4.54 15.11 -15.49
C ALA D 184 -3.35 14.48 -14.79
N PRO D 185 -2.76 13.35 -15.25
CA PRO D 185 -1.68 12.73 -14.47
C PRO D 185 -0.51 13.64 -14.15
N SER D 186 -0.43 14.81 -14.78
CA SER D 186 0.59 15.77 -14.39
C SER D 186 0.40 16.27 -12.97
N ALA D 187 -0.85 16.54 -12.58
CA ALA D 187 -1.13 17.04 -11.25
C ALA D 187 -0.71 16.04 -10.17
N PHE D 188 -0.95 14.76 -10.42
CA PHE D 188 -0.61 13.73 -9.43
C PHE D 188 0.89 13.75 -9.13
N PHE D 189 1.72 13.67 -10.16
CA PHE D 189 3.16 13.62 -9.92
C PHE D 189 3.68 14.94 -9.37
N LEU D 190 3.13 16.06 -9.84
CA LEU D 190 3.57 17.35 -9.31
C LEU D 190 3.28 17.45 -7.82
N ILE D 191 2.08 17.05 -7.41
CA ILE D 191 1.73 17.08 -5.99
C ILE D 191 2.60 16.10 -5.22
N GLY D 192 2.92 14.95 -5.81
CA GLY D 192 3.76 13.99 -5.13
C GLY D 192 5.14 14.54 -4.83
N PHE D 193 5.76 15.17 -5.82
CA PHE D 193 7.08 15.76 -5.58
C PHE D 193 6.99 16.96 -4.64
N MET D 194 5.88 17.71 -4.69
CA MET D 194 5.65 18.77 -3.71
C MET D 194 5.63 18.20 -2.29
N ILE D 195 4.92 17.09 -2.10
CA ILE D 195 4.86 16.46 -0.78
C ILE D 195 6.25 16.01 -0.35
N TRP D 196 7.02 15.45 -1.29
CA TRP D 196 8.37 15.03 -0.94
C TRP D 196 9.20 16.21 -0.46
N ALA D 197 9.15 17.33 -1.19
CA ALA D 197 9.92 18.49 -0.79
C ALA D 197 9.46 19.02 0.57
N ILE D 198 8.15 19.05 0.80
CA ILE D 198 7.63 19.58 2.05
C ILE D 198 8.07 18.71 3.22
N ARG D 199 7.94 17.38 3.08
CA ARG D 199 8.30 16.48 4.15
C ARG D 199 9.80 16.33 4.34
N THR D 200 10.60 16.72 3.37
CA THR D 200 12.05 16.72 3.54
C THR D 200 12.60 18.04 4.06
N PHE D 201 11.90 19.16 3.84
CA PHE D 201 12.33 20.43 4.44
C PHE D 201 11.67 20.70 5.78
N LYS D 202 10.62 19.96 6.13
CA LYS D 202 9.99 20.01 7.44
C LYS D 202 9.91 18.59 7.95
N PRO D 203 11.03 18.05 8.46
CA PRO D 203 11.13 16.59 8.63
C PRO D 203 10.20 16.01 9.67
N GLU D 204 9.57 16.81 10.52
CA GLU D 204 8.79 16.25 11.61
C GLU D 204 7.49 15.59 11.15
N GLN D 205 7.12 15.73 9.88
CA GLN D 205 5.88 15.15 9.37
C GLN D 205 6.08 13.80 8.70
N VAL D 206 7.28 13.22 8.78
CA VAL D 206 7.56 11.93 8.14
C VAL D 206 6.67 10.85 8.74
N GLU D 207 6.06 10.05 7.88
CA GLU D 207 5.16 8.99 8.31
C GLU D 207 5.93 7.85 8.98
N ALA D 208 5.20 7.06 9.75
CA ALA D 208 5.78 5.96 10.50
C ALA D 208 6.02 4.75 9.59
N LYS D 209 6.72 3.75 10.13
CA LYS D 209 7.05 2.56 9.36
C LYS D 209 5.90 1.57 9.33
N GLU D 210 5.49 1.07 10.49
CA GLU D 210 4.44 0.06 10.56
C GLU D 210 3.08 0.64 10.20
N MET E 1 -30.64 -4.21 -24.71
CA MET E 1 -30.86 -3.14 -25.67
C MET E 1 -29.53 -2.43 -25.89
N GLU E 2 -29.33 -1.90 -27.10
CA GLU E 2 -28.07 -1.23 -27.42
C GLU E 2 -27.84 -0.03 -26.52
N HIS E 3 -28.87 0.78 -26.30
CA HIS E 3 -28.70 2.00 -25.52
C HIS E 3 -28.44 1.70 -24.05
N TYR E 4 -29.26 0.82 -23.45
CA TYR E 4 -29.22 0.59 -22.01
C TYR E 4 -28.09 -0.34 -21.59
N ILE E 5 -27.33 -0.88 -22.52
CA ILE E 5 -26.06 -1.55 -22.22
C ILE E 5 -24.88 -0.68 -22.60
N SER E 6 -25.00 0.08 -23.70
CA SER E 6 -23.94 0.98 -24.10
C SER E 6 -23.71 2.04 -23.04
N LEU E 7 -24.78 2.60 -22.48
CA LEU E 7 -24.63 3.59 -21.42
C LEU E 7 -23.96 3.00 -20.19
N LEU E 8 -24.34 1.77 -19.83
CA LEU E 8 -23.74 1.11 -18.68
C LEU E 8 -22.25 0.92 -18.88
N VAL E 9 -21.85 0.36 -20.02
CA VAL E 9 -20.42 0.13 -20.27
C VAL E 9 -19.69 1.45 -20.38
N LYS E 10 -20.34 2.46 -20.96
CA LYS E 10 -19.79 3.80 -21.02
C LYS E 10 -19.39 4.29 -19.64
N SER E 11 -20.36 4.36 -18.73
CA SER E 11 -20.09 4.85 -17.38
C SER E 11 -19.11 3.94 -16.65
N ILE E 12 -19.09 2.66 -17.00
CA ILE E 12 -18.25 1.72 -16.25
C ILE E 12 -16.79 1.91 -16.61
N PHE E 13 -16.46 1.96 -17.90
CA PHE E 13 -15.06 1.88 -18.30
C PHE E 13 -14.51 3.14 -18.96
N ILE E 14 -15.33 3.91 -19.67
CA ILE E 14 -14.74 4.96 -20.51
C ILE E 14 -14.56 6.25 -19.71
N GLU E 15 -15.47 6.55 -18.79
CA GLU E 15 -15.38 7.73 -17.95
C GLU E 15 -15.46 7.38 -16.48
N ASN E 16 -14.63 6.44 -16.03
CA ASN E 16 -14.60 6.13 -14.61
C ASN E 16 -14.22 7.38 -13.82
N MET E 17 -15.19 7.98 -13.15
CA MET E 17 -15.00 9.27 -12.49
C MET E 17 -14.07 9.18 -11.28
N ALA E 18 -13.80 7.98 -10.79
CA ALA E 18 -12.70 7.84 -9.84
C ALA E 18 -11.38 8.16 -10.51
N LEU E 19 -11.25 7.85 -11.80
CA LEU E 19 -9.97 7.95 -12.48
C LEU E 19 -10.02 8.63 -13.84
N SER E 20 -11.21 9.06 -14.30
CA SER E 20 -11.33 9.83 -15.53
C SER E 20 -11.88 11.23 -15.27
N PHE E 21 -12.72 11.38 -14.25
CA PHE E 21 -13.11 12.69 -13.74
C PHE E 21 -12.43 13.05 -12.44
N PHE E 22 -11.83 12.07 -11.76
CA PHE E 22 -11.02 12.30 -10.56
C PHE E 22 -11.80 13.01 -9.47
N LEU E 23 -12.88 12.37 -9.05
CA LEU E 23 -13.68 12.80 -7.91
C LEU E 23 -13.49 11.84 -6.75
N GLY E 24 -13.93 12.27 -5.56
CA GLY E 24 -13.90 11.40 -4.41
C GLY E 24 -12.50 11.01 -3.96
N MET E 25 -11.48 11.80 -4.33
CA MET E 25 -10.12 11.38 -4.03
C MET E 25 -9.81 11.53 -2.55
N CYS E 26 -10.51 12.43 -1.85
CA CYS E 26 -10.25 12.64 -0.44
C CYS E 26 -10.47 11.37 0.38
N THR E 27 -11.34 10.48 -0.08
CA THR E 27 -11.49 9.16 0.53
C THR E 27 -10.81 8.07 -0.28
N PHE E 28 -10.65 8.27 -1.58
CA PHE E 28 -9.91 7.33 -2.41
C PHE E 28 -8.51 7.10 -1.86
N LEU E 29 -7.81 8.17 -1.50
CA LEU E 29 -6.46 8.08 -0.97
C LEU E 29 -6.43 7.95 0.54
N ALA E 30 -7.58 7.83 1.20
CA ALA E 30 -7.62 7.71 2.65
C ALA E 30 -8.05 6.32 3.10
N VAL E 31 -9.22 5.85 2.68
CA VAL E 31 -9.63 4.47 2.97
C VAL E 31 -9.19 3.64 1.77
N SER E 32 -7.89 3.31 1.75
CA SER E 32 -7.39 2.32 0.82
C SER E 32 -6.17 1.68 1.49
N LYS E 33 -6.41 0.66 2.27
CA LYS E 33 -5.36 -0.13 2.89
C LYS E 33 -5.57 -1.62 2.74
N LYS E 34 -6.82 -2.08 2.80
CA LYS E 34 -7.14 -3.49 2.73
C LYS E 34 -8.28 -3.69 1.73
N VAL E 35 -8.18 -4.74 0.93
CA VAL E 35 -9.18 -5.00 -0.08
C VAL E 35 -10.54 -5.26 0.55
N LYS E 36 -10.56 -6.05 1.61
CA LYS E 36 -11.81 -6.34 2.31
C LYS E 36 -12.25 -5.20 3.22
N THR E 37 -11.51 -4.08 3.22
CA THR E 37 -11.97 -2.83 3.80
C THR E 37 -12.58 -1.92 2.75
N SER E 38 -11.94 -1.81 1.58
CA SER E 38 -12.47 -0.96 0.52
C SER E 38 -13.65 -1.58 -0.20
N PHE E 39 -13.83 -2.90 -0.13
CA PHE E 39 -14.96 -3.51 -0.81
C PHE E 39 -16.29 -3.01 -0.23
N GLY E 40 -16.37 -2.90 1.10
CA GLY E 40 -17.58 -2.39 1.71
C GLY E 40 -17.86 -0.96 1.32
N LEU E 41 -16.83 -0.13 1.26
CA LEU E 41 -17.02 1.25 0.85
C LEU E 41 -17.48 1.33 -0.60
N GLY E 42 -16.94 0.45 -1.45
CA GLY E 42 -17.43 0.39 -2.82
C GLY E 42 -18.90 0.02 -2.89
N ILE E 43 -19.32 -0.95 -2.08
CA ILE E 43 -20.74 -1.32 -2.07
C ILE E 43 -21.61 -0.16 -1.58
N ALA E 44 -21.16 0.52 -0.54
CA ALA E 44 -21.92 1.66 -0.04
C ALA E 44 -22.05 2.75 -1.08
N VAL E 45 -20.97 3.04 -1.81
CA VAL E 45 -21.06 4.04 -2.87
C VAL E 45 -21.99 3.57 -3.96
N ILE E 46 -21.97 2.27 -4.29
CA ILE E 46 -22.88 1.75 -5.30
C ILE E 46 -24.32 2.02 -4.90
N VAL E 47 -24.68 1.68 -3.66
CA VAL E 47 -26.08 1.83 -3.27
C VAL E 47 -26.47 3.29 -3.16
N VAL E 48 -25.60 4.14 -2.61
CA VAL E 48 -25.95 5.56 -2.48
C VAL E 48 -26.10 6.20 -3.85
N LEU E 49 -25.21 5.89 -4.79
CA LEU E 49 -25.28 6.49 -6.11
C LEU E 49 -26.31 5.82 -7.02
N THR E 50 -26.84 4.65 -6.61
CA THR E 50 -27.97 4.08 -7.33
C THR E 50 -29.30 4.61 -6.79
N ILE E 51 -29.33 5.05 -5.54
CA ILE E 51 -30.56 5.58 -4.98
C ILE E 51 -30.69 7.08 -5.24
N SER E 52 -29.60 7.83 -5.04
CA SER E 52 -29.69 9.29 -5.06
C SER E 52 -29.82 9.87 -6.45
N VAL E 53 -29.54 9.09 -7.50
CA VAL E 53 -29.67 9.61 -8.86
C VAL E 53 -31.13 9.57 -9.33
N PRO E 54 -31.86 8.46 -9.18
CA PRO E 54 -33.26 8.47 -9.65
C PRO E 54 -34.14 9.48 -8.94
N VAL E 55 -34.06 9.57 -7.61
CA VAL E 55 -34.92 10.50 -6.88
C VAL E 55 -34.62 11.94 -7.27
N ASN E 56 -33.33 12.27 -7.37
CA ASN E 56 -32.95 13.61 -7.78
C ASN E 56 -33.40 13.91 -9.21
N ASN E 57 -33.31 12.92 -10.10
CA ASN E 57 -33.77 13.11 -11.46
C ASN E 57 -35.27 13.36 -11.50
N LEU E 58 -36.03 12.61 -10.70
CA LEU E 58 -37.48 12.82 -10.65
C LEU E 58 -37.80 14.24 -10.17
N VAL E 59 -37.18 14.67 -9.08
CA VAL E 59 -37.51 15.99 -8.56
C VAL E 59 -37.08 17.08 -9.53
N TYR E 60 -35.96 16.88 -10.23
CA TYR E 60 -35.50 17.90 -11.17
C TYR E 60 -36.45 18.00 -12.37
N ASN E 61 -36.82 16.86 -12.95
CA ASN E 61 -37.74 16.92 -14.08
C ASN E 61 -39.14 17.32 -13.66
N LEU E 62 -39.47 17.28 -12.37
CA LEU E 62 -40.80 17.67 -11.96
C LEU E 62 -40.90 19.14 -11.55
N VAL E 63 -40.07 19.60 -10.63
CA VAL E 63 -40.30 20.90 -10.00
C VAL E 63 -39.18 21.90 -10.20
N LEU E 64 -37.98 21.52 -10.64
CA LEU E 64 -36.94 22.51 -10.90
C LEU E 64 -36.61 22.70 -12.37
N LYS E 65 -37.18 21.91 -13.26
CA LYS E 65 -37.02 22.19 -14.68
C LYS E 65 -37.72 23.51 -15.02
N PRO E 66 -37.11 24.35 -15.84
CA PRO E 66 -37.77 25.62 -16.20
C PRO E 66 -39.12 25.37 -16.83
N ASP E 67 -40.10 26.18 -16.43
CA ASP E 67 -41.49 26.12 -16.87
C ASP E 67 -42.20 24.82 -16.51
N ALA E 68 -41.55 23.92 -15.76
CA ALA E 68 -42.19 22.66 -15.43
C ALA E 68 -43.25 22.81 -14.34
N LEU E 69 -43.15 23.85 -13.51
CA LEU E 69 -44.12 24.09 -12.45
C LEU E 69 -45.12 25.16 -12.85
N VAL E 70 -44.63 26.36 -13.18
CA VAL E 70 -45.47 27.45 -13.69
C VAL E 70 -44.79 28.02 -14.92
N GLU E 71 -45.58 28.24 -15.97
CA GLU E 71 -45.02 28.74 -17.22
C GLU E 71 -44.37 30.10 -17.01
N GLY E 72 -43.19 30.27 -17.58
CA GLY E 72 -42.48 31.53 -17.49
C GLY E 72 -41.63 31.73 -16.26
N VAL E 73 -41.61 30.77 -15.34
CA VAL E 73 -40.81 30.85 -14.12
C VAL E 73 -39.93 29.61 -14.03
N ASP E 74 -38.80 29.75 -13.37
CA ASP E 74 -37.84 28.66 -13.22
C ASP E 74 -37.17 28.76 -11.86
N LEU E 75 -36.57 27.65 -11.43
CA LEU E 75 -35.93 27.55 -10.13
C LEU E 75 -34.54 26.94 -10.27
N SER E 76 -33.76 27.45 -11.21
CA SER E 76 -32.44 26.90 -11.47
C SER E 76 -31.47 27.18 -10.33
N PHE E 77 -31.67 28.26 -9.58
CA PHE E 77 -30.69 28.71 -8.61
C PHE E 77 -30.84 28.05 -7.24
N LEU E 78 -31.50 26.89 -7.16
CA LEU E 78 -31.51 26.12 -5.92
C LEU E 78 -31.30 24.63 -6.20
N ASN E 79 -30.80 24.30 -7.38
CA ASN E 79 -30.51 22.91 -7.71
C ASN E 79 -29.44 22.33 -6.78
N PHE E 80 -28.38 23.10 -6.51
CA PHE E 80 -27.36 22.64 -5.57
C PHE E 80 -27.98 22.38 -4.20
N ILE E 81 -28.82 23.31 -3.74
CA ILE E 81 -29.54 23.13 -2.49
C ILE E 81 -30.23 21.79 -2.46
N THR E 82 -31.12 21.54 -3.42
CA THR E 82 -31.96 20.36 -3.34
C THR E 82 -31.14 19.08 -3.54
N PHE E 83 -30.10 19.12 -4.39
CA PHE E 83 -29.27 17.94 -4.57
C PHE E 83 -28.60 17.55 -3.27
N ILE E 84 -27.91 18.49 -2.63
CA ILE E 84 -27.17 18.15 -1.42
C ILE E 84 -28.12 17.79 -0.30
N GLY E 85 -29.28 18.46 -0.23
CA GLY E 85 -30.23 18.15 0.82
C GLY E 85 -30.78 16.74 0.71
N VAL E 86 -31.19 16.35 -0.50
CA VAL E 86 -31.73 15.00 -0.67
C VAL E 86 -30.65 13.97 -0.44
N ILE E 87 -29.40 14.28 -0.83
CA ILE E 87 -28.31 13.34 -0.61
C ILE E 87 -28.11 13.11 0.88
N ALA E 88 -28.04 14.19 1.66
CA ALA E 88 -27.82 14.05 3.10
C ALA E 88 -28.98 13.34 3.77
N ALA E 89 -30.22 13.69 3.40
CA ALA E 89 -31.37 13.03 4.00
C ALA E 89 -31.37 11.55 3.71
N LEU E 90 -31.07 11.17 2.47
CA LEU E 90 -31.06 9.75 2.10
C LEU E 90 -29.97 9.01 2.86
N VAL E 91 -28.78 9.61 2.97
CA VAL E 91 -27.70 8.95 3.69
C VAL E 91 -28.09 8.71 5.15
N GLN E 92 -28.63 9.76 5.79
CA GLN E 92 -29.00 9.64 7.20
C GLN E 92 -30.07 8.56 7.40
N ILE E 93 -31.10 8.57 6.56
CA ILE E 93 -32.18 7.62 6.71
C ILE E 93 -31.69 6.20 6.48
N LEU E 94 -30.84 6.01 5.45
CA LEU E 94 -30.33 4.68 5.18
C LEU E 94 -29.46 4.17 6.32
N GLU E 95 -28.64 5.04 6.90
CA GLU E 95 -27.82 4.62 8.04
C GLU E 95 -28.69 4.22 9.22
N MET E 96 -29.73 5.01 9.52
CA MET E 96 -30.60 4.68 10.64
C MET E 96 -31.34 3.37 10.40
N ILE E 97 -31.83 3.15 9.17
CA ILE E 97 -32.52 1.90 8.86
C ILE E 97 -31.56 0.73 8.98
N LEU E 98 -30.32 0.90 8.52
CA LEU E 98 -29.33 -0.17 8.59
C LEU E 98 -29.03 -0.53 10.04
N ASP E 99 -28.93 0.47 10.91
CA ASP E 99 -28.67 0.18 12.32
C ASP E 99 -29.88 -0.42 13.01
N ARG E 100 -31.09 -0.09 12.57
CA ARG E 100 -32.29 -0.52 13.27
C ARG E 100 -32.80 -1.88 12.79
N PHE E 101 -33.19 -1.96 11.52
CA PHE E 101 -33.92 -3.12 11.00
C PHE E 101 -33.02 -4.32 10.72
N PHE E 102 -31.77 -4.11 10.32
CA PHE E 102 -30.94 -5.23 9.88
C PHE E 102 -29.55 -5.07 10.50
N PRO E 103 -29.39 -5.33 11.80
CA PRO E 103 -28.14 -4.99 12.50
C PRO E 103 -26.91 -5.69 11.91
N PRO E 104 -26.96 -6.99 11.59
CA PRO E 104 -25.71 -7.63 11.11
C PRO E 104 -25.13 -7.01 9.86
N LEU E 105 -25.95 -6.41 9.00
CA LEU E 105 -25.44 -5.73 7.82
C LEU E 105 -24.78 -4.40 8.16
N TYR E 106 -24.93 -3.91 9.40
CA TYR E 106 -24.29 -2.67 9.79
C TYR E 106 -22.77 -2.78 9.75
N ASN E 107 -22.23 -3.95 10.10
CA ASN E 107 -20.78 -4.13 10.09
C ASN E 107 -20.21 -4.03 8.69
N ALA E 108 -20.98 -4.42 7.67
CA ALA E 108 -20.50 -4.39 6.30
C ALA E 108 -20.81 -3.10 5.57
N LEU E 109 -21.97 -2.49 5.83
CA LEU E 109 -22.38 -1.28 5.13
C LEU E 109 -22.59 -0.10 6.06
N GLY E 110 -23.28 -0.31 7.18
CA GLY E 110 -23.71 0.81 8.00
C GLY E 110 -22.56 1.63 8.57
N ILE E 111 -21.45 0.97 8.90
CA ILE E 111 -20.31 1.68 9.48
C ILE E 111 -19.74 2.70 8.50
N PHE E 112 -19.75 2.39 7.20
CA PHE E 112 -19.11 3.25 6.22
C PHE E 112 -19.97 4.44 5.80
N LEU E 113 -21.28 4.36 6.00
CA LEU E 113 -22.18 5.42 5.55
C LEU E 113 -21.85 6.81 6.11
N PRO E 114 -21.50 6.98 7.39
CA PRO E 114 -21.20 8.34 7.87
C PRO E 114 -20.04 9.02 7.15
N LEU E 115 -19.18 8.27 6.46
CA LEU E 115 -18.06 8.89 5.76
C LEU E 115 -18.51 9.60 4.48
N ILE E 116 -19.35 8.95 3.69
CA ILE E 116 -19.65 9.42 2.33
C ILE E 116 -20.95 10.21 2.29
N THR E 117 -21.42 10.67 3.46
CA THR E 117 -22.67 11.42 3.55
C THR E 117 -22.69 12.60 2.59
N VAL E 118 -21.53 13.22 2.39
CA VAL E 118 -21.31 14.18 1.32
C VAL E 118 -19.99 13.84 0.67
N ASN E 119 -19.92 13.99 -0.65
CA ASN E 119 -18.69 13.64 -1.35
C ASN E 119 -18.69 14.20 -2.76
N CYS E 120 -17.48 14.51 -3.25
CA CYS E 120 -17.34 14.99 -4.62
C CYS E 120 -17.80 13.92 -5.61
N ALA E 121 -17.46 12.66 -5.36
CA ALA E 121 -17.76 11.62 -6.34
C ALA E 121 -19.25 11.40 -6.53
N ILE E 122 -20.07 11.85 -5.58
CA ILE E 122 -21.51 11.70 -5.69
C ILE E 122 -22.16 13.00 -6.17
N PHE E 123 -21.72 14.13 -5.62
CA PHE E 123 -22.24 15.41 -6.08
C PHE E 123 -21.94 15.63 -7.55
N GLY E 124 -20.74 15.29 -8.00
CA GLY E 124 -20.41 15.42 -9.40
C GLY E 124 -21.28 14.53 -10.28
N GLY E 125 -21.56 13.33 -9.82
CA GLY E 125 -22.45 12.45 -10.58
C GLY E 125 -23.84 13.06 -10.72
N VAL E 126 -24.37 13.62 -9.64
CA VAL E 126 -25.67 14.27 -9.71
C VAL E 126 -25.65 15.44 -10.68
N SER E 127 -24.60 16.26 -10.60
CA SER E 127 -24.49 17.42 -11.48
C SER E 127 -24.38 17.01 -12.94
N PHE E 128 -23.61 15.95 -13.22
CA PHE E 128 -23.48 15.50 -14.60
C PHE E 128 -24.80 14.94 -15.13
N MET E 129 -25.53 14.21 -14.29
CA MET E 129 -26.86 13.76 -14.67
C MET E 129 -27.74 14.95 -15.06
N VAL E 130 -27.82 15.96 -14.19
CA VAL E 130 -28.70 17.09 -14.46
C VAL E 130 -28.20 17.89 -15.67
N GLN E 131 -26.90 17.86 -15.92
CA GLN E 131 -26.36 18.62 -17.05
C GLN E 131 -26.67 17.94 -18.37
N ARG E 132 -26.52 16.62 -18.44
CA ARG E 132 -26.78 15.89 -19.67
C ARG E 132 -28.26 15.59 -19.88
N ASP E 133 -29.10 15.82 -18.88
CA ASP E 133 -30.56 15.76 -19.02
C ASP E 133 -30.99 14.37 -19.50
N TYR E 134 -30.80 13.42 -18.60
CA TYR E 134 -31.21 12.04 -18.84
C TYR E 134 -32.66 11.84 -18.44
N SER E 135 -33.28 10.82 -19.05
CA SER E 135 -34.57 10.34 -18.60
C SER E 135 -34.37 9.29 -17.49
N PHE E 136 -35.46 8.96 -16.80
CA PHE E 136 -35.37 8.15 -15.58
C PHE E 136 -34.76 6.77 -15.86
N ALA E 137 -35.23 6.12 -16.93
CA ALA E 137 -34.85 4.74 -17.19
C ALA E 137 -33.36 4.61 -17.50
N GLU E 138 -32.77 5.64 -18.10
CA GLU E 138 -31.34 5.64 -18.33
C GLU E 138 -30.57 6.24 -17.17
N SER E 139 -31.21 7.10 -16.38
CA SER E 139 -30.53 7.70 -15.23
C SER E 139 -30.22 6.66 -14.17
N VAL E 140 -31.16 5.74 -13.93
CA VAL E 140 -30.90 4.68 -12.95
C VAL E 140 -29.71 3.84 -13.39
N VAL E 141 -29.65 3.51 -14.68
CA VAL E 141 -28.54 2.70 -15.19
C VAL E 141 -27.23 3.47 -15.07
N TYR E 142 -27.25 4.78 -15.37
CA TYR E 142 -26.03 5.56 -15.25
C TYR E 142 -25.55 5.56 -13.81
N GLY E 143 -26.47 5.73 -12.86
CA GLY E 143 -26.07 5.72 -11.46
C GLY E 143 -25.44 4.41 -11.05
N PHE E 144 -26.06 3.30 -11.46
CA PHE E 144 -25.50 1.99 -11.12
C PHE E 144 -24.11 1.82 -11.74
N GLY E 145 -23.97 2.23 -13.00
CA GLY E 145 -22.67 2.11 -13.66
C GLY E 145 -21.60 2.94 -12.98
N SER E 146 -21.94 4.17 -12.60
CA SER E 146 -20.98 5.02 -11.90
C SER E 146 -20.55 4.38 -10.59
N GLY E 147 -21.51 3.88 -9.83
CA GLY E 147 -21.18 3.25 -8.56
C GLY E 147 -20.26 2.06 -8.74
N VAL E 148 -20.59 1.17 -9.69
CA VAL E 148 -19.80 -0.04 -9.84
C VAL E 148 -18.41 0.29 -10.35
N GLY E 149 -18.30 1.28 -11.23
CA GLY E 149 -16.98 1.70 -11.68
C GLY E 149 -16.13 2.27 -10.56
N TRP E 150 -16.74 3.06 -9.68
CA TRP E 150 -16.00 3.59 -8.54
C TRP E 150 -15.53 2.47 -7.63
N MET E 151 -16.40 1.49 -7.38
CA MET E 151 -16.02 0.35 -6.56
C MET E 151 -14.86 -0.41 -7.18
N LEU E 152 -14.91 -0.61 -8.50
CA LEU E 152 -13.83 -1.29 -9.19
C LEU E 152 -12.51 -0.54 -9.03
N ALA E 153 -12.54 0.78 -9.22
CA ALA E 153 -11.32 1.56 -9.13
C ALA E 153 -10.72 1.50 -7.73
N ILE E 154 -11.57 1.66 -6.71
CA ILE E 154 -11.04 1.68 -5.34
C ILE E 154 -10.53 0.30 -4.94
N VAL E 155 -11.19 -0.77 -5.39
CA VAL E 155 -10.72 -2.11 -5.07
C VAL E 155 -9.37 -2.38 -5.74
N ALA E 156 -9.22 -1.94 -6.99
CA ALA E 156 -7.93 -2.11 -7.66
C ALA E 156 -6.83 -1.34 -6.96
N LEU E 157 -7.12 -0.11 -6.51
CA LEU E 157 -6.10 0.64 -5.77
C LEU E 157 -5.76 -0.04 -4.46
N ALA E 158 -6.76 -0.60 -3.78
CA ALA E 158 -6.47 -1.33 -2.55
C ALA E 158 -5.57 -2.53 -2.82
N GLY E 159 -5.83 -3.24 -3.92
CA GLY E 159 -4.97 -4.36 -4.28
C GLY E 159 -3.53 -3.92 -4.54
N ILE E 160 -3.37 -2.80 -5.25
CA ILE E 160 -2.02 -2.29 -5.52
C ILE E 160 -1.31 -1.96 -4.23
N ARG E 161 -1.98 -1.22 -3.33
CA ARG E 161 -1.33 -0.84 -2.09
C ARG E 161 -1.11 -2.01 -1.14
N GLU E 162 -1.86 -3.11 -1.33
CA GLU E 162 -1.55 -4.34 -0.60
C GLU E 162 -0.29 -5.00 -1.15
N LYS E 163 -0.19 -5.09 -2.48
CA LYS E 163 0.98 -5.70 -3.09
C LYS E 163 2.23 -4.90 -2.77
N MET E 164 2.10 -3.58 -2.61
CA MET E 164 3.27 -2.75 -2.35
C MET E 164 3.80 -2.88 -0.93
N LYS E 165 3.37 -3.88 -0.16
CA LYS E 165 3.90 -4.05 1.18
C LYS E 165 5.36 -4.48 1.17
N TYR E 166 5.89 -4.88 0.02
CA TYR E 166 7.29 -5.27 -0.12
C TYR E 166 8.14 -4.09 -0.59
N SER E 167 7.57 -2.89 -0.68
CA SER E 167 8.27 -1.76 -1.26
C SER E 167 9.33 -1.23 -0.29
N ASP E 168 10.13 -0.29 -0.78
CA ASP E 168 11.18 0.37 -0.01
C ASP E 168 11.11 1.87 -0.27
N VAL E 169 9.91 2.43 -0.12
CA VAL E 169 9.65 3.84 -0.44
C VAL E 169 10.60 4.72 0.37
N PRO E 170 11.16 5.79 -0.21
CA PRO E 170 12.05 6.64 0.56
C PRO E 170 11.31 7.30 1.71
N PRO E 171 12.03 7.63 2.79
CA PRO E 171 11.33 8.05 4.03
C PRO E 171 10.46 9.28 3.85
N GLY E 172 10.88 10.23 3.01
CA GLY E 172 10.08 11.43 2.82
C GLY E 172 8.73 11.13 2.19
N LEU E 173 8.72 10.30 1.16
CA LEU E 173 7.50 10.01 0.42
C LEU E 173 6.64 8.95 1.09
N ARG E 174 7.10 8.36 2.19
CA ARG E 174 6.42 7.21 2.78
C ARG E 174 4.95 7.50 3.00
N GLY E 175 4.09 6.74 2.33
CA GLY E 175 2.66 6.92 2.49
C GLY E 175 2.01 7.81 1.46
N LEU E 176 1.82 9.09 1.81
CA LEU E 176 0.95 9.96 1.03
C LEU E 176 1.51 10.21 -0.37
N GLY E 177 2.79 10.53 -0.46
CA GLY E 177 3.38 10.81 -1.77
C GLY E 177 3.35 9.61 -2.69
N ILE E 178 3.68 8.43 -2.16
CA ILE E 178 3.66 7.23 -2.97
C ILE E 178 2.24 6.88 -3.37
N THR E 179 1.26 7.18 -2.52
CA THR E 179 -0.13 6.97 -2.91
C THR E 179 -0.51 7.87 -4.08
N PHE E 180 -0.09 9.13 -4.04
CA PHE E 180 -0.39 10.03 -5.15
C PHE E 180 0.27 9.56 -6.44
N ILE E 181 1.53 9.14 -6.36
CA ILE E 181 2.22 8.67 -7.56
C ILE E 181 1.55 7.41 -8.11
N THR E 182 1.14 6.51 -7.22
CA THR E 182 0.43 5.30 -7.67
C THR E 182 -0.87 5.67 -8.38
N ALA E 183 -1.63 6.62 -7.83
CA ALA E 183 -2.87 7.02 -8.47
C ALA E 183 -2.61 7.67 -9.83
N GLY E 184 -1.54 8.46 -9.93
CA GLY E 184 -1.20 9.05 -11.22
C GLY E 184 -0.85 8.00 -12.26
N LEU E 185 -0.05 7.01 -11.88
CA LEU E 185 0.25 5.92 -12.80
C LEU E 185 -1.01 5.15 -13.16
N MET E 186 -1.95 5.05 -12.21
CA MET E 186 -3.23 4.41 -12.50
C MET E 186 -4.00 5.18 -13.57
N ALA E 187 -3.98 6.51 -13.49
CA ALA E 187 -4.59 7.32 -14.54
C ALA E 187 -3.91 7.08 -15.88
N LEU E 188 -2.57 7.03 -15.86
CA LEU E 188 -1.82 6.76 -17.09
C LEU E 188 -2.22 5.43 -17.71
N GLY E 189 -2.47 4.43 -16.87
CA GLY E 189 -2.98 3.17 -17.38
C GLY E 189 -4.39 3.28 -17.93
N PHE E 190 -5.26 4.00 -17.22
CA PHE E 190 -6.67 4.07 -17.61
C PHE E 190 -6.93 5.03 -18.75
N MET E 191 -5.92 5.73 -19.25
CA MET E 191 -6.14 6.57 -20.44
C MET E 191 -6.40 5.77 -21.71
N SER E 192 -6.51 4.43 -21.62
CA SER E 192 -6.64 3.61 -22.82
C SER E 192 -7.93 3.92 -23.58
N PHE E 193 -9.03 4.08 -22.87
CA PHE E 193 -10.35 4.21 -23.50
C PHE E 193 -10.74 5.67 -23.73
N SER E 194 -9.78 6.55 -24.01
CA SER E 194 -10.08 7.97 -24.11
C SER E 194 -10.97 8.27 -25.31
N GLY E 195 -10.83 7.49 -26.39
CA GLY E 195 -11.47 7.87 -27.63
C GLY E 195 -12.59 6.99 -28.14
N VAL E 196 -12.84 5.86 -27.47
CA VAL E 196 -13.83 4.92 -27.98
C VAL E 196 -15.22 5.53 -27.94
N GLN E 197 -16.07 5.10 -28.86
CA GLN E 197 -17.44 5.57 -28.94
C GLN E 197 -18.38 4.50 -28.39
N LEU E 198 -19.39 4.93 -27.64
CA LEU E 198 -20.39 4.02 -27.09
C LEU E 198 -21.64 4.79 -26.66
N MET F 1 -39.24 40.11 -10.25
CA MET F 1 -39.56 40.53 -8.89
C MET F 1 -40.50 39.53 -8.22
N SER F 2 -41.45 39.01 -8.98
CA SER F 2 -42.43 38.08 -8.42
C SER F 2 -41.79 36.75 -8.04
N THR F 3 -40.78 36.32 -8.81
CA THR F 3 -40.20 35.00 -8.58
C THR F 3 -39.34 34.94 -7.32
N ILE F 4 -38.98 36.08 -6.74
CA ILE F 4 -38.11 36.06 -5.57
C ILE F 4 -38.81 35.39 -4.40
N ILE F 5 -40.04 35.83 -4.10
CA ILE F 5 -40.79 35.24 -3.00
C ILE F 5 -41.15 33.79 -3.32
N PHE F 6 -41.40 33.49 -4.59
CA PHE F 6 -41.68 32.11 -4.98
C PHE F 6 -40.50 31.20 -4.69
N GLY F 7 -39.29 31.65 -5.04
CA GLY F 7 -38.11 30.88 -4.70
C GLY F 7 -37.93 30.75 -3.20
N VAL F 8 -38.22 31.82 -2.46
CA VAL F 8 -38.09 31.78 -1.00
C VAL F 8 -39.00 30.70 -0.42
N VAL F 9 -40.28 30.70 -0.83
CA VAL F 9 -41.21 29.75 -0.24
C VAL F 9 -40.87 28.32 -0.67
N MET F 10 -40.45 28.14 -1.91
CA MET F 10 -40.08 26.79 -2.36
C MET F 10 -38.86 26.28 -1.61
N PHE F 11 -37.86 27.14 -1.41
CA PHE F 11 -36.68 26.77 -0.64
C PHE F 11 -37.07 26.36 0.78
N THR F 12 -37.87 27.19 1.44
CA THR F 12 -38.28 26.88 2.80
C THR F 12 -39.07 25.57 2.87
N LEU F 13 -39.96 25.37 1.90
CA LEU F 13 -40.79 24.16 1.90
C LEU F 13 -39.94 22.91 1.70
N ILE F 14 -38.98 22.95 0.77
CA ILE F 14 -38.18 21.76 0.51
C ILE F 14 -37.29 21.45 1.70
N ILE F 15 -36.70 22.47 2.32
CA ILE F 15 -35.88 22.22 3.50
C ILE F 15 -36.73 21.67 4.64
N LEU F 16 -37.93 22.23 4.83
CA LEU F 16 -38.81 21.75 5.89
C LEU F 16 -39.24 20.32 5.66
N ALA F 17 -39.53 19.97 4.40
CA ALA F 17 -39.90 18.59 4.09
C ALA F 17 -38.75 17.64 4.37
N LEU F 18 -37.54 18.03 4.01
CA LEU F 18 -36.38 17.18 4.30
C LEU F 18 -36.23 16.96 5.80
N VAL F 19 -36.29 18.04 6.58
CA VAL F 19 -36.11 17.91 8.03
C VAL F 19 -37.26 17.11 8.64
N LEU F 20 -38.47 17.32 8.13
CA LEU F 20 -39.63 16.59 8.62
C LEU F 20 -39.48 15.09 8.39
N VAL F 21 -38.99 14.72 7.20
CA VAL F 21 -38.79 13.30 6.92
C VAL F 21 -37.69 12.74 7.81
N ILE F 22 -36.61 13.50 8.01
CA ILE F 22 -35.53 13.03 8.87
C ILE F 22 -36.04 12.77 10.28
N LEU F 23 -36.83 13.71 10.82
CA LEU F 23 -37.32 13.55 12.18
C LEU F 23 -38.41 12.49 12.28
N PHE F 24 -39.21 12.31 11.23
CA PHE F 24 -40.19 11.23 11.20
C PHE F 24 -39.51 9.87 11.24
N ALA F 25 -38.39 9.72 10.53
CA ALA F 25 -37.58 8.52 10.68
C ALA F 25 -36.95 8.42 12.07
N LYS F 26 -36.47 9.53 12.62
CA LYS F 26 -35.76 9.48 13.89
C LYS F 26 -36.68 9.07 15.04
N SER F 27 -37.87 9.66 15.11
CA SER F 27 -38.77 9.46 16.23
C SER F 27 -39.51 8.13 16.19
N LYS F 28 -39.24 7.29 15.20
CA LYS F 28 -39.89 5.99 15.11
C LYS F 28 -38.94 4.80 15.06
N LEU F 29 -37.64 5.02 14.90
CA LEU F 29 -36.68 3.93 14.76
C LEU F 29 -35.68 3.86 15.90
N VAL F 30 -35.10 4.99 16.31
CA VAL F 30 -34.04 4.97 17.32
C VAL F 30 -34.58 4.34 18.61
N PRO F 31 -33.88 3.37 19.21
CA PRO F 31 -34.44 2.70 20.39
C PRO F 31 -34.72 3.63 21.55
N THR F 32 -33.71 4.39 21.99
CA THR F 32 -33.82 5.31 23.12
C THR F 32 -34.34 4.63 24.38
N GLY F 33 -34.16 3.32 24.50
CA GLY F 33 -34.63 2.60 25.66
C GLY F 33 -33.62 2.60 26.80
N ASP F 34 -34.06 2.06 27.93
CA ASP F 34 -33.18 1.96 29.09
C ASP F 34 -32.12 0.90 28.85
N ILE F 35 -30.87 1.24 29.17
CA ILE F 35 -29.75 0.32 29.07
C ILE F 35 -29.23 0.07 30.49
N THR F 36 -28.99 -1.20 30.81
CA THR F 36 -28.57 -1.62 32.14
C THR F 36 -27.16 -2.18 32.06
N ILE F 37 -26.28 -1.66 32.93
CA ILE F 37 -24.90 -2.10 33.01
C ILE F 37 -24.69 -2.78 34.35
N SER F 38 -24.24 -4.04 34.31
CA SER F 38 -24.00 -4.82 35.52
C SER F 38 -22.55 -4.63 35.94
N ILE F 39 -22.35 -4.06 37.14
CA ILE F 39 -21.00 -3.81 37.62
C ILE F 39 -20.24 -5.10 37.86
N ASN F 40 -20.94 -6.22 38.05
CA ASN F 40 -20.31 -7.51 38.24
C ASN F 40 -21.22 -8.58 37.66
N GLY F 41 -20.72 -9.82 37.65
CA GLY F 41 -21.53 -10.94 37.20
C GLY F 41 -22.67 -11.21 38.14
N ASP F 42 -23.91 -10.94 37.70
CA ASP F 42 -25.09 -10.99 38.55
C ASP F 42 -24.86 -10.16 39.80
N PRO F 43 -24.82 -8.84 39.68
CA PRO F 43 -24.38 -7.99 40.80
C PRO F 43 -25.53 -7.64 41.72
N GLU F 44 -25.15 -7.06 42.87
CA GLU F 44 -26.15 -6.56 43.82
C GLU F 44 -26.84 -5.32 43.28
N LYS F 45 -26.11 -4.47 42.56
CA LYS F 45 -26.66 -3.22 42.04
C LYS F 45 -26.24 -3.06 40.58
N ALA F 46 -27.03 -2.28 39.84
CA ALA F 46 -26.79 -2.04 38.43
C ALA F 46 -26.92 -0.55 38.13
N ILE F 47 -26.51 -0.16 36.93
CA ILE F 47 -26.56 1.22 36.49
C ILE F 47 -27.45 1.33 35.26
N VAL F 48 -28.26 2.38 35.22
CA VAL F 48 -29.15 2.67 34.11
C VAL F 48 -28.82 4.05 33.56
N THR F 49 -28.52 4.12 32.27
CA THR F 49 -28.17 5.38 31.61
C THR F 49 -28.87 5.43 30.26
N GLN F 50 -28.54 6.46 29.49
CA GLN F 50 -29.02 6.64 28.12
C GLN F 50 -27.90 6.31 27.13
N PRO F 51 -28.25 5.84 25.93
CA PRO F 51 -27.22 5.45 24.97
C PRO F 51 -26.44 6.64 24.45
N GLY F 52 -25.21 6.37 24.02
CA GLY F 52 -24.36 7.36 23.42
C GLY F 52 -23.23 7.87 24.30
N GLY F 53 -23.27 7.60 25.61
CA GLY F 53 -22.25 8.07 26.50
C GLY F 53 -21.06 7.12 26.60
N LYS F 54 -19.94 7.67 27.07
CA LYS F 54 -18.76 6.84 27.31
C LYS F 54 -18.99 5.95 28.53
N LEU F 55 -18.54 4.70 28.42
CA LEU F 55 -18.79 3.74 29.50
C LEU F 55 -18.12 4.17 30.79
N LEU F 56 -16.86 4.59 30.72
CA LEU F 56 -16.13 4.93 31.94
C LEU F 56 -16.71 6.18 32.59
N THR F 57 -17.03 7.20 31.79
CA THR F 57 -17.61 8.43 32.33
C THR F 57 -19.00 8.20 32.90
N ALA F 58 -19.79 7.32 32.27
CA ALA F 58 -21.10 6.98 32.81
C ALA F 58 -20.98 6.23 34.12
N LEU F 59 -20.06 5.27 34.20
CA LEU F 59 -19.90 4.50 35.43
C LEU F 59 -19.32 5.35 36.56
N ALA F 60 -18.42 6.28 36.25
CA ALA F 60 -17.83 7.11 37.29
C ALA F 60 -18.86 8.01 37.95
N GLY F 61 -19.97 8.29 37.28
CA GLY F 61 -21.04 9.05 37.89
C GLY F 61 -21.75 8.30 39.00
N ALA F 62 -21.69 6.97 38.98
CA ALA F 62 -22.26 6.16 40.04
C ALA F 62 -21.21 5.53 40.95
N GLY F 63 -19.94 5.58 40.58
CA GLY F 63 -18.88 5.05 41.41
C GLY F 63 -17.92 4.13 40.67
N VAL F 64 -17.23 3.27 41.43
CA VAL F 64 -16.29 2.27 40.94
C VAL F 64 -15.45 2.81 39.78
N PHE F 65 -14.91 4.01 39.96
CA PHE F 65 -14.04 4.59 38.96
C PHE F 65 -12.77 3.76 38.81
N VAL F 66 -12.16 3.85 37.63
CA VAL F 66 -11.05 3.00 37.28
C VAL F 66 -9.74 3.76 37.50
N SER F 67 -8.62 3.03 37.47
CA SER F 67 -7.27 3.54 37.71
C SER F 67 -6.72 4.35 36.54
N SER F 68 -7.53 4.74 35.56
CA SER F 68 -7.03 5.55 34.45
C SER F 68 -6.49 6.87 34.96
N ALA F 69 -5.31 7.25 34.46
CA ALA F 69 -4.61 8.44 34.92
C ALA F 69 -4.86 9.66 34.05
N CYS F 70 -5.68 9.54 33.00
CA CYS F 70 -6.00 10.67 32.14
C CYS F 70 -7.46 11.07 32.22
N GLY F 71 -8.26 10.37 33.01
CA GLY F 71 -9.65 10.76 33.21
C GLY F 71 -10.51 10.70 31.96
N GLY F 72 -10.41 9.61 31.19
CA GLY F 72 -11.23 9.45 30.01
C GLY F 72 -10.61 9.97 28.72
N GLY F 73 -9.42 10.57 28.79
CA GLY F 73 -8.78 11.09 27.60
C GLY F 73 -8.04 10.08 26.76
N GLY F 74 -7.92 8.84 27.24
CA GLY F 74 -7.23 7.81 26.48
C GLY F 74 -5.71 7.94 26.46
N SER F 75 -5.16 8.78 27.33
CA SER F 75 -3.71 9.02 27.32
C SER F 75 -2.97 8.00 28.19
N CYS F 76 -3.60 7.57 29.29
CA CYS F 76 -2.95 6.64 30.20
C CYS F 76 -2.70 5.27 29.56
N GLY F 77 -3.62 4.80 28.74
CA GLY F 77 -3.44 3.50 28.11
C GLY F 77 -3.66 2.32 29.03
N GLN F 78 -4.21 2.54 30.22
CA GLN F 78 -4.37 1.47 31.20
C GLN F 78 -5.73 1.54 31.89
N CYS F 79 -6.77 1.95 31.16
CA CYS F 79 -8.12 1.90 31.71
C CYS F 79 -8.74 0.53 31.41
N ARG F 80 -8.00 -0.53 31.77
CA ARG F 80 -8.41 -1.87 31.38
C ARG F 80 -9.61 -2.33 32.18
N VAL F 81 -10.63 -2.83 31.48
CA VAL F 81 -11.81 -3.43 32.09
C VAL F 81 -12.14 -4.70 31.32
N LYS F 82 -13.03 -5.52 31.88
CA LYS F 82 -13.43 -6.78 31.27
C LYS F 82 -14.95 -6.79 31.13
N ILE F 83 -15.44 -7.06 29.92
CA ILE F 83 -16.86 -7.20 29.65
C ILE F 83 -17.06 -8.45 28.80
N LYS F 84 -17.99 -9.31 29.21
CA LYS F 84 -18.25 -10.55 28.50
C LYS F 84 -19.53 -10.51 27.68
N SER F 85 -20.20 -9.36 27.61
CA SER F 85 -21.45 -9.24 26.86
C SER F 85 -21.53 -7.84 26.29
N GLY F 86 -22.63 -7.55 25.62
CA GLY F 86 -22.85 -6.25 25.01
C GLY F 86 -22.28 -6.10 23.62
N GLY F 87 -20.98 -6.32 23.46
CA GLY F 87 -20.37 -6.22 22.15
C GLY F 87 -18.95 -6.74 22.11
N GLY F 88 -18.66 -7.60 21.13
CA GLY F 88 -17.31 -8.10 20.92
C GLY F 88 -16.61 -7.32 19.84
N ASP F 89 -17.16 -6.16 19.49
CA ASP F 89 -16.62 -5.31 18.43
C ASP F 89 -15.41 -4.55 18.97
N ILE F 90 -14.27 -5.23 18.96
CA ILE F 90 -13.02 -4.59 19.38
C ILE F 90 -12.69 -3.49 18.38
N LEU F 91 -12.30 -2.34 18.91
CA LEU F 91 -12.07 -1.21 18.02
C LEU F 91 -10.58 -1.10 17.67
N PRO F 92 -10.26 -0.62 16.47
CA PRO F 92 -8.85 -0.46 16.09
C PRO F 92 -8.06 0.43 17.02
N THR F 93 -8.71 1.43 17.62
CA THR F 93 -8.04 2.27 18.61
C THR F 93 -7.69 1.53 19.89
N GLU F 94 -8.44 0.47 20.22
CA GLU F 94 -8.12 -0.33 21.40
C GLU F 94 -6.90 -1.22 21.18
N LEU F 95 -6.59 -1.52 19.92
CA LEU F 95 -5.44 -2.38 19.62
C LEU F 95 -4.12 -1.70 19.97
N ASP F 96 -4.13 -0.39 20.26
CA ASP F 96 -2.92 0.29 20.67
C ASP F 96 -2.33 -0.31 21.93
N HIS F 97 -3.19 -0.70 22.88
CA HIS F 97 -2.73 -1.31 24.12
C HIS F 97 -3.43 -2.63 24.44
N ILE F 98 -4.21 -3.19 23.53
CA ILE F 98 -4.80 -4.51 23.70
C ILE F 98 -4.15 -5.46 22.71
N SER F 99 -4.07 -6.73 23.06
CA SER F 99 -3.42 -7.72 22.20
C SER F 99 -4.42 -8.77 21.73
N LYS F 100 -4.04 -9.47 20.66
CA LYS F 100 -4.91 -10.49 20.07
C LYS F 100 -5.20 -11.62 21.06
N GLY F 101 -4.18 -12.05 21.81
CA GLY F 101 -4.40 -13.13 22.77
C GLY F 101 -5.30 -12.71 23.91
N GLU F 102 -5.11 -11.51 24.44
CA GLU F 102 -5.89 -11.09 25.60
C GLU F 102 -7.30 -10.67 25.22
N ALA F 103 -7.51 -10.25 23.96
CA ALA F 103 -8.81 -9.75 23.57
C ALA F 103 -9.88 -10.84 23.50
N ARG F 104 -9.47 -12.11 23.45
CA ARG F 104 -10.42 -13.20 23.28
C ARG F 104 -11.35 -13.39 24.47
N GLU F 105 -11.00 -12.87 25.65
CA GLU F 105 -11.80 -13.09 26.85
C GLU F 105 -12.48 -11.80 27.29
N GLY F 106 -12.82 -10.94 26.34
CA GLY F 106 -13.67 -9.80 26.62
C GLY F 106 -13.01 -8.64 27.32
N GLU F 107 -11.69 -8.63 27.46
CA GLU F 107 -11.01 -7.47 28.02
C GLU F 107 -11.14 -6.29 27.07
N ARG F 108 -11.23 -5.09 27.62
CA ARG F 108 -11.54 -3.90 26.84
C ARG F 108 -10.86 -2.68 27.45
N LEU F 109 -10.72 -1.64 26.63
CA LEU F 109 -10.29 -0.34 27.08
C LEU F 109 -11.53 0.53 27.26
N ALA F 110 -11.89 0.79 28.52
CA ALA F 110 -13.14 1.48 28.81
C ALA F 110 -13.18 2.86 28.15
N CYS F 111 -12.01 3.47 27.95
CA CYS F 111 -11.96 4.80 27.36
C CYS F 111 -12.46 4.80 25.92
N GLN F 112 -12.39 3.65 25.24
CA GLN F 112 -12.84 3.53 23.86
C GLN F 112 -14.17 2.80 23.70
N VAL F 113 -14.87 2.47 24.80
CA VAL F 113 -16.15 1.77 24.70
C VAL F 113 -17.29 2.80 24.81
N ALA F 114 -18.08 2.89 23.75
CA ALA F 114 -19.28 3.72 23.74
C ALA F 114 -20.50 2.84 23.95
N VAL F 115 -21.32 3.18 24.93
CA VAL F 115 -22.44 2.32 25.33
C VAL F 115 -23.52 2.38 24.27
N LYS F 116 -23.99 1.21 23.85
CA LYS F 116 -25.13 1.11 22.92
C LYS F 116 -26.18 0.11 23.36
N ALA F 117 -25.83 -0.94 24.10
CA ALA F 117 -26.79 -1.95 24.53
C ALA F 117 -26.39 -2.41 25.93
N ASP F 118 -27.13 -3.38 26.44
CA ASP F 118 -26.87 -3.89 27.77
C ASP F 118 -25.59 -4.72 27.79
N MET F 119 -24.77 -4.51 28.82
CA MET F 119 -23.52 -5.24 28.97
C MET F 119 -23.23 -5.41 30.45
N ASP F 120 -22.37 -6.37 30.76
CA ASP F 120 -22.01 -6.72 32.12
C ASP F 120 -20.51 -6.55 32.33
N LEU F 121 -20.15 -6.01 33.49
CA LEU F 121 -18.76 -5.91 33.89
C LEU F 121 -18.38 -7.10 34.76
N GLU F 122 -17.08 -7.38 34.82
CA GLU F 122 -16.53 -8.41 35.71
C GLU F 122 -15.29 -7.87 36.40
N LEU F 123 -15.39 -6.66 36.94
CA LEU F 123 -14.28 -6.04 37.64
C LEU F 123 -13.92 -6.84 38.89
N PRO F 124 -12.64 -6.90 39.24
CA PRO F 124 -12.25 -7.65 40.45
C PRO F 124 -12.81 -7.02 41.72
N GLU F 125 -12.83 -7.82 42.79
CA GLU F 125 -13.51 -7.43 44.02
C GLU F 125 -12.85 -6.21 44.67
N GLU F 126 -11.51 -6.20 44.73
CA GLU F 126 -10.82 -5.17 45.49
C GLU F 126 -11.04 -3.77 44.94
N ILE F 127 -11.43 -3.64 43.67
CA ILE F 127 -11.68 -2.32 43.09
C ILE F 127 -12.89 -1.67 43.75
N PHE F 128 -13.89 -2.49 44.13
CA PHE F 128 -15.12 -1.95 44.72
C PHE F 128 -14.85 -1.16 45.99
N GLY F 129 -13.74 -1.45 46.68
CA GLY F 129 -13.45 -0.81 47.95
C GLY F 129 -12.82 0.55 47.88
N VAL F 130 -12.62 1.10 46.68
CA VAL F 130 -11.98 2.40 46.53
C VAL F 130 -12.85 3.48 47.16
N LYS F 131 -12.23 4.37 47.92
CA LYS F 131 -12.92 5.50 48.54
C LYS F 131 -11.88 6.57 48.86
N LYS F 132 -12.27 7.56 49.66
CA LYS F 132 -11.45 8.74 49.89
C LYS F 132 -11.26 8.98 51.39
N TRP F 133 -10.16 9.68 51.72
CA TRP F 133 -9.87 10.10 53.08
C TRP F 133 -9.20 11.46 53.05
N GLU F 134 -9.17 12.12 54.20
CA GLU F 134 -8.45 13.37 54.37
C GLU F 134 -7.52 13.24 55.57
N CYS F 135 -6.26 13.58 55.37
CA CYS F 135 -5.22 13.36 56.37
C CYS F 135 -4.39 14.63 56.55
N THR F 136 -3.83 14.78 57.75
CA THR F 136 -3.04 15.95 58.12
C THR F 136 -1.56 15.60 58.01
N VAL F 137 -0.78 16.52 57.44
CA VAL F 137 0.67 16.33 57.36
C VAL F 137 1.28 16.60 58.74
N ILE F 138 2.04 15.62 59.24
CA ILE F 138 2.66 15.74 60.55
C ILE F 138 4.17 15.83 60.49
N SER F 139 4.79 15.52 59.35
CA SER F 139 6.23 15.68 59.18
C SER F 139 6.53 15.88 57.71
N ASN F 140 7.31 16.92 57.40
CA ASN F 140 7.70 17.28 56.05
C ASN F 140 9.20 17.58 56.02
N ASP F 141 10.00 16.65 56.54
CA ASP F 141 11.44 16.85 56.63
C ASP F 141 12.06 16.92 55.24
N ASN F 142 13.10 17.75 55.12
CA ASN F 142 13.88 17.85 53.90
C ASN F 142 15.02 16.85 53.98
N LYS F 143 14.78 15.64 53.49
CA LYS F 143 15.77 14.58 53.56
C LYS F 143 16.87 14.70 52.51
N ALA F 144 16.66 15.54 51.50
CA ALA F 144 17.66 15.75 50.44
C ALA F 144 17.34 17.09 49.78
N THR F 145 18.15 17.46 48.79
CA THR F 145 17.96 18.72 48.09
C THR F 145 16.64 18.77 47.33
N PHE F 146 16.15 17.62 46.85
CA PHE F 146 14.97 17.61 45.99
C PHE F 146 13.89 16.64 46.45
N ILE F 147 13.95 16.15 47.69
CA ILE F 147 12.97 15.20 48.20
C ILE F 147 12.49 15.68 49.57
N LYS F 148 11.29 15.27 49.95
CA LYS F 148 10.75 15.52 51.29
C LYS F 148 10.11 14.26 51.84
N GLU F 149 10.29 14.05 53.14
CA GLU F 149 9.68 12.93 53.84
C GLU F 149 8.35 13.42 54.41
N LEU F 150 7.28 13.25 53.63
CA LEU F 150 5.96 13.76 53.99
C LEU F 150 5.19 12.72 54.79
N LYS F 151 4.99 12.99 56.07
CA LYS F 151 4.25 12.11 56.96
C LYS F 151 2.80 12.55 57.04
N LEU F 152 1.89 11.58 57.04
CA LEU F 152 0.45 11.86 57.09
C LEU F 152 -0.18 11.17 58.28
N ALA F 153 -1.17 11.83 58.86
CA ALA F 153 -1.94 11.30 59.99
C ALA F 153 -3.32 10.89 59.49
N ILE F 154 -3.58 9.59 59.48
CA ILE F 154 -4.82 9.06 58.91
C ILE F 154 -5.95 9.23 59.91
N PRO F 155 -7.13 9.67 59.49
CA PRO F 155 -8.24 9.86 60.43
C PRO F 155 -8.65 8.54 61.07
N ASP F 156 -8.90 8.58 62.38
CA ASP F 156 -9.36 7.46 63.18
C ASP F 156 -8.40 6.27 63.15
N GLY F 157 -7.19 6.45 62.64
CA GLY F 157 -6.24 5.35 62.58
C GLY F 157 -6.73 4.15 61.79
N GLU F 158 -7.42 4.40 60.68
CA GLU F 158 -7.95 3.32 59.87
C GLU F 158 -6.84 2.58 59.14
N SER F 159 -6.89 1.25 59.20
CA SER F 159 -5.91 0.40 58.54
C SER F 159 -6.39 0.11 57.12
N VAL F 160 -5.95 0.94 56.18
CA VAL F 160 -6.32 0.79 54.77
C VAL F 160 -5.61 -0.44 54.21
N PRO F 161 -6.34 -1.40 53.63
CA PRO F 161 -5.68 -2.60 53.10
C PRO F 161 -5.01 -2.30 51.77
N PHE F 162 -3.75 -2.70 51.65
CA PHE F 162 -3.00 -2.51 50.41
C PHE F 162 -1.84 -3.49 50.38
N ARG F 163 -1.27 -3.64 49.18
CA ARG F 163 -0.04 -4.40 48.98
C ARG F 163 1.08 -3.43 48.63
N ALA F 164 2.30 -3.79 49.03
CA ALA F 164 3.43 -2.92 48.80
C ALA F 164 3.62 -2.64 47.32
N GLY F 165 3.96 -1.38 47.01
CA GLY F 165 4.09 -0.94 45.64
C GLY F 165 2.85 -0.32 45.06
N GLY F 166 1.72 -0.37 45.75
CA GLY F 166 0.52 0.26 45.28
C GLY F 166 0.61 1.77 45.37
N TYR F 167 -0.37 2.43 44.74
CA TYR F 167 -0.37 3.88 44.66
C TYR F 167 -1.74 4.44 45.03
N ILE F 168 -1.74 5.56 45.74
CA ILE F 168 -2.98 6.24 46.12
C ILE F 168 -3.18 7.46 45.24
N GLN F 169 -4.39 8.00 45.25
CA GLN F 169 -4.76 9.16 44.46
C GLN F 169 -4.91 10.38 45.36
N ILE F 170 -4.31 11.48 44.95
CA ILE F 170 -4.30 12.72 45.71
C ILE F 170 -4.80 13.85 44.81
N GLU F 171 -5.55 14.77 45.41
CA GLU F 171 -6.15 15.89 44.70
C GLU F 171 -5.59 17.20 45.25
N ALA F 172 -5.58 18.22 44.42
CA ALA F 172 -5.14 19.55 44.81
C ALA F 172 -6.01 20.61 44.15
N PRO F 173 -6.26 21.72 44.84
CA PRO F 173 -7.09 22.79 44.25
C PRO F 173 -6.29 23.81 43.46
N ALA F 174 -6.95 24.84 42.97
CA ALA F 174 -6.26 25.95 42.32
C ALA F 174 -5.38 26.68 43.33
N HIS F 175 -4.27 27.24 42.83
CA HIS F 175 -3.25 27.76 43.72
C HIS F 175 -2.40 28.79 43.01
N HIS F 176 -1.67 29.56 43.82
CA HIS F 176 -0.57 30.41 43.36
C HIS F 176 0.49 30.39 44.44
N VAL F 177 1.61 29.71 44.18
CA VAL F 177 2.65 29.50 45.18
C VAL F 177 4.01 29.86 44.61
N LYS F 178 4.78 30.61 45.39
CA LYS F 178 6.16 30.94 45.08
C LYS F 178 7.09 30.06 45.90
N TYR F 179 8.27 29.79 45.36
CA TYR F 179 9.23 28.90 45.99
C TYR F 179 10.08 29.58 47.04
N ALA F 180 9.88 30.88 47.28
CA ALA F 180 10.72 31.61 48.22
C ALA F 180 10.45 31.25 49.67
N ASP F 181 9.35 30.55 49.96
CA ASP F 181 8.96 30.24 51.33
C ASP F 181 8.98 28.75 51.63
N PHE F 182 9.54 27.92 50.74
CA PHE F 182 9.58 26.49 51.00
C PHE F 182 10.59 26.16 52.11
N ASP F 183 10.38 25.00 52.73
CA ASP F 183 11.26 24.53 53.80
C ASP F 183 12.53 23.97 53.18
N VAL F 184 13.59 24.78 53.17
CA VAL F 184 14.89 24.37 52.65
C VAL F 184 15.95 24.67 53.70
N PRO F 185 16.73 23.68 54.14
CA PRO F 185 17.81 23.96 55.09
C PRO F 185 18.89 24.83 54.46
N GLU F 186 19.60 25.56 55.31
CA GLU F 186 20.59 26.52 54.83
C GLU F 186 21.65 25.86 53.95
N LYS F 187 22.05 24.63 54.28
CA LYS F 187 22.99 23.92 53.44
C LYS F 187 22.43 23.68 52.04
N TYR F 188 21.17 23.26 51.96
CA TYR F 188 20.51 23.10 50.68
C TYR F 188 20.01 24.42 50.12
N ARG F 189 19.89 25.45 50.95
CA ARG F 189 19.55 26.78 50.45
C ARG F 189 20.63 27.31 49.52
N GLY F 190 21.90 26.96 49.78
CA GLY F 190 22.94 27.33 48.83
C GLY F 190 22.76 26.68 47.48
N ASP F 191 22.38 25.40 47.47
CA ASP F 191 22.11 24.71 46.21
C ASP F 191 20.91 25.31 45.50
N TRP F 192 19.88 25.71 46.25
CA TRP F 192 18.74 26.38 45.63
C TRP F 192 19.16 27.73 45.05
N ASP F 193 19.99 28.47 45.78
CA ASP F 193 20.50 29.76 45.32
C ASP F 193 21.38 29.59 44.08
N LYS F 194 22.02 28.43 43.93
CA LYS F 194 22.90 28.19 42.79
C LYS F 194 22.21 28.50 41.47
N PHE F 195 20.90 28.23 41.38
CA PHE F 195 20.11 28.62 40.23
C PHE F 195 18.96 29.55 40.60
N ASN F 196 18.93 30.07 41.83
CA ASN F 196 17.90 31.00 42.30
C ASN F 196 16.51 30.37 42.14
N LEU F 197 16.36 29.16 42.67
CA LEU F 197 15.09 28.44 42.54
C LEU F 197 13.97 29.09 43.35
N PHE F 198 14.29 30.02 44.25
CA PHE F 198 13.26 30.68 45.04
C PHE F 198 12.36 31.55 44.17
N ARG F 199 12.90 32.11 43.09
CA ARG F 199 12.18 33.09 42.29
C ARG F 199 10.96 32.51 41.59
N TYR F 200 10.89 31.18 41.46
CA TYR F 200 9.84 30.58 40.64
C TYR F 200 8.48 30.67 41.32
N GLU F 201 7.43 30.76 40.49
CA GLU F 201 6.06 30.76 40.96
C GLU F 201 5.20 30.11 39.89
N SER F 202 3.95 29.83 40.25
CA SER F 202 3.05 29.16 39.32
C SER F 202 1.62 29.57 39.63
N LYS F 203 0.85 29.84 38.58
CA LYS F 203 -0.56 30.21 38.69
C LYS F 203 -1.40 29.11 38.06
N VAL F 204 -2.19 28.42 38.89
CA VAL F 204 -3.04 27.33 38.44
C VAL F 204 -4.47 27.64 38.87
N ASP F 205 -5.41 27.52 37.93
CA ASP F 205 -6.82 27.80 38.20
C ASP F 205 -7.68 26.54 38.14
N GLU F 206 -7.06 25.36 38.15
CA GLU F 206 -7.79 24.12 37.95
C GLU F 206 -7.52 23.15 39.09
N PRO F 207 -8.47 22.26 39.39
CA PRO F 207 -8.16 21.14 40.29
C PRO F 207 -7.37 20.06 39.55
N ILE F 208 -6.49 19.40 40.31
CA ILE F 208 -5.52 18.47 39.74
C ILE F 208 -5.46 17.21 40.58
N ILE F 209 -5.39 16.06 39.91
CA ILE F 209 -5.29 14.76 40.56
C ILE F 209 -4.06 14.04 40.02
N ARG F 210 -3.36 13.35 40.91
CA ARG F 210 -2.19 12.57 40.55
C ARG F 210 -2.18 11.29 41.37
N ALA F 211 -1.12 10.50 41.20
CA ALA F 211 -0.97 9.22 41.89
C ALA F 211 0.34 9.20 42.65
N TYR F 212 0.28 8.71 43.89
CA TYR F 212 1.43 8.61 44.77
C TYR F 212 1.45 7.23 45.42
N SER F 213 2.65 6.69 45.58
CA SER F 213 2.84 5.35 46.14
C SER F 213 3.40 5.43 47.55
N MET F 214 2.77 4.70 48.47
CA MET F 214 3.07 4.82 49.88
C MET F 214 4.40 4.15 50.22
N ALA F 215 5.14 4.78 51.14
CA ALA F 215 6.46 4.29 51.56
C ALA F 215 6.38 3.26 52.66
N ASN F 216 5.46 3.42 53.61
CA ASN F 216 5.35 2.47 54.69
C ASN F 216 4.82 1.13 54.18
N TYR F 217 5.06 0.09 54.96
CA TYR F 217 4.65 -1.26 54.61
C TYR F 217 3.28 -1.58 55.21
N PRO F 218 2.55 -2.53 54.62
CA PRO F 218 1.12 -2.71 55.00
C PRO F 218 0.88 -2.97 56.48
N GLU F 219 1.78 -3.67 57.17
CA GLU F 219 1.59 -3.89 58.60
C GLU F 219 1.65 -2.59 59.39
N GLU F 220 2.26 -1.54 58.81
CA GLU F 220 2.27 -0.22 59.44
C GLU F 220 1.07 0.58 58.92
N PHE F 221 0.14 0.87 59.81
CA PHE F 221 -1.09 1.58 59.46
C PHE F 221 -1.26 2.76 60.40
N GLY F 222 -2.26 3.59 60.10
CA GLY F 222 -2.52 4.80 60.86
C GLY F 222 -1.69 5.98 60.44
N ILE F 223 -0.48 5.71 59.93
CA ILE F 223 0.42 6.74 59.42
C ILE F 223 0.89 6.30 58.04
N ILE F 224 0.68 7.14 57.04
CA ILE F 224 1.12 6.87 55.68
C ILE F 224 2.19 7.88 55.27
N MET F 225 3.22 7.39 54.62
CA MET F 225 4.48 8.10 54.39
C MET F 225 4.72 8.22 52.88
N LEU F 226 4.86 9.45 52.40
CA LEU F 226 5.05 9.68 50.96
C LEU F 226 6.26 10.55 50.68
N ASN F 227 6.98 10.21 49.61
CA ASN F 227 8.13 10.96 49.13
C ASN F 227 7.70 11.81 47.94
N VAL F 228 7.99 13.11 48.00
CA VAL F 228 7.62 14.06 46.96
C VAL F 228 8.88 14.64 46.35
N ARG F 229 8.93 14.70 45.02
CA ARG F 229 10.13 15.13 44.31
C ARG F 229 10.04 16.61 43.93
N ILE F 230 11.19 17.17 43.56
CA ILE F 230 11.25 18.58 43.21
C ILE F 230 10.35 18.86 42.02
N ALA F 231 9.74 20.06 42.03
CA ALA F 231 8.76 20.44 41.03
C ALA F 231 9.26 21.54 40.10
N THR F 232 10.54 21.92 40.20
CA THR F 232 11.04 23.02 39.40
C THR F 232 11.09 22.64 37.92
N PRO F 233 10.80 23.59 37.03
CA PRO F 233 10.98 23.35 35.60
C PRO F 233 12.45 23.32 35.24
N PRO F 234 12.81 22.74 34.10
CA PRO F 234 14.22 22.72 33.69
C PRO F 234 14.76 24.12 33.51
N PRO F 235 15.96 24.40 34.03
CA PRO F 235 16.55 25.73 33.85
C PRO F 235 16.79 26.09 32.39
N ASN F 236 17.04 25.11 31.53
CA ASN F 236 17.25 25.38 30.12
C ASN F 236 15.99 25.89 29.44
N ASN F 237 14.81 25.63 30.03
CA ASN F 237 13.54 26.17 29.53
C ASN F 237 12.83 26.82 30.71
N PRO F 238 13.23 28.04 31.08
CA PRO F 238 12.69 28.67 32.29
C PRO F 238 11.19 28.88 32.25
N ASN F 239 10.61 29.14 31.08
CA ASN F 239 9.20 29.50 30.99
C ASN F 239 8.27 28.28 31.00
N VAL F 240 8.81 27.07 31.03
CA VAL F 240 7.94 25.89 31.13
C VAL F 240 7.24 25.90 32.48
N PRO F 241 5.93 25.67 32.54
CA PRO F 241 5.21 25.71 33.82
C PRO F 241 5.76 24.68 34.80
N PRO F 242 5.87 25.05 36.08
CA PRO F 242 6.39 24.09 37.07
C PRO F 242 5.40 22.98 37.38
N GLY F 243 5.82 22.01 38.18
CA GLY F 243 4.94 20.93 38.59
C GLY F 243 3.86 21.40 39.53
N GLN F 244 2.61 21.33 39.09
CA GLN F 244 1.52 21.94 39.86
C GLN F 244 1.20 21.16 41.12
N MET F 245 0.89 19.86 40.99
CA MET F 245 0.53 19.05 42.13
C MET F 245 1.70 18.91 43.10
N SER F 246 2.91 18.68 42.56
CA SER F 246 4.09 18.57 43.40
C SER F 246 4.38 19.89 44.11
N SER F 247 4.17 21.02 43.43
CA SER F 247 4.33 22.31 44.08
C SER F 247 3.35 22.48 45.23
N TYR F 248 2.10 22.06 45.02
CA TYR F 248 1.11 22.15 46.09
C TYR F 248 1.53 21.33 47.30
N ILE F 249 2.02 20.10 47.06
CA ILE F 249 2.43 19.26 48.17
C ILE F 249 3.67 19.83 48.87
N TRP F 250 4.62 20.36 48.09
CA TRP F 250 5.79 20.98 48.70
C TRP F 250 5.40 22.18 49.56
N SER F 251 4.45 22.99 49.11
CA SER F 251 3.99 24.14 49.85
C SER F 251 3.05 23.79 50.99
N LEU F 252 2.54 22.55 51.02
CA LEU F 252 1.62 22.15 52.07
C LEU F 252 2.32 22.26 53.42
N LYS F 253 1.65 22.88 54.39
CA LYS F 253 2.25 23.20 55.68
C LYS F 253 1.85 22.18 56.74
N ALA F 254 2.63 22.16 57.81
CA ALA F 254 2.39 21.22 58.91
C ALA F 254 1.06 21.51 59.57
N GLY F 255 0.36 20.44 59.97
CA GLY F 255 -0.95 20.57 60.58
C GLY F 255 -2.05 20.66 59.55
N ASP F 256 -1.79 21.38 58.46
CA ASP F 256 -2.77 21.50 57.39
C ASP F 256 -2.95 20.17 56.68
N LYS F 257 -4.18 19.89 56.26
CA LYS F 257 -4.57 18.59 55.75
C LYS F 257 -4.81 18.64 54.25
N CYS F 258 -4.84 17.45 53.64
CA CYS F 258 -5.15 17.30 52.23
C CYS F 258 -5.90 15.99 52.04
N THR F 259 -6.59 15.88 50.91
CA THR F 259 -7.45 14.73 50.64
C THR F 259 -6.66 13.62 49.94
N ILE F 260 -6.84 12.39 50.40
CA ILE F 260 -6.24 11.22 49.77
C ILE F 260 -7.36 10.30 49.29
N SER F 261 -7.03 9.44 48.34
CA SER F 261 -8.04 8.57 47.76
C SER F 261 -7.37 7.48 46.95
N GLY F 262 -8.17 6.50 46.53
CA GLY F 262 -7.80 5.54 45.53
C GLY F 262 -6.51 4.77 45.74
N PRO F 263 -6.46 3.92 46.77
CA PRO F 263 -5.32 3.00 46.90
C PRO F 263 -5.42 1.90 45.86
N PHE F 264 -4.56 1.98 44.84
CA PHE F 264 -4.61 1.07 43.70
C PHE F 264 -3.38 0.18 43.68
N GLY F 265 -3.61 -1.13 43.56
CA GLY F 265 -2.52 -2.08 43.59
C GLY F 265 -1.87 -2.25 42.22
N GLU F 266 -0.55 -2.43 42.24
CA GLU F 266 0.29 -2.61 41.07
C GLU F 266 1.69 -2.89 41.57
N PHE F 267 2.54 -3.45 40.70
CA PHE F 267 3.94 -3.68 41.00
C PHE F 267 4.08 -4.67 42.16
N PHE F 268 3.20 -5.68 42.19
CA PHE F 268 3.20 -6.65 43.28
C PHE F 268 4.48 -7.48 43.27
N ALA F 269 4.96 -7.81 44.46
CA ALA F 269 6.09 -8.73 44.59
C ALA F 269 5.67 -10.14 44.18
N LYS F 270 6.58 -10.83 43.52
CA LYS F 270 6.30 -12.18 43.05
C LYS F 270 6.13 -13.15 44.23
N ASP F 271 5.33 -14.18 44.00
CA ASP F 271 5.04 -15.17 45.03
C ASP F 271 6.25 -16.06 45.33
N THR F 272 7.22 -16.13 44.43
CA THR F 272 8.35 -17.03 44.60
C THR F 272 9.26 -16.53 45.73
N ASP F 273 10.30 -17.31 46.02
CA ASP F 273 11.25 -17.01 47.09
C ASP F 273 12.68 -16.96 46.59
N ALA F 274 12.89 -16.67 45.31
CA ALA F 274 14.23 -16.59 44.76
C ALA F 274 14.93 -15.32 45.24
N GLU F 275 16.24 -15.27 44.99
CA GLU F 275 17.02 -14.09 45.33
C GLU F 275 16.53 -12.90 44.52
N MET F 276 16.56 -11.71 45.12
CA MET F 276 16.07 -10.50 44.49
C MET F 276 17.19 -9.48 44.42
N VAL F 277 17.15 -8.65 43.38
CA VAL F 277 18.06 -7.52 43.23
C VAL F 277 17.21 -6.26 43.16
N PHE F 278 17.46 -5.32 44.07
CA PHE F 278 16.69 -4.09 44.17
C PHE F 278 17.54 -2.92 43.74
N ILE F 279 17.14 -2.28 42.64
CA ILE F 279 17.82 -1.10 42.12
C ILE F 279 16.85 0.06 42.14
N GLY F 280 17.26 1.17 42.76
CA GLY F 280 16.39 2.31 42.90
C GLY F 280 17.07 3.58 42.41
N GLY F 281 16.25 4.55 42.05
CA GLY F 281 16.75 5.83 41.59
C GLY F 281 15.81 6.99 41.88
N GLY F 282 16.32 8.04 42.52
CA GLY F 282 15.48 9.19 42.79
C GLY F 282 14.39 8.87 43.78
N ALA F 283 13.14 9.07 43.35
CA ALA F 283 11.98 8.99 44.23
C ALA F 283 11.46 7.57 44.40
N GLY F 284 12.10 6.57 43.80
CA GLY F 284 11.68 5.20 44.02
C GLY F 284 12.00 4.66 45.39
N MET F 285 12.68 5.47 46.23
CA MET F 285 13.02 5.04 47.57
C MET F 285 11.80 4.59 48.35
N ALA F 286 10.64 5.23 48.14
CA ALA F 286 9.44 4.85 48.88
C ALA F 286 8.97 3.44 48.54
N PRO F 287 8.69 3.09 47.27
CA PRO F 287 8.34 1.70 46.99
C PRO F 287 9.44 0.72 47.33
N MET F 288 10.71 1.11 47.18
CA MET F 288 11.79 0.19 47.53
C MET F 288 11.76 -0.13 49.02
N ARG F 289 11.64 0.89 49.86
CA ARG F 289 11.58 0.66 51.30
C ARG F 289 10.33 -0.13 51.68
N SER F 290 9.21 0.17 51.03
CA SER F 290 7.98 -0.58 51.32
C SER F 290 8.16 -2.05 51.01
N HIS F 291 8.69 -2.37 49.82
CA HIS F 291 8.89 -3.76 49.45
C HIS F 291 9.92 -4.43 50.35
N ILE F 292 10.96 -3.70 50.74
CA ILE F 292 11.96 -4.26 51.64
C ILE F 292 11.32 -4.64 52.97
N PHE F 293 10.49 -3.75 53.50
CA PHE F 293 9.90 -4.00 54.81
C PHE F 293 8.85 -5.09 54.74
N ASP F 294 8.15 -5.21 53.61
CA ASP F 294 6.94 -6.04 53.54
C ASP F 294 7.17 -7.49 53.94
N GLN F 295 7.94 -8.24 53.15
CA GLN F 295 8.08 -9.67 53.43
C GLN F 295 8.90 -9.90 54.69
N LEU F 296 9.85 -9.01 54.97
CA LEU F 296 10.72 -9.20 56.13
C LEU F 296 9.93 -9.04 57.44
N LYS F 297 9.38 -7.86 57.68
CA LYS F 297 8.68 -7.59 58.93
C LYS F 297 7.28 -8.21 58.98
N ARG F 298 6.70 -8.56 57.84
CA ARG F 298 5.35 -9.11 57.82
C ARG F 298 5.31 -10.60 57.52
N LEU F 299 5.90 -11.03 56.41
CA LEU F 299 5.82 -12.43 56.01
C LEU F 299 6.88 -13.30 56.65
N LYS F 300 8.05 -12.74 56.95
CA LYS F 300 9.18 -13.47 57.52
C LYS F 300 9.59 -14.66 56.66
N SER F 301 9.51 -14.53 55.34
CA SER F 301 9.98 -15.57 54.46
C SER F 301 11.50 -15.50 54.34
N LYS F 302 12.14 -16.68 54.37
CA LYS F 302 13.60 -16.77 54.39
C LYS F 302 14.14 -16.60 52.97
N ARG F 303 14.00 -15.38 52.46
CA ARG F 303 14.53 -15.03 51.16
C ARG F 303 15.91 -14.42 51.30
N LYS F 304 16.44 -13.89 50.19
CA LYS F 304 17.72 -13.21 50.17
C LYS F 304 17.68 -12.14 49.10
N MET F 305 18.19 -10.95 49.41
CA MET F 305 18.13 -9.85 48.47
C MET F 305 19.13 -8.79 48.88
N SER F 306 19.32 -7.81 47.98
CA SER F 306 20.14 -6.64 48.24
C SER F 306 19.51 -5.43 47.59
N TYR F 307 19.73 -4.27 48.19
CA TYR F 307 19.21 -3.01 47.68
C TYR F 307 20.40 -2.17 47.26
N TRP F 308 20.43 -1.76 46.00
CA TRP F 308 21.45 -0.88 45.47
C TRP F 308 20.84 0.46 45.10
N TYR F 309 21.42 1.54 45.60
CA TYR F 309 20.94 2.89 45.32
C TYR F 309 22.10 3.77 44.88
N GLY F 310 21.78 4.74 44.02
CA GLY F 310 22.76 5.70 43.56
C GLY F 310 22.35 7.12 43.94
N ALA F 311 23.31 7.90 44.43
CA ALA F 311 23.04 9.25 44.89
C ALA F 311 24.11 10.20 44.37
N ARG F 312 23.72 11.47 44.21
CA ARG F 312 24.67 12.48 43.76
C ARG F 312 25.75 12.72 44.81
N SER F 313 25.38 12.77 46.09
CA SER F 313 26.34 13.04 47.15
C SER F 313 25.80 12.48 48.46
N LYS F 314 26.63 12.53 49.49
CA LYS F 314 26.21 12.07 50.82
C LYS F 314 25.05 12.90 51.35
N ARG F 315 24.91 14.13 50.87
CA ARG F 315 23.79 14.97 51.27
C ARG F 315 22.46 14.36 50.87
N GLU F 316 22.43 13.68 49.73
CA GLU F 316 21.21 13.08 49.21
C GLU F 316 20.93 11.70 49.81
N MET F 317 21.59 11.36 50.91
CA MET F 317 21.47 10.04 51.53
C MET F 317 20.53 10.11 52.72
N PHE F 318 19.65 9.13 52.84
CA PHE F 318 18.73 9.03 53.97
C PHE F 318 18.32 7.58 54.14
N TYR F 319 17.57 7.31 55.21
CA TYR F 319 17.15 5.98 55.63
C TYR F 319 18.33 5.08 55.99
N VAL F 320 19.52 5.66 56.15
CA VAL F 320 20.67 4.87 56.57
C VAL F 320 20.45 4.32 57.98
N GLU F 321 19.78 5.10 58.83
CA GLU F 321 19.49 4.63 60.19
C GLU F 321 18.66 3.35 60.18
N ASP F 322 17.90 3.12 59.12
CA ASP F 322 17.11 1.90 59.00
C ASP F 322 17.89 0.80 58.30
N PHE F 323 18.56 1.12 57.19
CA PHE F 323 19.26 0.08 56.43
C PHE F 323 20.45 -0.48 57.19
N ASP F 324 21.28 0.39 57.78
CA ASP F 324 22.46 -0.08 58.49
C ASP F 324 22.09 -0.90 59.72
N GLY F 325 20.86 -0.72 60.21
CA GLY F 325 20.39 -1.51 61.32
C GLY F 325 19.82 -2.85 60.87
N LEU F 326 19.00 -2.83 59.81
CA LEU F 326 18.39 -4.06 59.33
C LEU F 326 19.43 -5.03 58.79
N ALA F 327 20.45 -4.50 58.11
CA ALA F 327 21.48 -5.36 57.53
C ALA F 327 22.19 -6.18 58.61
N ALA F 328 22.50 -5.55 59.75
CA ALA F 328 23.06 -6.28 60.87
C ALA F 328 22.01 -7.13 61.58
N GLU F 329 20.75 -6.69 61.57
CA GLU F 329 19.69 -7.43 62.24
C GLU F 329 19.48 -8.80 61.63
N ASN F 330 19.44 -8.89 60.30
CA ASN F 330 19.22 -10.18 59.66
C ASN F 330 20.22 -10.36 58.54
N ASP F 331 20.62 -11.61 58.31
CA ASP F 331 21.55 -11.96 57.26
C ASP F 331 20.88 -12.06 55.89
N ASN F 332 19.54 -12.05 55.85
CA ASN F 332 18.82 -12.16 54.58
C ASN F 332 18.87 -10.87 53.78
N PHE F 333 19.31 -9.76 54.35
CA PHE F 333 19.21 -8.46 53.70
C PHE F 333 20.56 -7.76 53.70
N VAL F 334 20.87 -7.14 52.57
CA VAL F 334 22.09 -6.34 52.40
C VAL F 334 21.70 -5.06 51.67
N TRP F 335 22.53 -4.03 51.81
CA TRP F 335 22.29 -2.79 51.10
C TRP F 335 23.62 -2.12 50.79
N HIS F 336 23.65 -1.35 49.71
CA HIS F 336 24.86 -0.71 49.22
C HIS F 336 24.48 0.58 48.51
N CYS F 337 25.48 1.41 48.22
CA CYS F 337 25.24 2.66 47.52
C CYS F 337 26.53 3.11 46.86
N ALA F 338 26.39 4.07 45.94
CA ALA F 338 27.53 4.70 45.29
C ALA F 338 27.24 6.18 45.12
N LEU F 339 28.31 6.98 45.12
CA LEU F 339 28.20 8.44 45.02
C LEU F 339 28.76 8.90 43.69
N SER F 340 28.02 9.79 43.01
CA SER F 340 28.43 10.25 41.70
C SER F 340 29.60 11.22 41.80
N ASP F 341 29.38 12.37 42.44
CA ASP F 341 30.43 13.37 42.67
C ASP F 341 30.38 13.82 44.12
N PRO F 342 30.83 12.98 45.04
CA PRO F 342 30.78 13.35 46.46
C PRO F 342 31.65 14.57 46.76
N GLN F 343 31.19 15.36 47.72
CA GLN F 343 31.94 16.54 48.13
C GLN F 343 33.22 16.12 48.83
N PRO F 344 34.25 16.98 48.82
CA PRO F 344 35.50 16.62 49.51
C PRO F 344 35.32 16.33 51.00
N GLU F 345 34.40 17.03 51.66
CA GLU F 345 34.14 16.79 53.07
C GLU F 345 33.31 15.53 53.31
N ASP F 346 32.77 14.91 52.27
CA ASP F 346 31.95 13.72 52.46
C ASP F 346 32.78 12.56 53.00
N ASN F 347 34.09 12.56 52.76
CA ASN F 347 34.99 11.52 53.27
C ASN F 347 34.50 10.14 52.84
N TRP F 348 34.21 9.99 51.56
CA TRP F 348 33.55 8.78 51.08
C TRP F 348 34.59 7.75 50.70
N THR F 349 34.33 6.49 51.06
CA THR F 349 35.17 5.37 50.65
C THR F 349 34.29 4.25 50.11
N GLY F 350 34.66 3.71 48.96
CA GLY F 350 33.91 2.63 48.35
C GLY F 350 33.44 2.88 46.93
N TYR F 351 32.21 2.48 46.65
CA TYR F 351 31.68 2.54 45.28
C TYR F 351 31.41 3.99 44.86
N THR F 352 31.78 4.31 43.63
CA THR F 352 31.53 5.64 43.05
C THR F 352 30.89 5.48 41.69
N GLY F 353 30.66 6.61 41.02
CA GLY F 353 30.10 6.57 39.69
C GLY F 353 28.64 6.15 39.67
N PHE F 354 28.21 5.71 38.48
CA PHE F 354 26.84 5.29 38.28
C PHE F 354 26.61 3.88 38.81
N ILE F 355 25.34 3.56 39.03
CA ILE F 355 24.99 2.32 39.73
C ILE F 355 25.23 1.10 38.84
N HIS F 356 25.04 1.24 37.52
CA HIS F 356 25.05 0.06 36.66
C HIS F 356 26.44 -0.57 36.60
N ASN F 357 27.47 0.24 36.43
CA ASN F 357 28.83 -0.29 36.34
C ASN F 357 29.23 -0.98 37.63
N VAL F 358 28.89 -0.36 38.77
CA VAL F 358 29.28 -0.94 40.05
C VAL F 358 28.51 -2.24 40.30
N LEU F 359 27.25 -2.28 39.90
CA LEU F 359 26.48 -3.52 40.00
C LEU F 359 27.14 -4.63 39.21
N TYR F 360 27.48 -4.34 37.94
CA TYR F 360 28.07 -5.38 37.10
C TYR F 360 29.41 -5.84 37.66
N GLU F 361 30.25 -4.90 38.09
CA GLU F 361 31.61 -5.26 38.49
C GLU F 361 31.64 -5.90 39.87
N ASN F 362 30.63 -5.64 40.71
CA ASN F 362 30.70 -6.17 42.06
C ASN F 362 29.90 -7.47 42.21
N TYR F 363 28.70 -7.55 41.64
CA TYR F 363 27.82 -8.67 41.96
C TYR F 363 27.49 -9.53 40.75
N LEU F 364 27.11 -8.93 39.63
CA LEU F 364 26.56 -9.71 38.52
C LEU F 364 27.62 -10.50 37.78
N LYS F 365 28.79 -9.88 37.52
CA LYS F 365 29.78 -10.50 36.65
C LYS F 365 30.34 -11.80 37.23
N ASP F 366 30.29 -11.96 38.55
CA ASP F 366 30.76 -13.18 39.20
C ASP F 366 29.63 -13.92 39.91
N HIS F 367 28.38 -13.66 39.54
CA HIS F 367 27.26 -14.35 40.17
C HIS F 367 27.16 -15.77 39.65
N GLU F 368 26.61 -16.65 40.49
CA GLU F 368 26.52 -18.07 40.14
C GLU F 368 25.48 -18.31 39.04
N ALA F 369 24.31 -17.68 39.18
CA ALA F 369 23.20 -17.90 38.23
C ALA F 369 22.32 -16.65 38.20
N PRO F 370 22.73 -15.64 37.45
CA PRO F 370 21.90 -14.42 37.36
C PRO F 370 20.57 -14.63 36.68
N GLU F 371 20.37 -15.76 35.99
CA GLU F 371 19.14 -15.99 35.26
C GLU F 371 18.03 -16.62 36.10
N ASP F 372 18.25 -16.79 37.40
CA ASP F 372 17.26 -17.40 38.28
C ASP F 372 16.96 -16.47 39.45
N CYS F 373 16.76 -15.18 39.15
CA CYS F 373 16.45 -14.18 40.17
C CYS F 373 15.57 -13.12 39.54
N GLU F 374 15.18 -12.14 40.35
CA GLU F 374 14.26 -11.10 39.93
C GLU F 374 14.91 -9.73 40.08
N TYR F 375 14.47 -8.78 39.26
CA TYR F 375 15.01 -7.43 39.26
C TYR F 375 13.88 -6.42 39.31
N TYR F 376 14.02 -5.43 40.20
CA TYR F 376 13.06 -4.34 40.34
C TYR F 376 13.80 -3.01 40.22
N MET F 377 13.34 -2.17 39.31
CA MET F 377 13.94 -0.85 39.12
C MET F 377 12.83 0.19 39.19
N CYS F 378 13.05 1.24 39.99
CA CYS F 378 12.10 2.33 40.14
C CYS F 378 12.90 3.62 40.16
N GLY F 379 13.10 4.22 38.98
CA GLY F 379 13.94 5.39 38.89
C GLY F 379 13.85 6.13 37.58
N PRO F 380 14.68 7.15 37.42
CA PRO F 380 14.64 8.00 36.22
C PRO F 380 15.12 7.24 35.00
N PRO F 381 14.73 7.68 33.80
CA PRO F 381 15.12 6.96 32.58
C PRO F 381 16.61 6.86 32.36
N MET F 382 17.38 7.89 32.75
CA MET F 382 18.83 7.85 32.52
C MET F 382 19.50 6.73 33.30
N MET F 383 18.87 6.20 34.34
CA MET F 383 19.37 5.01 35.00
C MET F 383 18.63 3.76 34.54
N ASN F 384 17.34 3.91 34.23
CA ASN F 384 16.52 2.77 33.80
C ASN F 384 17.07 2.15 32.51
N ALA F 385 17.40 2.99 31.54
CA ALA F 385 17.91 2.48 30.27
C ALA F 385 19.21 1.70 30.48
N ALA F 386 20.12 2.27 31.27
CA ALA F 386 21.40 1.61 31.53
C ALA F 386 21.19 0.26 32.21
N VAL F 387 20.34 0.22 33.24
CA VAL F 387 20.18 -1.03 33.98
C VAL F 387 19.48 -2.08 33.13
N ILE F 388 18.49 -1.69 32.33
CA ILE F 388 17.80 -2.69 31.51
C ILE F 388 18.74 -3.21 30.42
N ASN F 389 19.57 -2.34 29.84
CA ASN F 389 20.54 -2.81 28.86
C ASN F 389 21.53 -3.77 29.50
N MET F 390 22.01 -3.44 30.70
CA MET F 390 22.91 -4.35 31.41
C MET F 390 22.26 -5.70 31.65
N LEU F 391 20.99 -5.69 32.09
CA LEU F 391 20.33 -6.93 32.43
C LEU F 391 20.07 -7.78 31.19
N LYS F 392 19.65 -7.15 30.09
CA LYS F 392 19.45 -7.91 28.86
C LYS F 392 20.78 -8.45 28.32
N ASN F 393 21.88 -7.73 28.55
CA ASN F 393 23.18 -8.30 28.23
C ASN F 393 23.49 -9.50 29.13
N LEU F 394 23.13 -9.41 30.41
CA LEU F 394 23.37 -10.50 31.35
C LEU F 394 22.53 -11.73 31.03
N GLY F 395 21.38 -11.56 30.40
CA GLY F 395 20.62 -12.70 29.91
C GLY F 395 19.27 -12.94 30.55
N VAL F 396 18.75 -12.00 31.33
CA VAL F 396 17.42 -12.14 31.89
C VAL F 396 16.40 -11.60 30.89
N GLU F 397 15.15 -12.05 31.02
CA GLU F 397 14.12 -11.72 30.06
C GLU F 397 12.98 -10.93 30.69
N GLU F 398 11.90 -10.70 29.93
CA GLU F 398 10.83 -9.84 30.38
C GLU F 398 10.03 -10.41 31.55
N GLU F 399 10.00 -11.73 31.70
CA GLU F 399 9.23 -12.33 32.78
C GLU F 399 9.86 -12.16 34.14
N ASN F 400 11.16 -11.86 34.19
CA ASN F 400 11.83 -11.60 35.46
C ASN F 400 12.06 -10.12 35.72
N ILE F 401 12.12 -9.30 34.68
CA ILE F 401 12.34 -7.87 34.82
C ILE F 401 11.02 -7.19 35.14
N LEU F 402 10.97 -6.49 36.27
CA LEU F 402 9.79 -5.76 36.70
C LEU F 402 10.18 -4.34 37.05
N LEU F 403 9.40 -3.37 36.59
CA LEU F 403 9.74 -1.97 36.78
C LEU F 403 8.52 -1.10 36.57
N ASP F 404 8.66 0.16 36.96
CA ASP F 404 7.68 1.20 36.69
C ASP F 404 8.36 2.54 36.87
N ASP F 405 7.60 3.62 36.67
CA ASP F 405 8.13 4.96 36.84
C ASP F 405 7.15 5.81 37.63
N PHE F 406 7.69 6.83 38.31
CA PHE F 406 6.87 7.76 39.10
C PHE F 406 6.38 8.90 38.21
N GLY F 407 5.49 8.54 37.29
CA GLY F 407 4.85 9.52 36.42
C GLY F 407 5.82 10.33 35.58
N GLY F 408 6.86 9.68 35.06
CA GLY F 408 7.85 10.37 34.25
C GLY F 408 9.27 10.17 34.74
N1 RBF G . 11.84 -4.58 -17.84
C2 RBF G . 11.15 -3.60 -18.47
O2 RBF G . 11.34 -2.42 -18.24
N3 RBF G . 10.20 -3.96 -19.41
C4 RBF G . 9.86 -5.22 -19.78
O4 RBF G . 9.02 -5.46 -20.61
C4A RBF G . 10.63 -6.26 -19.06
N5 RBF G . 10.39 -7.48 -19.34
C5A RBF G . 11.08 -8.44 -18.70
C6 RBF G . 10.80 -9.77 -19.02
C7 RBF G . 11.46 -10.80 -18.42
C7M RBF G . 11.14 -12.22 -18.77
C8 RBF G . 12.44 -10.50 -17.45
C8M RBF G . 13.17 -11.61 -16.77
C9 RBF G . 12.72 -9.19 -17.12
C9A RBF G . 12.06 -8.12 -17.74
N10 RBF G . 12.29 -6.79 -17.45
C10 RBF G . 11.60 -5.83 -18.10
C1' RBF G . 13.30 -6.37 -16.46
C2' RBF G . 12.78 -6.36 -15.01
O2' RBF G . 12.08 -7.53 -14.70
C3' RBF G . 11.91 -5.12 -14.73
O3' RBF G . 12.68 -3.95 -14.71
C4' RBF G . 11.14 -5.24 -13.41
O4' RBF G . 9.98 -4.46 -13.36
C5' RBF G . 12.08 -4.92 -12.28
O5' RBF G . 11.40 -5.10 -11.07
C1B LMT H . 15.58 21.15 -29.25
C2B LMT H . 16.83 20.52 -29.89
C3B LMT H . 17.70 21.58 -30.52
C4B LMT H . 16.88 22.47 -31.46
C5B LMT H . 15.64 22.98 -30.73
C6B LMT H . 14.71 23.81 -31.59
O1B LMT H . 15.97 21.96 -28.18
O2B LMT H . 17.51 19.80 -28.88
O3B LMT H . 18.73 20.91 -31.22
O4' LMT H . 17.71 23.53 -31.87
O5B LMT H . 14.90 21.89 -30.21
O6B LMT H . 15.38 24.96 -32.05
C1' LMT H . 13.53 21.16 -24.91
C2' LMT H . 12.81 21.80 -26.08
C3' LMT H . 13.68 21.75 -27.34
C4' LMT H . 15.11 22.22 -27.07
C5' LMT H . 15.67 21.54 -25.83
C6' LMT H . 17.01 22.10 -25.41
O1' LMT H . 12.79 21.43 -23.79
O2' LMT H . 11.60 21.12 -26.29
O3' LMT H . 13.03 22.57 -28.28
O5' LMT H . 14.79 21.75 -24.75
O6' LMT H . 17.91 22.00 -26.50
C1 LMT H . 13.06 20.65 -22.64
C2 LMT H . 12.62 21.40 -21.40
C3 LMT H . 12.36 20.57 -20.15
C4 LMT H . 11.00 19.88 -20.01
C5 LMT H . 10.63 19.48 -18.59
C6 LMT H . 9.49 18.48 -18.45
C7 LMT H . 9.29 17.92 -17.05
C8 LMT H . 8.38 16.70 -16.92
C9 LMT H . 7.84 16.37 -15.52
C10 LMT H . 6.63 15.46 -15.46
C11 LMT H . 6.03 15.33 -14.06
C12 LMT H . 7.02 14.76 -13.06
N1 FMN I . -5.30 12.93 -34.70
C2 FMN I . -6.42 13.69 -34.93
O2 FMN I . -6.79 13.90 -36.08
N3 FMN I . -7.14 14.21 -33.87
C4 FMN I . -6.72 13.97 -32.58
O4 FMN I . -7.35 14.42 -31.64
C4A FMN I . -5.59 13.21 -32.35
N5 FMN I . -5.19 12.99 -31.05
C5A FMN I . -4.07 12.23 -30.81
C6 FMN I . -3.67 12.01 -29.51
C7 FMN I . -2.54 11.25 -29.24
C7M FMN I . -2.12 11.01 -27.83
C8 FMN I . -1.81 10.72 -30.28
C8M FMN I . -0.58 9.90 -30.01
C9 FMN I . -2.20 10.95 -31.61
C9A FMN I . -3.34 11.70 -31.87
N10 FMN I . -3.74 11.93 -33.17
C10 FMN I . -4.88 12.69 -33.41
C1' FMN I . -2.96 11.37 -34.31
C2' FMN I . -3.69 10.19 -34.94
O2' FMN I . -3.87 9.17 -33.99
C3' FMN I . -2.90 9.66 -36.12
O3' FMN I . -1.53 9.71 -35.80
C4' FMN I . -3.14 10.53 -37.34
O4' FMN I . -4.45 10.28 -37.82
C5' FMN I . -2.15 10.24 -38.47
O5' FMN I . -2.83 9.56 -39.51
P FMN I . -2.14 9.43 -40.97
O1P FMN I . -0.89 8.60 -40.84
O2P FMN I . -3.10 8.75 -41.91
O3P FMN I . -1.80 10.80 -41.49
CA CA J . -24.66 26.32 -36.78
FE1 FES K . -13.19 15.82 -0.98
FE2 FES K . -12.95 15.90 -3.67
S1 FES K . -12.81 14.15 -2.35
S2 FES K . -13.22 17.59 -2.29
FE1 FES L . -8.62 5.02 28.60
FE2 FES L . -6.99 6.82 29.76
S1 FES L . -9.14 6.53 30.12
S2 FES L . -6.43 5.10 28.50
PA FAD M . 4.24 17.32 36.41
O1A FAD M . 3.94 18.66 35.78
O2A FAD M . 3.58 16.08 35.94
O5B FAD M . 5.87 17.19 36.32
C5B FAD M . 6.67 18.16 36.97
C4B FAD M . 7.80 18.59 36.04
O4B FAD M . 7.27 18.66 34.71
C3B FAD M . 8.36 19.97 36.35
O3B FAD M . 9.72 19.99 35.95
C2B FAD M . 7.51 20.85 35.44
O2B FAD M . 8.12 22.08 35.20
C1B FAD M . 7.41 19.95 34.21
N9A FAD M . 6.30 20.26 33.35
C8A FAD M . 5.02 20.61 33.73
N7A FAD M . 4.22 20.83 32.73
C5A FAD M . 5.01 20.62 31.63
C6A FAD M . 4.75 20.70 30.24
N6A FAD M . 3.56 21.03 29.74
N1A FAD M . 5.76 20.42 29.41
C2A FAD M . 6.95 20.09 29.91
N3A FAD M . 7.30 19.99 31.17
C4A FAD M . 6.30 20.27 31.98
N1 FAD M . 5.89 10.82 42.62
C2 FAD M . 6.59 10.85 43.78
O2 FAD M . 7.25 11.81 44.12
N3 FAD M . 6.55 9.74 44.62
C4 FAD M . 5.87 8.58 44.40
O4 FAD M . 5.88 7.64 45.17
C4X FAD M . 5.12 8.58 43.13
N5 FAD M . 4.43 7.53 42.82
C5X FAD M . 3.74 7.52 41.66
C6 FAD M . 3.00 6.37 41.33
C7 FAD M . 2.28 6.30 40.17
C7M FAD M . 1.49 5.08 39.84
C8 FAD M . 2.29 7.41 39.30
C8M FAD M . 1.51 7.37 38.03
C9 FAD M . 3.01 8.55 39.61
C9A FAD M . 3.76 8.63 40.79
N10 FAD M . 4.49 9.73 41.14
C10 FAD M . 5.19 9.75 42.30
C1' FAD M . 4.54 10.91 40.28
C2' FAD M . 3.51 11.98 40.65
O2' FAD M . 2.35 11.75 39.90
C3' FAD M . 4.14 13.37 40.45
O3' FAD M . 3.37 14.28 41.20
C4' FAD M . 4.16 13.80 38.98
O4' FAD M . 5.32 14.59 38.80
C5' FAD M . 2.91 14.58 38.62
O5' FAD M . 2.81 15.69 39.50
P FAD M . 2.63 17.22 38.93
O1P FAD M . 1.43 17.19 38.04
O2P FAD M . 2.80 18.20 40.04
O3P FAD M . 4.01 17.40 38.02
#